data_8VCV
#
_entry.id   8VCV
#
_cell.length_a   1.00
_cell.length_b   1.00
_cell.length_c   1.00
_cell.angle_alpha   90.00
_cell.angle_beta   90.00
_cell.angle_gamma   90.00
#
_symmetry.space_group_name_H-M   'P 1'
#
loop_
_entity.id
_entity.type
_entity.pdbx_description
1 polymer 'Glycoprotein G1'
2 polymer 'Rabbit polyclonal Fv heavy chain'
3 polymer 'Rabbit polyclonal Fv light chain'
4 polymer 'Glycoprotein G2'
5 branched beta-D-mannopyranose-(1-4)-2-acetamido-2-deoxy-beta-D-glucopyranose-(1-4)-[alpha-L-fucopyranose-(1-6)]2-acetamido-2-deoxy-beta-D-glucopyranose
6 branched 2-acetamido-2-deoxy-beta-D-glucopyranose-(1-4)-2-acetamido-2-deoxy-beta-D-glucopyranose
7 branched beta-D-mannopyranose-(1-4)-2-acetamido-2-deoxy-beta-D-glucopyranose-(1-4)-2-acetamido-2-deoxy-beta-D-glucopyranose
8 branched 2-acetamido-2-deoxy-beta-D-glucopyranose-(1-4)-[alpha-L-fucopyranose-(1-6)]2-acetamido-2-deoxy-beta-D-glucopyranose
9 branched alpha-D-mannopyranose-(1-2)-alpha-D-mannopyranose-(1-3)-beta-D-mannopyranose-(1-4)-2-acetamido-2-deoxy-beta-D-glucopyranose-(1-4)-2-acetamido-2-deoxy-beta-D-glucopyranose
10 branched alpha-D-mannopyranose-(1-2)-alpha-D-mannopyranose-(1-3)-[alpha-D-mannopyranose-(1-6)]beta-D-mannopyranose-(1-4)-2-acetamido-2-deoxy-beta-D-glucopyranose-(1-4)-2-acetamido-2-deoxy-beta-D-glucopyranose
11 branched alpha-D-mannopyranose-(1-3)-beta-D-mannopyranose-(1-4)-2-acetamido-2-deoxy-beta-D-glucopyranose-(1-4)-2-acetamido-2-deoxy-beta-D-glucopyranose
12 non-polymer 2-acetamido-2-deoxy-beta-D-glucopyranose
#
loop_
_entity_poly.entity_id
_entity_poly.type
_entity_poly.pdbx_seq_one_letter_code
_entity_poly.pdbx_strand_id
1 'polypeptide(L)'
;MGQIVTFFQEVPHVIEEVMNIVLIALSVLAVLKGLYNFATCGLVGLVTFLLLCGRSCTTSLYKGVYELQTLELNMETLNM
TMPLSCTKNNSHHYIMVGNETGLELTLTNTSIINHKFCNLSDAHKKNLYDHALMSIISTFHLSIPNFNQYEAMSCDFNGG
KISVQYNLSHSYAGDAANHCGTVANGVLQTFMRMAWGGSYIALDSGCGNWDCIMTSYQYLIIQNTTWEDHCQFSRPSPIG
YLGLLSQRTRDIYISRRLL
;
A,B,C
2 'polypeptide(L)'
;(UNK)(UNK)(UNK)(UNK)(UNK)(UNK)(UNK)(UNK)(UNK)(UNK)(UNK)(UNK)(UNK)(UNK)(UNK)(UNK)
(UNK)(UNK)(UNK)(UNK)(UNK)(UNK)(UNK)(UNK)(UNK)(UNK)(UNK)(UNK)(UNK)(UNK)(UNK)(UNK)
(UNK)(UNK)(UNK)(UNK)(UNK)(UNK)(UNK)(UNK)(UNK)(UNK)(UNK)(UNK)(UNK)(UNK)(UNK)(UNK)
(UNK)(UNK)(UNK)(UNK)(UNK)(UNK)(UNK)(UNK)(UNK)(UNK)(UNK)(UNK)(UNK)(UNK)(UNK)(UNK)
(UNK)(UNK)(UNK)(UNK)(UNK)(UNK)(UNK)(UNK)(UNK)(UNK)(UNK)(UNK)(UNK)(UNK)(UNK)(UNK)
(UNK)(UNK)(UNK)(UNK)(UNK)(UNK)(UNK)(UNK)(UNK)(UNK)(UNK)(UNK)(UNK)(UNK)(UNK)(UNK)
(UNK)(UNK)(UNK)(UNK)(UNK)(UNK)(UNK)(UNK)(UNK)(UNK)(UNK)(UNK)(UNK)(UNK)(UNK)(UNK)
(UNK)(UNK)(UNK)(UNK)(UNK)(UNK)(UNK)(UNK)(UNK)(UNK)(UNK)(UNK)(UNK)
;
H
3 'polypeptide(L)'
;(UNK)(UNK)(UNK)(UNK)(UNK)(UNK)(UNK)(UNK)(UNK)(UNK)(UNK)(UNK)(UNK)(UNK)(UNK)(UNK)
(UNK)(UNK)(UNK)(UNK)(UNK)(UNK)(UNK)(UNK)(UNK)(UNK)(UNK)(UNK)(UNK)(UNK)(UNK)(UNK)
(UNK)(UNK)(UNK)(UNK)(UNK)(UNK)(UNK)(UNK)(UNK)(UNK)(UNK)(UNK)(UNK)(UNK)(UNK)(UNK)
(UNK)(UNK)(UNK)(UNK)(UNK)(UNK)(UNK)(UNK)(UNK)(UNK)(UNK)(UNK)(UNK)(UNK)(UNK)(UNK)
(UNK)(UNK)(UNK)(UNK)(UNK)(UNK)(UNK)(UNK)(UNK)(UNK)(UNK)(UNK)(UNK)(UNK)(UNK)(UNK)
(UNK)(UNK)(UNK)(UNK)(UNK)(UNK)(UNK)(UNK)(UNK)(UNK)(UNK)(UNK)(UNK)(UNK)(UNK)(UNK)
(UNK)(UNK)(UNK)(UNK)(UNK)(UNK)(UNK)(UNK)(UNK)(UNK)(UNK)(UNK)(UNK)(UNK)
;
L
4 'polypeptide(L)'
;GTFTWTLSDSEGKDTPGGYCLTRWMLIEAELKCFGNTAVAKCNEKHDEEFCDMLRLFDFNKQAIQRLKAPAQMSIQLINK
AVNALINDQLIMKNHLRDIMCIPYCNYSKYWYLNHTTTGRTSLPKCWLVSNGSYLNETHFSDDIEQQADNMITEMLQKEY
MERQGGSGGSGGSGGSGGSEKAAKAEEAARKMEELFKKHKIVAVLRANSVEEAIEKAVAVFAGGVHLIEITFTVPDADTV
IKALSVLKEKGAIIGAGTVTSVEQCRKAVESGAEFIVSPHLDEEISQFCKEKGVFYMPGVMTPTELVKAMKLGHDILKLF
PGEVVGPEFVKAMKGPFPNVKFVPTGGVDLDNVCEWFDAGVLAVGVGDALVEGDPDEVREKAKEFVEKIRGCTEGSLEWS
HPQFEK
;
a,b,c
#
# COMPACT_ATOMS: atom_id res chain seq x y z
N SER A 60 21.43 39.51 4.25
CA SER A 60 22.65 38.95 4.82
C SER A 60 23.65 38.60 3.73
N LEU A 61 24.84 39.20 3.82
CA LEU A 61 25.88 39.08 2.80
C LEU A 61 26.97 38.15 3.33
N TYR A 62 27.23 37.06 2.61
CA TYR A 62 28.21 36.06 2.99
C TYR A 62 29.38 36.08 2.04
N LYS A 63 30.59 36.23 2.60
CA LYS A 63 31.83 36.24 1.83
C LYS A 63 31.83 37.33 0.77
N GLY A 64 31.24 38.49 1.11
CA GLY A 64 31.35 39.70 0.32
C GLY A 64 30.42 39.86 -0.87
N VAL A 65 30.06 38.75 -1.53
CA VAL A 65 29.40 38.80 -2.83
C VAL A 65 28.14 37.93 -2.91
N TYR A 66 27.92 37.06 -1.93
CA TYR A 66 26.78 36.14 -1.93
C TYR A 66 25.74 36.63 -0.92
N GLU A 67 24.53 36.86 -1.39
CA GLU A 67 23.43 37.36 -0.58
C GLU A 67 22.48 36.20 -0.28
N LEU A 68 22.13 36.05 0.99
CA LEU A 68 21.17 35.03 1.40
C LEU A 68 19.77 35.50 1.07
N GLN A 69 19.06 34.72 0.25
CA GLN A 69 17.68 35.00 -0.14
C GLN A 69 16.86 33.75 0.09
N THR A 70 15.54 33.95 0.16
CA THR A 70 14.60 32.88 0.50
C THR A 70 13.40 32.91 -0.44
N LEU A 71 12.77 31.75 -0.60
CA LEU A 71 11.53 31.61 -1.33
C LEU A 71 10.60 30.69 -0.55
N GLU A 72 9.30 30.88 -0.74
CA GLU A 72 8.27 30.02 -0.17
C GLU A 72 7.36 29.54 -1.27
N LEU A 73 7.10 28.23 -1.30
CA LEU A 73 6.32 27.63 -2.38
C LEU A 73 4.84 27.78 -2.12
N ASN A 74 4.12 28.21 -3.17
CA ASN A 74 2.65 28.25 -3.16
C ASN A 74 2.16 26.92 -3.69
N MET A 75 1.72 26.05 -2.78
CA MET A 75 1.30 24.71 -3.14
C MET A 75 -0.19 24.63 -3.51
N GLU A 76 -0.94 25.72 -3.34
CA GLU A 76 -2.32 25.77 -3.81
C GLU A 76 -2.43 25.45 -5.28
N THR A 77 -1.43 25.82 -6.09
CA THR A 77 -1.46 25.54 -7.51
C THR A 77 -1.42 24.05 -7.82
N LEU A 78 -1.04 23.20 -6.86
CA LEU A 78 -1.06 21.76 -7.05
C LEU A 78 -2.44 21.14 -6.75
N ASN A 79 -3.49 21.94 -6.60
CA ASN A 79 -4.77 21.41 -6.17
C ASN A 79 -5.43 20.54 -7.25
N MET A 80 -5.22 20.89 -8.53
CA MET A 80 -5.89 20.18 -9.61
C MET A 80 -5.30 18.82 -9.91
N THR A 81 -4.17 18.46 -9.30
CA THR A 81 -3.46 17.21 -9.57
C THR A 81 -3.43 16.26 -8.38
N MET A 82 -3.49 16.77 -7.16
CA MET A 82 -3.28 15.94 -5.96
C MET A 82 -4.01 16.58 -4.80
N PRO A 83 -4.31 15.81 -3.74
CA PRO A 83 -4.91 16.43 -2.54
C PRO A 83 -3.91 17.34 -1.83
N LEU A 84 -4.45 18.32 -1.11
CA LEU A 84 -3.65 19.25 -0.30
C LEU A 84 -4.26 19.34 1.09
N SER A 85 -3.45 19.06 2.11
CA SER A 85 -3.92 18.98 3.49
C SER A 85 -3.45 20.20 4.27
N CYS A 86 -4.31 20.71 5.16
CA CYS A 86 -3.94 21.82 6.02
C CYS A 86 -4.80 21.85 7.27
N THR A 87 -4.33 22.61 8.26
CA THR A 87 -4.95 22.70 9.58
C THR A 87 -5.66 24.04 9.75
N LYS A 88 -6.88 24.00 10.29
CA LYS A 88 -7.56 25.23 10.72
C LYS A 88 -7.19 25.57 12.16
N ASN A 89 -7.35 24.62 13.07
CA ASN A 89 -7.05 24.84 14.48
C ASN A 89 -6.78 23.46 15.11
N ASN A 90 -6.85 23.38 16.44
CA ASN A 90 -6.44 22.18 17.15
C ASN A 90 -7.29 20.98 16.75
N SER A 91 -8.60 21.18 16.56
CA SER A 91 -9.52 20.09 16.25
C SER A 91 -9.71 19.88 14.75
N HIS A 92 -9.88 20.96 13.99
CA HIS A 92 -10.28 20.88 12.60
C HIS A 92 -9.07 20.84 11.66
N HIS A 93 -9.01 19.81 10.83
CA HIS A 93 -8.03 19.66 9.77
C HIS A 93 -8.78 19.30 8.50
N TYR A 94 -8.17 19.52 7.35
CA TYR A 94 -8.86 19.37 6.07
C TYR A 94 -7.91 18.79 5.04
N ILE A 95 -8.50 18.06 4.09
CA ILE A 95 -7.80 17.47 2.95
C ILE A 95 -8.61 17.91 1.73
N MET A 96 -8.18 18.97 1.07
CA MET A 96 -8.91 19.49 -0.08
C MET A 96 -8.52 18.72 -1.33
N VAL A 97 -9.54 18.24 -2.06
CA VAL A 97 -9.40 17.57 -3.35
C VAL A 97 -10.06 18.46 -4.39
N GLY A 98 -9.28 18.90 -5.37
CA GLY A 98 -9.75 19.85 -6.33
C GLY A 98 -10.03 21.18 -5.65
N ASN A 99 -10.76 22.03 -6.36
CA ASN A 99 -11.32 23.25 -5.81
C ASN A 99 -12.78 23.08 -5.39
N GLU A 100 -13.28 21.84 -5.36
CA GLU A 100 -14.69 21.53 -5.12
C GLU A 100 -14.92 20.66 -3.89
N THR A 101 -14.11 19.63 -3.68
CA THR A 101 -14.39 18.62 -2.66
C THR A 101 -13.27 18.57 -1.63
N GLY A 102 -13.53 17.82 -0.56
CA GLY A 102 -12.47 17.52 0.38
C GLY A 102 -13.03 16.73 1.54
N LEU A 103 -12.13 16.39 2.47
CA LEU A 103 -12.48 15.76 3.73
C LEU A 103 -12.19 16.70 4.87
N GLU A 104 -13.05 16.67 5.89
CA GLU A 104 -12.89 17.41 7.13
C GLU A 104 -12.66 16.39 8.23
N LEU A 105 -11.52 16.52 8.92
CA LEU A 105 -11.10 15.64 10.00
C LEU A 105 -11.18 16.43 11.30
N THR A 106 -12.15 16.09 12.14
CA THR A 106 -12.39 16.79 13.40
C THR A 106 -12.12 15.84 14.55
N LEU A 107 -11.29 16.30 15.50
CA LEU A 107 -11.16 15.64 16.80
C LEU A 107 -12.20 16.26 17.73
N THR A 108 -13.15 15.44 18.17
CA THR A 108 -14.32 15.93 18.91
C THR A 108 -14.67 14.99 20.04
N ASN A 109 -15.28 15.55 21.09
CA ASN A 109 -15.86 14.75 22.15
C ASN A 109 -17.20 14.14 21.76
N THR A 110 -17.85 14.63 20.70
CA THR A 110 -19.21 14.26 20.34
C THR A 110 -19.20 13.33 19.14
N SER A 111 -19.93 12.23 19.24
CA SER A 111 -20.13 11.29 18.15
C SER A 111 -21.34 11.68 17.31
N ILE A 112 -21.35 11.21 16.06
CA ILE A 112 -22.43 11.50 15.12
C ILE A 112 -23.03 10.22 14.55
N ILE A 113 -22.25 9.14 14.49
CA ILE A 113 -22.73 7.88 13.92
C ILE A 113 -23.47 7.07 14.97
N ASN A 114 -22.84 6.80 16.11
CA ASN A 114 -23.42 6.19 17.31
C ASN A 114 -23.76 4.70 17.17
N HIS A 115 -23.56 4.07 16.01
CA HIS A 115 -23.71 2.63 15.80
C HIS A 115 -22.37 2.07 15.36
N LYS A 116 -22.33 0.73 15.22
CA LYS A 116 -21.11 -0.02 14.93
C LYS A 116 -21.24 -0.80 13.62
N PHE A 117 -21.85 -0.20 12.62
CA PHE A 117 -21.91 -0.72 11.27
C PHE A 117 -21.00 0.13 10.37
N CYS A 118 -20.33 -0.54 9.44
CA CYS A 118 -19.57 0.13 8.38
C CYS A 118 -19.77 -0.69 7.11
N ASN A 119 -20.80 -0.35 6.34
CA ASN A 119 -21.18 -1.13 5.16
C ASN A 119 -20.42 -0.57 3.96
N LEU A 120 -19.14 -0.94 3.89
CA LEU A 120 -18.33 -0.56 2.73
C LEU A 120 -18.80 -1.29 1.47
N SER A 121 -19.22 -2.55 1.61
CA SER A 121 -19.62 -3.32 0.43
C SER A 121 -20.87 -2.75 -0.22
N ASP A 122 -21.87 -2.38 0.57
CA ASP A 122 -23.06 -1.77 0.00
C ASP A 122 -22.76 -0.42 -0.63
N ALA A 123 -21.86 0.35 0.00
CA ALA A 123 -21.43 1.61 -0.60
C ALA A 123 -20.75 1.38 -1.95
N HIS A 124 -19.97 0.31 -2.05
CA HIS A 124 -19.34 -0.01 -3.33
C HIS A 124 -20.38 -0.43 -4.36
N LYS A 125 -21.40 -1.17 -3.94
CA LYS A 125 -22.47 -1.56 -4.86
C LYS A 125 -23.20 -0.33 -5.39
N LYS A 126 -23.57 0.60 -4.51
CA LYS A 126 -24.33 1.76 -4.93
C LYS A 126 -23.49 2.71 -5.79
N ASN A 127 -22.23 2.89 -5.42
CA ASN A 127 -21.27 3.65 -6.23
C ASN A 127 -21.70 5.11 -6.38
N LEU A 128 -22.27 5.67 -5.31
CA LEU A 128 -22.65 7.07 -5.26
C LEU A 128 -21.56 7.97 -4.70
N TYR A 129 -20.59 7.41 -3.99
CA TYR A 129 -19.55 8.20 -3.34
C TYR A 129 -18.61 8.83 -4.37
N ASP A 130 -17.77 9.75 -3.89
CA ASP A 130 -16.68 10.30 -4.68
C ASP A 130 -15.50 9.33 -4.63
N HIS A 131 -14.94 9.00 -5.79
CA HIS A 131 -13.89 7.99 -5.84
C HIS A 131 -12.59 8.52 -5.23
N ALA A 132 -12.28 9.80 -5.44
CA ALA A 132 -11.07 10.36 -4.85
C ALA A 132 -11.14 10.36 -3.33
N LEU A 133 -12.29 10.76 -2.78
CA LEU A 133 -12.43 10.79 -1.33
C LEU A 133 -12.41 9.38 -0.75
N MET A 134 -13.04 8.41 -1.42
CA MET A 134 -13.00 7.04 -0.93
C MET A 134 -11.59 6.46 -1.02
N SER A 135 -10.82 6.84 -2.04
CA SER A 135 -9.45 6.40 -2.11
C SER A 135 -8.62 7.00 -0.99
N ILE A 136 -8.89 8.25 -0.63
CA ILE A 136 -8.19 8.85 0.51
C ILE A 136 -8.58 8.15 1.81
N ILE A 137 -9.85 7.78 1.96
CA ILE A 137 -10.27 7.02 3.15
C ILE A 137 -9.56 5.68 3.21
N SER A 138 -9.45 5.00 2.06
CA SER A 138 -8.75 3.71 2.03
C SER A 138 -7.28 3.89 2.37
N THR A 139 -6.65 4.95 1.85
CA THR A 139 -5.25 5.20 2.17
C THR A 139 -5.07 5.51 3.66
N PHE A 140 -6.01 6.24 4.24
CA PHE A 140 -5.94 6.53 5.67
C PHE A 140 -6.08 5.25 6.49
N HIS A 141 -7.10 4.45 6.19
CA HIS A 141 -7.37 3.28 7.03
C HIS A 141 -6.30 2.21 6.87
N LEU A 142 -5.85 1.95 5.65
CA LEU A 142 -4.81 0.94 5.43
C LEU A 142 -3.46 1.37 5.98
N SER A 143 -3.27 2.65 6.29
CA SER A 143 -2.05 3.13 6.92
C SER A 143 -2.06 3.03 8.43
N ILE A 144 -3.19 2.69 9.05
CA ILE A 144 -3.26 2.57 10.51
C ILE A 144 -2.46 1.32 10.89
N PRO A 145 -1.42 1.41 11.74
CA PRO A 145 -0.71 0.18 12.10
C PRO A 145 -1.45 -0.59 13.19
N ASN A 146 -1.52 -1.91 12.98
CA ASN A 146 -2.01 -2.84 14.00
C ASN A 146 -3.47 -2.56 14.37
N PHE A 147 -4.29 -2.25 13.37
CA PHE A 147 -5.72 -2.07 13.59
C PHE A 147 -6.36 -3.44 13.72
N ASN A 148 -7.00 -3.71 14.86
CA ASN A 148 -7.58 -5.02 15.14
C ASN A 148 -8.94 -4.95 15.84
N GLN A 149 -9.53 -3.77 15.99
CA GLN A 149 -10.84 -3.61 16.63
C GLN A 149 -11.77 -3.02 15.59
N TYR A 150 -12.61 -3.87 14.98
CA TYR A 150 -13.56 -3.36 13.98
C TYR A 150 -14.60 -2.44 14.61
N GLU A 151 -14.92 -2.66 15.89
CA GLU A 151 -15.90 -1.82 16.56
C GLU A 151 -15.46 -0.37 16.70
N ALA A 152 -14.15 -0.10 16.66
CA ALA A 152 -13.67 1.26 16.78
C ALA A 152 -14.12 2.13 15.62
N MET A 153 -14.11 1.57 14.40
CA MET A 153 -14.48 2.31 13.20
C MET A 153 -15.95 2.07 12.90
N SER A 154 -16.71 3.15 12.82
CA SER A 154 -18.07 3.14 12.30
C SER A 154 -18.12 4.02 11.06
N CYS A 155 -19.07 3.75 10.17
CA CYS A 155 -19.15 4.46 8.90
C CYS A 155 -20.61 4.72 8.56
N ASP A 156 -20.81 5.63 7.60
CA ASP A 156 -22.14 5.92 7.08
C ASP A 156 -21.96 6.53 5.69
N PHE A 157 -22.36 5.78 4.66
CA PHE A 157 -22.17 6.19 3.27
C PHE A 157 -23.50 6.32 2.55
N ASN A 158 -24.48 6.97 3.18
CA ASN A 158 -25.80 7.11 2.59
C ASN A 158 -25.78 8.14 1.48
N GLY A 159 -26.22 7.74 0.29
CA GLY A 159 -26.35 8.66 -0.83
C GLY A 159 -25.04 9.25 -1.30
N GLY A 160 -23.98 8.46 -1.28
CA GLY A 160 -22.67 8.95 -1.67
C GLY A 160 -21.94 9.75 -0.61
N LYS A 161 -22.53 9.90 0.57
CA LYS A 161 -21.87 10.58 1.66
C LYS A 161 -20.65 9.79 2.10
N ILE A 162 -19.72 10.46 2.78
CA ILE A 162 -18.64 9.82 3.51
C ILE A 162 -18.71 10.36 4.94
N SER A 163 -18.81 9.45 5.91
CA SER A 163 -18.87 9.82 7.32
C SER A 163 -18.26 8.67 8.11
N VAL A 164 -16.98 8.77 8.41
CA VAL A 164 -16.23 7.76 9.17
C VAL A 164 -15.98 8.31 10.57
N GLN A 165 -16.01 7.42 11.56
CA GLN A 165 -15.79 7.79 12.95
C GLN A 165 -14.90 6.73 13.59
N TYR A 166 -13.81 7.20 14.20
CA TYR A 166 -12.92 6.36 15.00
C TYR A 166 -13.13 6.69 16.47
N ASN A 167 -13.27 5.65 17.28
CA ASN A 167 -13.82 5.76 18.63
C ASN A 167 -12.78 6.19 19.67
N LEU A 168 -11.49 5.90 19.45
CA LEU A 168 -10.35 6.43 20.21
C LEU A 168 -10.49 6.32 21.74
N SER A 169 -11.28 5.37 22.24
CA SER A 169 -11.47 5.24 23.70
C SER A 169 -10.40 4.35 24.32
N HIS A 179 -2.66 2.40 27.33
CA HIS A 179 -2.16 3.76 27.14
C HIS A 179 -1.11 3.82 26.03
N CYS A 180 -0.48 2.69 25.73
CA CYS A 180 0.37 2.52 24.56
C CYS A 180 -0.09 1.29 23.80
N GLY A 181 0.12 1.31 22.48
CA GLY A 181 -0.21 0.15 21.66
C GLY A 181 -1.68 -0.18 21.62
N THR A 182 -2.53 0.83 21.41
CA THR A 182 -3.97 0.67 21.27
C THR A 182 -4.40 1.25 19.92
N VAL A 183 -5.67 1.02 19.58
CA VAL A 183 -6.17 1.47 18.29
C VAL A 183 -6.22 3.00 18.22
N ALA A 184 -6.48 3.66 19.35
CA ALA A 184 -6.45 5.11 19.40
C ALA A 184 -5.07 5.64 19.02
N ASN A 185 -4.02 4.97 19.50
CA ASN A 185 -2.66 5.40 19.21
C ASN A 185 -2.37 5.27 17.72
N GLY A 186 -2.75 4.14 17.12
CA GLY A 186 -2.50 3.97 15.69
C GLY A 186 -3.30 4.94 14.83
N VAL A 187 -4.56 5.18 15.19
CA VAL A 187 -5.38 6.12 14.44
C VAL A 187 -4.80 7.53 14.54
N LEU A 188 -4.37 7.94 15.73
CA LEU A 188 -3.76 9.26 15.84
C LEU A 188 -2.41 9.32 15.14
N GLN A 189 -1.67 8.21 15.13
CA GLN A 189 -0.38 8.19 14.46
C GLN A 189 -0.56 8.41 12.96
N THR A 190 -1.60 7.80 12.38
CA THR A 190 -1.89 8.05 10.97
C THR A 190 -2.52 9.42 10.76
N PHE A 191 -3.19 9.96 11.78
CA PHE A 191 -3.79 11.28 11.64
C PHE A 191 -2.73 12.38 11.58
N MET A 192 -1.66 12.25 12.36
CA MET A 192 -0.55 13.20 12.26
C MET A 192 0.22 13.08 10.96
N ARG A 193 0.02 12.03 10.15
CA ARG A 193 0.66 11.89 8.86
C ARG A 193 -0.26 12.22 7.70
N MET A 194 -1.58 12.07 7.87
CA MET A 194 -2.50 12.48 6.81
C MET A 194 -2.48 13.98 6.60
N ALA A 195 -2.50 14.75 7.70
CA ALA A 195 -2.36 16.20 7.68
C ALA A 195 -1.10 16.51 8.50
N TRP A 196 0.04 16.45 7.83
CA TRP A 196 1.31 16.56 8.54
C TRP A 196 1.55 17.99 9.03
N GLY A 197 1.32 18.97 8.17
CA GLY A 197 1.60 20.34 8.51
C GLY A 197 0.61 20.87 9.53
N GLY A 198 1.08 21.15 10.75
CA GLY A 198 0.28 21.85 11.73
C GLY A 198 -0.68 21.00 12.53
N SER A 199 -0.60 19.68 12.43
CA SER A 199 -1.41 18.80 13.27
C SER A 199 -0.74 18.46 14.61
N TYR A 200 0.50 18.89 14.82
CA TYR A 200 1.17 18.65 16.10
C TYR A 200 0.44 19.33 17.26
N ILE A 201 -0.24 20.44 17.01
CA ILE A 201 -0.92 21.16 18.09
C ILE A 201 -2.07 20.33 18.67
N ALA A 202 -2.63 19.40 17.89
CA ALA A 202 -3.75 18.61 18.36
C ALA A 202 -3.38 17.71 19.53
N LEU A 203 -2.11 17.25 19.55
CA LEU A 203 -1.67 16.30 20.60
C LEU A 203 -1.29 17.07 21.88
N ASP A 204 -1.34 16.40 23.03
CA ASP A 204 -0.89 17.06 24.29
C ASP A 204 0.59 17.37 24.16
N SER A 205 1.37 16.46 23.55
CA SER A 205 2.82 16.68 23.34
C SER A 205 3.11 16.82 21.85
N GLY A 206 3.70 17.96 21.44
CA GLY A 206 4.04 18.17 20.02
C GLY A 206 5.02 17.15 19.50
N CYS A 207 6.01 16.75 20.31
CA CYS A 207 7.07 15.82 19.81
C CYS A 207 7.67 15.01 20.95
N GLY A 208 8.45 13.98 20.60
CA GLY A 208 9.13 13.13 21.62
C GLY A 208 8.33 11.90 21.95
N ASN A 209 7.09 11.83 21.48
CA ASN A 209 6.25 10.63 21.69
C ASN A 209 5.74 10.17 20.32
N TRP A 210 5.89 8.88 20.01
CA TRP A 210 5.32 8.36 18.74
C TRP A 210 4.50 7.11 19.02
N ASP A 211 4.97 6.27 19.93
CA ASP A 211 4.28 5.02 20.21
C ASP A 211 3.18 5.14 21.25
N CYS A 212 3.08 6.26 21.96
CA CYS A 212 2.13 6.46 23.06
C CYS A 212 1.44 7.80 22.94
N ILE A 213 0.92 8.10 21.75
CA ILE A 213 0.20 9.35 21.53
C ILE A 213 -1.19 9.26 22.14
N MET A 214 -1.64 10.38 22.70
CA MET A 214 -3.01 10.55 23.17
C MET A 214 -3.53 11.89 22.72
N THR A 215 -4.85 12.02 22.73
CA THR A 215 -5.53 13.30 22.68
C THR A 215 -6.66 13.27 23.68
N SER A 216 -6.95 14.42 24.29
CA SER A 216 -8.10 14.51 25.17
C SER A 216 -9.40 14.28 24.42
N TYR A 217 -9.43 14.60 23.11
CA TYR A 217 -10.60 14.36 22.30
C TYR A 217 -10.87 12.86 22.18
N GLN A 218 -12.16 12.52 22.12
CA GLN A 218 -12.61 11.14 22.21
C GLN A 218 -13.00 10.51 20.89
N TYR A 219 -13.06 11.27 19.78
CA TYR A 219 -13.47 10.74 18.49
C TYR A 219 -12.73 11.47 17.38
N LEU A 220 -12.36 10.73 16.33
CA LEU A 220 -11.86 11.31 15.09
C LEU A 220 -12.91 11.08 14.01
N ILE A 221 -13.46 12.17 13.47
CA ILE A 221 -14.58 12.11 12.55
C ILE A 221 -14.12 12.68 11.21
N ILE A 222 -14.24 11.88 10.16
CA ILE A 222 -13.86 12.24 8.80
C ILE A 222 -15.15 12.35 8.01
N GLN A 223 -15.38 13.52 7.40
CA GLN A 223 -16.62 13.78 6.66
C GLN A 223 -16.33 14.54 5.38
N ASN A 224 -17.02 14.16 4.29
CA ASN A 224 -16.86 14.90 3.04
C ASN A 224 -17.44 16.31 3.20
N THR A 225 -16.80 17.27 2.54
CA THR A 225 -17.15 18.67 2.67
C THR A 225 -16.79 19.39 1.39
N THR A 226 -17.39 20.58 1.21
CA THR A 226 -17.11 21.43 0.07
C THR A 226 -15.85 22.26 0.33
N TRP A 227 -15.34 22.88 -0.74
CA TRP A 227 -14.11 23.65 -0.64
C TRP A 227 -14.37 24.98 0.07
N GLU A 228 -13.40 25.38 0.88
CA GLU A 228 -13.44 26.66 1.58
C GLU A 228 -12.05 26.88 2.16
N ASP A 229 -11.73 28.15 2.42
CA ASP A 229 -10.39 28.52 2.89
C ASP A 229 -10.31 28.19 4.38
N HIS A 230 -9.73 27.03 4.70
CA HIS A 230 -9.52 26.57 6.07
C HIS A 230 -8.07 26.65 6.53
N CYS A 231 -7.15 27.06 5.67
CA CYS A 231 -5.72 26.88 5.94
C CYS A 231 -5.21 28.06 6.76
N GLN A 232 -5.72 28.15 7.98
CA GLN A 232 -5.41 29.25 8.89
C GLN A 232 -4.13 29.04 9.69
N PHE A 233 -3.82 27.80 10.07
CA PHE A 233 -2.66 27.49 10.90
C PHE A 233 -1.47 26.99 10.09
N SER A 234 -1.72 26.23 9.01
CA SER A 234 -0.67 25.73 8.14
C SER A 234 -1.13 25.86 6.70
N ARG A 235 -0.15 25.93 5.80
CA ARG A 235 -0.44 26.10 4.39
C ARG A 235 -0.84 24.77 3.76
N PRO A 236 -1.44 24.80 2.57
CA PRO A 236 -1.72 23.53 1.87
C PRO A 236 -0.42 22.78 1.56
N SER A 237 -0.50 21.45 1.62
CA SER A 237 0.66 20.62 1.37
C SER A 237 0.21 19.22 0.97
N PRO A 238 0.72 18.62 -0.12
CA PRO A 238 0.41 17.21 -0.39
C PRO A 238 1.30 16.23 0.34
N ILE A 239 2.22 16.71 1.18
CA ILE A 239 3.33 15.88 1.64
C ILE A 239 2.83 14.76 2.54
N GLY A 240 1.82 15.02 3.36
CA GLY A 240 1.30 13.96 4.21
C GLY A 240 0.66 12.84 3.43
N TYR A 241 -0.25 13.19 2.53
CA TYR A 241 -0.93 12.17 1.71
C TYR A 241 0.05 11.44 0.82
N LEU A 242 0.96 12.17 0.18
CA LEU A 242 1.96 11.52 -0.68
C LEU A 242 2.90 10.64 0.15
N GLY A 243 3.17 11.02 1.39
CA GLY A 243 3.99 10.18 2.24
C GLY A 243 3.30 8.89 2.63
N LEU A 244 2.00 8.95 2.91
CA LEU A 244 1.27 7.77 3.37
C LEU A 244 0.88 6.81 2.25
N LEU A 245 1.12 7.16 0.98
CA LEU A 245 0.81 6.22 -0.09
C LEU A 245 1.69 4.98 -0.02
N SER A 246 2.93 5.12 0.46
CA SER A 246 3.80 3.96 0.68
C SER A 246 3.53 3.25 2.00
N GLN A 247 2.80 3.88 2.93
CA GLN A 247 2.47 3.27 4.21
C GLN A 247 1.34 2.24 4.09
N ARG A 248 0.62 2.20 2.97
CA ARG A 248 -0.58 1.40 2.86
C ARG A 248 -0.27 -0.09 2.94
N THR A 249 -1.08 -0.81 3.72
CA THR A 249 -1.00 -2.27 3.85
C THR A 249 0.38 -2.73 4.31
N ARG A 250 1.03 -1.93 5.15
CA ARG A 250 2.40 -2.18 5.58
C ARG A 250 2.50 -2.61 7.04
N ASP A 251 1.51 -2.27 7.87
CA ASP A 251 1.42 -2.74 9.25
C ASP A 251 0.01 -3.24 9.55
N ILE A 252 -0.68 -3.79 8.55
CA ILE A 252 -1.99 -4.39 8.74
C ILE A 252 -1.82 -5.84 9.19
N TYR A 253 -2.71 -6.29 10.06
CA TYR A 253 -2.72 -7.67 10.50
C TYR A 253 -3.50 -8.53 9.52
N ILE A 254 -3.12 -9.80 9.45
CA ILE A 254 -3.87 -10.76 8.65
C ILE A 254 -5.16 -11.11 9.37
N SER A 255 -6.27 -11.11 8.63
CA SER A 255 -7.57 -11.57 9.10
C SER A 255 -8.05 -12.83 8.41
N ARG A 256 -7.47 -13.18 7.26
CA ARG A 256 -7.82 -14.37 6.50
C ARG A 256 -6.54 -15.09 6.11
N ARG A 257 -6.65 -16.41 5.95
CA ARG A 257 -5.51 -17.19 5.50
C ARG A 257 -5.28 -17.03 4.00
N LEU A 258 -6.34 -16.78 3.24
CA LEU A 258 -6.26 -16.39 1.83
C LEU A 258 -6.80 -14.96 1.75
N LEU A 259 -5.90 -13.99 1.77
CA LEU A 259 -6.32 -12.59 1.74
C LEU A 259 -6.91 -12.27 0.37
N SER B 60 48.80 -7.99 7.51
CA SER B 60 48.89 -8.10 6.06
C SER B 60 48.93 -6.71 5.43
N LEU B 61 50.12 -6.27 5.03
CA LEU B 61 50.34 -4.94 4.49
C LEU B 61 50.19 -4.95 2.98
N TYR B 62 49.52 -3.92 2.46
CA TYR B 62 49.32 -3.72 1.03
C TYR B 62 49.92 -2.37 0.64
N LYS B 63 50.68 -2.35 -0.46
CA LYS B 63 51.37 -1.14 -0.92
C LYS B 63 52.29 -0.57 0.16
N GLY B 64 52.88 -1.44 0.96
CA GLY B 64 53.82 -1.00 1.98
C GLY B 64 53.17 -0.53 3.26
N VAL B 65 52.30 0.48 3.19
CA VAL B 65 51.87 1.26 4.34
C VAL B 65 50.39 1.10 4.66
N TYR B 66 49.61 0.39 3.84
CA TYR B 66 48.18 0.21 4.08
C TYR B 66 47.97 -1.19 4.66
N GLU B 67 47.53 -1.24 5.91
CA GLU B 67 47.33 -2.50 6.62
C GLU B 67 45.86 -2.91 6.51
N LEU B 68 45.64 -4.15 6.10
CA LEU B 68 44.28 -4.70 6.11
C LEU B 68 43.87 -4.97 7.55
N GLN B 69 42.67 -4.49 7.90
CA GLN B 69 42.10 -4.68 9.23
C GLN B 69 40.65 -5.09 9.09
N THR B 70 40.13 -5.67 10.17
CA THR B 70 38.85 -6.37 10.17
C THR B 70 37.92 -5.75 11.21
N LEU B 71 36.64 -5.75 10.87
CA LEU B 71 35.58 -5.21 11.73
C LEU B 71 34.43 -6.21 11.75
N GLU B 72 33.71 -6.23 12.87
CA GLU B 72 32.54 -7.11 13.00
C GLU B 72 31.52 -6.44 13.90
N LEU B 73 30.27 -6.41 13.45
CA LEU B 73 29.22 -5.64 14.11
C LEU B 73 28.45 -6.49 15.11
N ASN B 74 28.13 -5.88 16.25
CA ASN B 74 27.30 -6.49 17.28
C ASN B 74 25.88 -5.98 17.12
N MET B 75 24.99 -6.85 16.66
CA MET B 75 23.59 -6.50 16.43
C MET B 75 22.67 -6.93 17.56
N GLU B 76 23.22 -7.41 18.69
CA GLU B 76 22.42 -7.50 19.90
C GLU B 76 21.88 -6.14 20.31
N THR B 77 22.69 -5.10 20.14
CA THR B 77 22.31 -3.77 20.62
C THR B 77 21.13 -3.18 19.87
N LEU B 78 20.78 -3.71 18.70
CA LEU B 78 19.62 -3.26 17.96
C LEU B 78 18.31 -3.87 18.47
N ASN B 79 18.34 -4.66 19.55
CA ASN B 79 17.16 -5.38 19.99
C ASN B 79 16.05 -4.45 20.47
N MET B 80 16.39 -3.28 21.03
CA MET B 80 15.36 -2.40 21.56
C MET B 80 14.50 -1.78 20.47
N THR B 81 15.00 -1.69 19.23
CA THR B 81 14.32 -0.98 18.15
C THR B 81 13.70 -1.89 17.12
N MET B 82 14.26 -3.08 16.87
CA MET B 82 13.83 -3.95 15.79
C MET B 82 14.01 -5.40 16.23
N PRO B 83 13.37 -6.35 15.54
CA PRO B 83 13.63 -7.76 15.84
C PRO B 83 15.04 -8.18 15.47
N LEU B 84 15.39 -9.40 15.88
CA LEU B 84 16.68 -10.00 15.55
C LEU B 84 16.49 -11.50 15.36
N SER B 85 16.82 -12.00 14.16
CA SER B 85 16.61 -13.39 13.79
C SER B 85 17.93 -14.15 13.83
N CYS B 86 17.91 -15.34 14.43
CA CYS B 86 19.11 -16.18 14.45
C CYS B 86 18.76 -17.61 14.83
N THR B 87 19.74 -18.49 14.62
CA THR B 87 19.54 -19.94 14.61
C THR B 87 20.33 -20.61 15.73
N LYS B 88 19.69 -21.58 16.40
CA LYS B 88 20.35 -22.42 17.39
C LYS B 88 20.94 -23.67 16.75
N ASN B 89 20.11 -24.46 16.09
CA ASN B 89 20.56 -25.64 15.35
C ASN B 89 19.69 -25.77 14.11
N ASN B 90 19.81 -26.91 13.41
CA ASN B 90 19.16 -27.06 12.12
C ASN B 90 17.64 -27.03 12.18
N SER B 91 17.05 -27.29 13.34
CA SER B 91 15.60 -27.32 13.52
C SER B 91 15.04 -26.08 14.20
N HIS B 92 15.70 -25.58 15.25
CA HIS B 92 15.19 -24.49 16.06
C HIS B 92 15.80 -23.16 15.61
N HIS B 93 14.94 -22.19 15.33
CA HIS B 93 15.34 -20.85 14.91
C HIS B 93 14.46 -19.87 15.67
N TYR B 94 14.96 -18.64 15.83
CA TYR B 94 14.36 -17.69 16.76
C TYR B 94 14.30 -16.30 16.15
N ILE B 95 13.26 -15.57 16.52
CA ILE B 95 13.07 -14.16 16.16
C ILE B 95 12.84 -13.45 17.48
N MET B 96 13.90 -12.90 18.07
CA MET B 96 13.81 -12.22 19.35
C MET B 96 13.47 -10.75 19.12
N VAL B 97 12.32 -10.32 19.66
CA VAL B 97 11.90 -8.93 19.47
C VAL B 97 12.64 -8.00 20.42
N GLY B 98 12.43 -8.19 21.73
CA GLY B 98 13.14 -7.44 22.75
C GLY B 98 14.05 -8.35 23.54
N ASN B 99 14.13 -8.12 24.86
CA ASN B 99 14.82 -9.01 25.78
C ASN B 99 13.86 -9.86 26.60
N GLU B 100 12.57 -9.89 26.23
CA GLU B 100 11.53 -10.57 27.01
C GLU B 100 10.69 -11.53 26.18
N THR B 101 10.46 -11.22 24.90
CA THR B 101 9.56 -11.98 24.06
C THR B 101 10.18 -12.22 22.70
N GLY B 102 9.67 -13.25 22.02
CA GLY B 102 10.10 -13.54 20.67
C GLY B 102 9.29 -14.71 20.14
N LEU B 103 9.70 -15.19 18.95
CA LEU B 103 9.08 -16.32 18.29
C LEU B 103 10.08 -17.45 18.11
N GLU B 104 9.58 -18.67 18.22
CA GLU B 104 10.30 -19.92 18.05
C GLU B 104 9.78 -20.60 16.79
N LEU B 105 10.59 -20.60 15.72
CA LEU B 105 10.28 -21.29 14.47
C LEU B 105 10.99 -22.63 14.51
N THR B 106 10.22 -23.71 14.58
CA THR B 106 10.73 -25.06 14.74
C THR B 106 10.24 -25.91 13.57
N LEU B 107 11.19 -26.46 12.82
CA LEU B 107 10.87 -27.50 11.85
C LEU B 107 10.82 -28.84 12.58
N THR B 108 9.69 -29.54 12.48
CA THR B 108 9.52 -30.75 13.26
C THR B 108 8.49 -31.65 12.59
N ASN B 109 8.58 -32.94 12.91
CA ASN B 109 7.60 -33.94 12.52
C ASN B 109 6.49 -34.12 13.56
N THR B 110 6.57 -33.43 14.71
CA THR B 110 5.58 -33.53 15.77
C THR B 110 4.59 -32.38 15.63
N SER B 111 3.33 -32.71 15.37
CA SER B 111 2.29 -31.70 15.25
C SER B 111 1.74 -31.35 16.62
N ILE B 112 1.38 -30.07 16.81
CA ILE B 112 0.78 -29.60 18.04
C ILE B 112 -0.71 -29.27 17.88
N ILE B 113 -1.15 -28.91 16.67
CA ILE B 113 -2.54 -28.57 16.38
C ILE B 113 -3.11 -29.64 15.48
N ASN B 114 -4.21 -30.26 15.92
CA ASN B 114 -4.87 -31.33 15.18
C ASN B 114 -6.02 -30.83 14.30
N HIS B 115 -6.49 -29.60 14.52
CA HIS B 115 -7.64 -29.04 13.82
C HIS B 115 -7.19 -28.11 12.71
N LYS B 116 -8.16 -27.65 11.91
CA LYS B 116 -7.93 -26.86 10.70
C LYS B 116 -8.43 -25.43 10.85
N PHE B 117 -8.41 -24.90 12.06
CA PHE B 117 -8.87 -23.54 12.36
C PHE B 117 -7.70 -22.60 12.52
N CYS B 118 -7.91 -21.35 12.11
CA CYS B 118 -7.07 -20.22 12.51
C CYS B 118 -8.02 -19.05 12.73
N ASN B 119 -8.50 -18.93 13.97
CA ASN B 119 -9.52 -17.93 14.31
C ASN B 119 -8.85 -16.58 14.53
N LEU B 120 -8.44 -15.97 13.41
CA LEU B 120 -7.76 -14.68 13.47
C LEU B 120 -8.71 -13.58 13.94
N SER B 121 -9.96 -13.60 13.49
CA SER B 121 -10.90 -12.53 13.84
C SER B 121 -11.21 -12.52 15.33
N ASP B 122 -11.41 -13.70 15.92
CA ASP B 122 -11.65 -13.77 17.35
C ASP B 122 -10.43 -13.29 18.15
N ALA B 123 -9.23 -13.66 17.69
CA ALA B 123 -8.01 -13.18 18.35
C ALA B 123 -7.89 -11.68 18.26
N HIS B 124 -8.22 -11.10 17.11
CA HIS B 124 -8.18 -9.65 16.96
C HIS B 124 -9.19 -8.97 17.87
N LYS B 125 -10.40 -9.54 17.97
CA LYS B 125 -11.42 -8.92 18.81
C LYS B 125 -11.04 -8.98 20.28
N LYS B 126 -10.49 -10.11 20.74
CA LYS B 126 -10.10 -10.22 22.14
C LYS B 126 -8.88 -9.37 22.45
N ASN B 127 -7.91 -9.31 21.53
CA ASN B 127 -6.77 -8.39 21.64
C ASN B 127 -5.90 -8.72 22.85
N LEU B 128 -5.65 -10.01 23.06
CA LEU B 128 -4.86 -10.49 24.19
C LEU B 128 -3.40 -10.78 23.83
N TYR B 129 -2.99 -10.52 22.60
CA TYR B 129 -1.68 -10.94 22.09
C TYR B 129 -0.70 -9.78 22.06
N ASP B 130 0.57 -10.12 21.92
CA ASP B 130 1.61 -9.12 21.67
C ASP B 130 1.45 -8.59 20.26
N HIS B 131 1.33 -7.27 20.14
CA HIS B 131 1.17 -6.67 18.82
C HIS B 131 2.42 -6.82 17.97
N ALA B 132 3.60 -6.79 18.60
CA ALA B 132 4.84 -7.01 17.86
C ALA B 132 4.88 -8.41 17.25
N LEU B 133 4.54 -9.42 18.05
CA LEU B 133 4.61 -10.79 17.55
C LEU B 133 3.56 -11.05 16.49
N MET B 134 2.34 -10.54 16.67
CA MET B 134 1.33 -10.70 15.63
C MET B 134 1.71 -9.94 14.37
N SER B 135 2.38 -8.80 14.51
CA SER B 135 2.89 -8.10 13.34
C SER B 135 3.91 -8.95 12.60
N ILE B 136 4.79 -9.62 13.33
CA ILE B 136 5.78 -10.49 12.68
C ILE B 136 5.09 -11.67 12.00
N ILE B 137 4.05 -12.22 12.63
CA ILE B 137 3.30 -13.32 12.02
C ILE B 137 2.63 -12.85 10.74
N SER B 138 2.05 -11.65 10.75
CA SER B 138 1.42 -11.12 9.55
C SER B 138 2.44 -10.89 8.45
N THR B 139 3.62 -10.38 8.81
CA THR B 139 4.69 -10.21 7.83
C THR B 139 5.14 -11.54 7.25
N PHE B 140 5.17 -12.58 8.09
CA PHE B 140 5.56 -13.91 7.62
C PHE B 140 4.52 -14.45 6.65
N HIS B 141 3.24 -14.42 7.03
CA HIS B 141 2.21 -15.04 6.19
C HIS B 141 2.01 -14.26 4.89
N LEU B 142 2.02 -12.93 4.95
CA LEU B 142 1.81 -12.14 3.74
C LEU B 142 2.98 -12.24 2.76
N SER B 143 4.15 -12.70 3.22
CA SER B 143 5.32 -12.87 2.38
C SER B 143 5.40 -14.24 1.73
N ILE B 144 4.46 -15.14 1.99
CA ILE B 144 4.49 -16.48 1.39
C ILE B 144 4.12 -16.34 -0.09
N PRO B 145 4.95 -16.76 -1.05
CA PRO B 145 4.53 -16.64 -2.45
C PRO B 145 3.52 -17.71 -2.81
N ASN B 146 2.37 -17.28 -3.32
CA ASN B 146 1.36 -18.17 -3.91
C ASN B 146 0.80 -19.15 -2.88
N PHE B 147 0.33 -18.60 -1.75
CA PHE B 147 -0.35 -19.41 -0.75
C PHE B 147 -1.80 -19.59 -1.17
N ASN B 148 -2.23 -20.84 -1.36
CA ASN B 148 -3.57 -21.13 -1.86
C ASN B 148 -4.22 -22.32 -1.19
N GLN B 149 -3.74 -22.76 -0.03
CA GLN B 149 -4.31 -23.87 0.73
C GLN B 149 -4.55 -23.38 2.15
N TYR B 150 -5.77 -22.90 2.42
CA TYR B 150 -6.08 -22.40 3.75
C TYR B 150 -6.01 -23.51 4.79
N GLU B 151 -6.28 -24.76 4.40
CA GLU B 151 -6.20 -25.85 5.36
C GLU B 151 -4.77 -26.15 5.80
N ALA B 152 -3.77 -25.73 5.02
CA ALA B 152 -2.38 -26.05 5.34
C ALA B 152 -1.89 -25.32 6.59
N MET B 153 -2.55 -24.25 7.01
CA MET B 153 -2.13 -23.42 8.13
C MET B 153 -3.20 -23.45 9.21
N SER B 154 -2.81 -23.83 10.42
CA SER B 154 -3.67 -23.85 11.59
C SER B 154 -3.07 -22.94 12.65
N CYS B 155 -3.91 -22.46 13.57
CA CYS B 155 -3.47 -21.55 14.62
C CYS B 155 -4.24 -21.84 15.90
N ASP B 156 -3.73 -21.31 17.00
CA ASP B 156 -4.47 -21.35 18.27
C ASP B 156 -4.00 -20.14 19.09
N PHE B 157 -4.81 -19.08 19.10
CA PHE B 157 -4.50 -17.84 19.79
C PHE B 157 -5.26 -17.70 21.11
N ASN B 158 -5.77 -18.80 21.67
CA ASN B 158 -6.56 -18.72 22.89
C ASN B 158 -5.70 -18.23 24.05
N GLY B 159 -6.23 -17.28 24.81
CA GLY B 159 -5.48 -16.71 25.91
C GLY B 159 -4.45 -15.69 25.52
N GLY B 160 -4.39 -15.29 24.26
CA GLY B 160 -3.44 -14.30 23.80
C GLY B 160 -2.13 -14.86 23.28
N LYS B 161 -1.87 -16.15 23.44
CA LYS B 161 -0.64 -16.72 22.92
C LYS B 161 -0.65 -16.73 21.40
N ILE B 162 0.48 -17.15 20.83
CA ILE B 162 0.64 -17.31 19.39
C ILE B 162 1.19 -18.70 19.16
N SER B 163 0.49 -19.48 18.34
CA SER B 163 0.94 -20.84 18.01
C SER B 163 0.39 -21.16 16.61
N VAL B 164 1.23 -20.93 15.61
CA VAL B 164 0.91 -21.16 14.21
C VAL B 164 1.59 -22.46 13.78
N GLN B 165 0.93 -23.20 12.90
CA GLN B 165 1.45 -24.47 12.38
C GLN B 165 1.19 -24.52 10.89
N TYR B 166 2.26 -24.56 10.10
CA TYR B 166 2.21 -24.74 8.66
C TYR B 166 2.49 -26.20 8.35
N ASN B 167 1.57 -26.83 7.63
CA ASN B 167 1.67 -28.23 7.26
C ASN B 167 2.44 -28.34 5.95
N LEU B 168 3.68 -28.80 6.02
CA LEU B 168 4.55 -28.90 4.86
C LEU B 168 4.38 -30.21 4.10
N SER B 169 3.51 -31.11 4.55
CA SER B 169 3.31 -32.39 3.88
C SER B 169 2.61 -32.18 2.54
N HIS B 179 9.29 -31.30 -4.68
CA HIS B 179 8.47 -30.85 -5.81
C HIS B 179 8.37 -29.33 -5.80
N CYS B 180 8.12 -28.75 -6.98
CA CYS B 180 7.96 -27.31 -7.15
C CYS B 180 6.49 -26.94 -7.21
N GLY B 181 6.17 -25.74 -6.74
CA GLY B 181 4.81 -25.25 -6.75
C GLY B 181 3.93 -25.89 -5.71
N THR B 182 4.25 -25.68 -4.44
CA THR B 182 3.53 -26.28 -3.33
C THR B 182 3.54 -25.31 -2.16
N VAL B 183 2.72 -25.62 -1.14
CA VAL B 183 2.68 -24.79 0.05
C VAL B 183 4.00 -24.86 0.80
N ALA B 184 4.62 -26.04 0.82
CA ALA B 184 5.89 -26.22 1.51
C ALA B 184 6.97 -25.31 0.91
N ASN B 185 6.96 -25.14 -0.41
CA ASN B 185 7.92 -24.27 -1.06
C ASN B 185 7.77 -22.83 -0.58
N GLY B 186 6.56 -22.26 -0.63
CA GLY B 186 6.37 -20.89 -0.21
C GLY B 186 6.70 -20.69 1.26
N VAL B 187 6.25 -21.62 2.11
CA VAL B 187 6.52 -21.50 3.54
C VAL B 187 8.02 -21.58 3.80
N LEU B 188 8.74 -22.43 3.07
CA LEU B 188 10.17 -22.59 3.33
C LEU B 188 10.98 -21.41 2.79
N GLN B 189 10.59 -20.85 1.63
CA GLN B 189 11.24 -19.61 1.18
C GLN B 189 11.05 -18.49 2.17
N THR B 190 9.83 -18.31 2.69
CA THR B 190 9.63 -17.24 3.65
C THR B 190 10.33 -17.54 4.97
N PHE B 191 10.45 -18.81 5.33
CA PHE B 191 11.22 -19.20 6.50
C PHE B 191 12.70 -18.86 6.34
N MET B 192 13.26 -19.10 5.16
CA MET B 192 14.67 -18.76 4.94
C MET B 192 14.88 -17.25 4.95
N ARG B 193 14.04 -16.50 4.24
CA ARG B 193 14.23 -15.06 4.25
C ARG B 193 13.91 -14.45 5.61
N MET B 194 13.13 -15.12 6.45
CA MET B 194 12.90 -14.63 7.80
C MET B 194 14.07 -14.94 8.73
N ALA B 195 14.74 -16.08 8.53
CA ALA B 195 15.85 -16.53 9.36
C ALA B 195 17.11 -16.67 8.50
N TRP B 196 17.38 -15.64 7.70
CA TRP B 196 18.42 -15.72 6.67
C TRP B 196 19.82 -15.95 7.23
N GLY B 197 20.05 -15.66 8.52
CA GLY B 197 21.41 -15.71 9.04
C GLY B 197 22.02 -17.09 9.01
N GLY B 198 21.25 -18.11 9.43
CA GLY B 198 21.77 -19.46 9.54
C GLY B 198 20.76 -20.56 9.24
N SER B 199 19.70 -20.26 8.51
CA SER B 199 18.69 -21.26 8.19
C SER B 199 19.09 -22.17 7.01
N TYR B 200 20.19 -21.88 6.32
CA TYR B 200 20.62 -22.69 5.20
C TYR B 200 20.91 -24.14 5.59
N ILE B 201 21.25 -24.39 6.86
CA ILE B 201 21.49 -25.77 7.32
C ILE B 201 20.21 -26.57 7.50
N ALA B 202 19.04 -25.97 7.28
CA ALA B 202 17.77 -26.68 7.46
C ALA B 202 17.32 -27.47 6.23
N LEU B 203 18.11 -27.50 5.16
CA LEU B 203 17.74 -28.12 3.89
C LEU B 203 18.55 -29.37 3.61
N ASP B 204 18.09 -30.11 2.59
CA ASP B 204 18.92 -31.16 2.00
C ASP B 204 20.10 -30.56 1.25
N SER B 205 19.87 -29.45 0.55
CA SER B 205 20.89 -28.75 -0.23
C SER B 205 20.99 -27.31 0.24
N GLY B 206 22.21 -26.84 0.45
CA GLY B 206 22.40 -25.50 0.98
C GLY B 206 21.97 -24.41 0.00
N CYS B 207 22.29 -24.59 -1.28
CA CYS B 207 22.00 -23.58 -2.29
C CYS B 207 21.83 -24.27 -3.63
N GLY B 208 21.58 -23.46 -4.67
CA GLY B 208 21.35 -23.97 -6.01
C GLY B 208 19.97 -24.55 -6.25
N ASN B 209 19.03 -24.33 -5.34
CA ASN B 209 17.67 -24.87 -5.47
C ASN B 209 16.74 -23.95 -4.70
N TRP B 210 15.90 -23.21 -5.43
CA TRP B 210 15.02 -22.20 -4.85
C TRP B 210 13.55 -22.54 -5.00
N ASP B 211 13.09 -22.84 -6.22
CA ASP B 211 11.68 -23.19 -6.40
C ASP B 211 11.34 -24.50 -5.69
N CYS B 212 12.10 -25.55 -5.96
CA CYS B 212 11.94 -26.83 -5.27
C CYS B 212 12.77 -26.88 -3.99
N ILE B 213 12.48 -25.96 -3.06
CA ILE B 213 13.15 -25.94 -1.77
C ILE B 213 12.43 -26.86 -0.78
N MET B 214 12.94 -28.08 -0.59
CA MET B 214 12.24 -29.08 0.27
C MET B 214 13.08 -29.47 1.49
N THR B 215 12.48 -29.48 2.68
CA THR B 215 13.15 -29.94 3.93
C THR B 215 12.43 -31.22 4.36
N SER B 216 13.13 -32.19 4.95
CA SER B 216 12.51 -33.46 5.31
C SER B 216 11.43 -33.30 6.37
N TYR B 217 11.42 -32.20 7.11
CA TYR B 217 10.45 -32.01 8.19
C TYR B 217 9.06 -31.72 7.61
N GLN B 218 8.03 -32.17 8.33
CA GLN B 218 6.65 -32.10 7.85
C GLN B 218 5.89 -30.87 8.32
N TYR B 219 6.33 -30.22 9.41
CA TYR B 219 5.62 -29.08 9.97
C TYR B 219 6.60 -27.97 10.33
N LEU B 220 6.17 -26.73 10.13
CA LEU B 220 6.85 -25.55 10.63
C LEU B 220 5.95 -24.90 11.68
N ILE B 221 6.45 -24.80 12.90
CA ILE B 221 5.65 -24.38 14.06
C ILE B 221 6.25 -23.09 14.60
N ILE B 222 5.43 -22.05 14.69
CA ILE B 222 5.83 -20.72 15.14
C ILE B 222 5.11 -20.45 16.45
N GLN B 223 5.85 -20.42 17.56
CA GLN B 223 5.28 -20.26 18.90
C GLN B 223 5.96 -19.14 19.65
N ASN B 224 5.18 -18.33 20.36
CA ASN B 224 5.77 -17.27 21.17
C ASN B 224 6.56 -17.87 22.33
N THR B 225 7.66 -17.21 22.67
CA THR B 225 8.62 -17.73 23.64
C THR B 225 9.31 -16.57 24.33
N THR B 226 10.03 -16.90 25.40
CA THR B 226 10.78 -15.92 26.17
C THR B 226 12.22 -15.83 25.65
N TRP B 227 12.97 -14.87 26.19
CA TRP B 227 14.32 -14.60 25.75
C TRP B 227 15.32 -15.47 26.51
N GLU B 228 16.22 -16.11 25.76
CA GLU B 228 17.38 -16.78 26.33
C GLU B 228 18.53 -16.62 25.34
N ASP B 229 19.72 -17.09 25.73
CA ASP B 229 20.87 -17.11 24.82
C ASP B 229 20.68 -18.28 23.84
N HIS B 230 19.79 -18.06 22.87
CA HIS B 230 19.34 -19.14 22.02
C HIS B 230 20.34 -19.49 20.93
N CYS B 231 20.59 -18.55 20.01
CA CYS B 231 21.21 -18.89 18.73
C CYS B 231 22.71 -19.09 18.89
N GLN B 232 23.10 -20.37 18.97
CA GLN B 232 24.50 -20.77 18.94
C GLN B 232 25.08 -20.68 17.53
N PHE B 233 24.28 -21.02 16.51
CA PHE B 233 24.83 -21.27 15.18
C PHE B 233 25.11 -19.97 14.43
N SER B 234 24.23 -18.98 14.55
CA SER B 234 24.37 -17.71 13.83
C SER B 234 24.07 -16.56 14.78
N ARG B 235 24.62 -15.39 14.46
CA ARG B 235 24.48 -14.23 15.30
C ARG B 235 23.13 -13.56 15.06
N PRO B 236 22.62 -12.77 16.03
CA PRO B 236 21.40 -12.01 15.78
C PRO B 236 21.57 -11.02 14.64
N SER B 237 20.51 -10.86 13.86
CA SER B 237 20.54 -9.99 12.69
C SER B 237 19.11 -9.55 12.35
N PRO B 238 18.83 -8.26 12.13
CA PRO B 238 17.48 -7.89 11.67
C PRO B 238 17.29 -8.03 10.17
N ILE B 239 18.30 -8.51 9.44
CA ILE B 239 18.32 -8.33 7.99
C ILE B 239 17.22 -9.15 7.32
N GLY B 240 16.94 -10.34 7.85
CA GLY B 240 15.88 -11.15 7.25
C GLY B 240 14.51 -10.52 7.39
N TYR B 241 14.16 -10.11 8.61
CA TYR B 241 12.86 -9.48 8.83
C TYR B 241 12.75 -8.16 8.08
N LEU B 242 13.80 -7.35 8.10
CA LEU B 242 13.77 -6.08 7.38
C LEU B 242 13.68 -6.29 5.88
N GLY B 243 14.26 -7.39 5.37
CA GLY B 243 14.10 -7.71 3.97
C GLY B 243 12.69 -8.14 3.62
N LEU B 244 12.04 -8.90 4.51
CA LEU B 244 10.69 -9.37 4.21
C LEU B 244 9.63 -8.28 4.32
N LEU B 245 9.94 -7.11 4.86
CA LEU B 245 8.93 -6.07 5.01
C LEU B 245 8.43 -5.58 3.65
N SER B 246 9.33 -5.43 2.69
CA SER B 246 8.93 -5.00 1.35
C SER B 246 8.25 -6.11 0.56
N GLN B 247 8.43 -7.37 0.94
CA GLN B 247 7.82 -8.50 0.24
C GLN B 247 6.36 -8.71 0.63
N ARG B 248 5.86 -8.03 1.66
CA ARG B 248 4.50 -8.23 2.15
C ARG B 248 3.47 -7.93 1.07
N THR B 249 2.51 -8.85 0.90
CA THR B 249 1.42 -8.73 -0.06
C THR B 249 1.91 -8.57 -1.49
N ARG B 250 3.13 -9.01 -1.79
CA ARG B 250 3.73 -8.74 -3.09
C ARG B 250 3.43 -9.84 -4.10
N ASP B 251 3.44 -11.11 -3.68
CA ASP B 251 3.04 -12.23 -4.51
C ASP B 251 2.05 -13.04 -3.69
N ILE B 252 0.79 -12.61 -3.71
CA ILE B 252 -0.31 -13.28 -3.03
C ILE B 252 -1.50 -13.31 -3.97
N TYR B 253 -2.21 -14.44 -3.95
CA TYR B 253 -3.36 -14.60 -4.82
C TYR B 253 -4.58 -13.86 -4.28
N ILE B 254 -5.53 -13.61 -5.16
CA ILE B 254 -6.80 -12.99 -4.82
C ILE B 254 -7.80 -14.10 -4.51
N SER B 255 -8.42 -14.04 -3.33
CA SER B 255 -9.44 -14.98 -2.92
C SER B 255 -10.86 -14.48 -3.16
N ARG B 256 -11.04 -13.16 -3.29
CA ARG B 256 -12.34 -12.56 -3.51
C ARG B 256 -12.18 -11.39 -4.48
N ARG B 257 -13.30 -11.00 -5.09
CA ARG B 257 -13.25 -9.95 -6.10
C ARG B 257 -12.95 -8.59 -5.47
N LEU B 258 -13.38 -8.36 -4.24
CA LEU B 258 -13.02 -7.19 -3.45
C LEU B 258 -12.10 -7.65 -2.33
N LEU B 259 -10.89 -7.10 -2.29
CA LEU B 259 -9.88 -7.54 -1.33
C LEU B 259 -10.24 -7.08 0.08
N SER C 60 25.15 8.29 -39.35
CA SER C 60 25.92 9.48 -39.67
C SER C 60 27.29 9.45 -38.99
N LEU C 61 28.03 10.54 -39.09
CA LEU C 61 29.39 10.64 -38.56
C LEU C 61 29.52 11.98 -37.84
N TYR C 62 29.58 11.94 -36.51
CA TYR C 62 29.61 13.13 -35.67
C TYR C 62 31.03 13.40 -35.19
N LYS C 63 31.44 14.67 -35.27
CA LYS C 63 32.77 15.13 -34.87
C LYS C 63 33.88 14.46 -35.67
N GLY C 64 33.58 13.97 -36.87
CA GLY C 64 34.56 13.36 -37.75
C GLY C 64 34.90 11.91 -37.51
N VAL C 65 34.92 11.49 -36.24
CA VAL C 65 35.44 10.19 -35.85
C VAL C 65 34.42 9.29 -35.18
N TYR C 66 33.28 9.81 -34.73
CA TYR C 66 32.27 9.04 -34.02
C TYR C 66 31.11 8.74 -34.95
N GLU C 67 30.81 7.46 -35.12
CA GLU C 67 29.73 7.00 -35.98
C GLU C 67 28.54 6.58 -35.12
N LEU C 68 27.34 6.98 -35.56
CA LEU C 68 26.12 6.60 -34.86
C LEU C 68 25.74 5.17 -35.22
N GLN C 69 25.53 4.35 -34.20
CA GLN C 69 25.18 2.95 -34.36
C GLN C 69 24.07 2.61 -33.38
N THR C 70 23.33 1.53 -33.68
CA THR C 70 22.08 1.22 -32.98
C THR C 70 22.01 -0.26 -32.59
N LEU C 71 21.25 -0.50 -31.53
CA LEU C 71 20.91 -1.83 -31.03
C LEU C 71 19.42 -2.08 -31.14
N GLU C 72 19.05 -3.36 -31.11
CA GLU C 72 17.67 -3.77 -30.89
C GLU C 72 17.71 -5.05 -30.08
N LEU C 73 17.31 -4.97 -28.81
CA LEU C 73 17.43 -6.10 -27.90
C LEU C 73 16.40 -7.17 -28.24
N ASN C 74 16.84 -8.43 -28.27
CA ASN C 74 15.96 -9.58 -28.43
C ASN C 74 15.53 -10.04 -27.05
N MET C 75 14.37 -9.58 -26.61
CA MET C 75 13.84 -9.92 -25.29
C MET C 75 13.14 -11.27 -25.26
N GLU C 76 12.97 -11.93 -26.41
CA GLU C 76 12.48 -13.31 -26.43
C GLU C 76 13.33 -14.23 -25.57
N THR C 77 14.63 -13.98 -25.49
CA THR C 77 15.51 -14.81 -24.68
C THR C 77 15.25 -14.68 -23.18
N LEU C 78 14.45 -13.70 -22.75
CA LEU C 78 14.06 -13.59 -21.35
C LEU C 78 12.83 -14.43 -21.02
N ASN C 79 12.38 -15.31 -21.93
CA ASN C 79 11.11 -16.01 -21.73
C ASN C 79 11.19 -17.04 -20.62
N MET C 80 12.36 -17.64 -20.39
CA MET C 80 12.48 -18.70 -19.39
C MET C 80 12.48 -18.17 -17.96
N THR C 81 12.57 -16.85 -17.75
CA THR C 81 12.60 -16.25 -16.43
C THR C 81 11.47 -15.26 -16.19
N MET C 82 10.88 -14.68 -17.24
CA MET C 82 10.05 -13.50 -17.15
C MET C 82 8.77 -13.75 -17.95
N PRO C 83 7.66 -13.07 -17.61
CA PRO C 83 6.54 -13.00 -18.56
C PRO C 83 6.80 -11.93 -19.60
N LEU C 84 6.50 -12.26 -20.86
CA LEU C 84 6.71 -11.36 -21.99
C LEU C 84 5.36 -11.01 -22.60
N SER C 85 5.04 -9.72 -22.63
CA SER C 85 3.74 -9.22 -23.07
C SER C 85 3.88 -8.52 -24.40
N CYS C 86 2.99 -8.83 -25.35
CA CYS C 86 3.02 -8.16 -26.64
C CYS C 86 1.73 -8.42 -27.41
N THR C 87 1.57 -7.67 -28.50
CA THR C 87 0.29 -7.49 -29.20
C THR C 87 0.36 -8.08 -30.60
N LYS C 88 -0.70 -8.79 -30.99
CA LYS C 88 -0.87 -9.24 -32.37
C LYS C 88 -1.63 -8.20 -33.19
N ASN C 89 -2.87 -7.89 -32.80
CA ASN C 89 -3.66 -6.85 -33.44
C ASN C 89 -4.41 -6.09 -32.34
N ASN C 90 -5.27 -5.15 -32.76
CA ASN C 90 -5.88 -4.23 -31.80
C ASN C 90 -6.85 -4.91 -30.84
N SER C 91 -7.28 -6.15 -31.13
CA SER C 91 -8.23 -6.88 -30.29
C SER C 91 -7.65 -8.13 -29.65
N HIS C 92 -6.37 -8.41 -29.84
CA HIS C 92 -5.73 -9.62 -29.32
C HIS C 92 -4.34 -9.28 -28.83
N HIS C 93 -4.09 -9.53 -27.54
CA HIS C 93 -2.81 -9.27 -26.89
C HIS C 93 -2.50 -10.51 -26.05
N TYR C 94 -1.21 -10.72 -25.76
CA TYR C 94 -0.76 -11.96 -25.15
C TYR C 94 0.30 -11.68 -24.10
N ILE C 95 0.36 -12.57 -23.11
CA ILE C 95 1.38 -12.58 -22.07
C ILE C 95 1.89 -14.02 -22.04
N MET C 96 3.09 -14.24 -22.56
CA MET C 96 3.67 -15.57 -22.64
C MET C 96 4.59 -15.81 -21.45
N VAL C 97 4.37 -16.94 -20.76
CA VAL C 97 5.17 -17.37 -19.62
C VAL C 97 5.86 -18.65 -20.06
N GLY C 98 7.13 -18.56 -20.45
CA GLY C 98 7.82 -19.70 -21.01
C GLY C 98 7.39 -19.93 -22.46
N ASN C 99 7.64 -21.16 -22.92
CA ASN C 99 7.39 -21.55 -24.30
C ASN C 99 6.19 -22.49 -24.46
N GLU C 100 5.33 -22.61 -23.43
CA GLU C 100 4.18 -23.51 -23.46
C GLU C 100 2.89 -22.91 -22.94
N THR C 101 2.92 -21.76 -22.28
CA THR C 101 1.76 -21.26 -21.54
C THR C 101 1.70 -19.74 -21.63
N GLY C 102 0.49 -19.21 -21.51
CA GLY C 102 0.33 -17.77 -21.47
C GLY C 102 -1.13 -17.41 -21.28
N LEU C 103 -1.38 -16.11 -21.28
CA LEU C 103 -2.73 -15.53 -21.16
C LEU C 103 -3.01 -14.69 -22.40
N GLU C 104 -4.15 -14.96 -23.04
CA GLU C 104 -4.64 -14.18 -24.16
C GLU C 104 -5.68 -13.20 -23.63
N LEU C 105 -5.38 -11.91 -23.76
CA LEU C 105 -6.29 -10.83 -23.44
C LEU C 105 -6.96 -10.38 -24.73
N THR C 106 -8.28 -10.21 -24.68
CA THR C 106 -9.08 -10.06 -25.89
C THR C 106 -10.22 -9.09 -25.60
N LEU C 107 -10.23 -7.97 -26.32
CA LEU C 107 -11.32 -6.99 -26.24
C LEU C 107 -12.37 -7.38 -27.28
N THR C 108 -13.55 -7.79 -26.84
CA THR C 108 -14.61 -8.23 -27.73
C THR C 108 -15.98 -7.82 -27.22
N ASN C 109 -16.91 -7.76 -28.16
CA ASN C 109 -18.33 -7.63 -27.87
C ASN C 109 -19.02 -8.96 -27.59
N THR C 110 -18.30 -10.07 -27.75
CA THR C 110 -18.83 -11.41 -27.51
C THR C 110 -18.41 -11.88 -26.13
N SER C 111 -19.39 -12.05 -25.23
CA SER C 111 -19.14 -12.57 -23.90
C SER C 111 -19.19 -14.08 -23.92
N ILE C 112 -18.42 -14.69 -23.02
CA ILE C 112 -18.35 -16.14 -22.86
C ILE C 112 -18.84 -16.63 -21.50
N ILE C 113 -18.99 -15.73 -20.52
CA ILE C 113 -19.50 -16.05 -19.19
C ILE C 113 -20.78 -15.25 -19.02
N ASN C 114 -21.89 -15.95 -18.75
CA ASN C 114 -23.21 -15.34 -18.59
C ASN C 114 -23.69 -15.31 -17.13
N HIS C 115 -22.81 -15.54 -16.17
CA HIS C 115 -23.14 -15.56 -14.75
C HIS C 115 -22.23 -14.58 -14.03
N LYS C 116 -22.65 -14.20 -12.82
CA LYS C 116 -21.95 -13.22 -12.00
C LYS C 116 -21.02 -13.87 -10.98
N PHE C 117 -20.89 -15.19 -10.99
CA PHE C 117 -19.99 -15.86 -10.05
C PHE C 117 -18.54 -15.66 -10.44
N CYS C 118 -17.66 -15.70 -9.44
CA CYS C 118 -16.23 -15.83 -9.68
C CYS C 118 -15.65 -16.59 -8.49
N ASN C 119 -15.53 -17.91 -8.64
CA ASN C 119 -15.23 -18.81 -7.53
C ASN C 119 -13.71 -18.96 -7.40
N LEU C 120 -13.09 -17.95 -6.79
CA LEU C 120 -11.66 -17.99 -6.57
C LEU C 120 -11.28 -18.95 -5.45
N SER C 121 -12.07 -18.98 -4.38
CA SER C 121 -11.73 -19.83 -3.23
C SER C 121 -11.78 -21.31 -3.59
N ASP C 122 -12.78 -21.73 -4.36
CA ASP C 122 -12.85 -23.14 -4.77
C ASP C 122 -11.69 -23.49 -5.68
N ALA C 123 -11.31 -22.57 -6.57
CA ALA C 123 -10.17 -22.81 -7.44
C ALA C 123 -8.88 -22.95 -6.63
N HIS C 124 -8.70 -22.11 -5.62
CA HIS C 124 -7.52 -22.22 -4.76
C HIS C 124 -7.53 -23.53 -4.00
N LYS C 125 -8.70 -23.95 -3.53
CA LYS C 125 -8.79 -25.21 -2.79
C LYS C 125 -8.45 -26.40 -3.68
N LYS C 126 -8.92 -26.38 -4.93
CA LYS C 126 -8.66 -27.48 -5.84
C LYS C 126 -7.28 -27.41 -6.51
N ASN C 127 -6.64 -26.23 -6.53
CA ASN C 127 -5.43 -25.99 -7.31
C ASN C 127 -5.77 -26.26 -8.78
N LEU C 128 -5.06 -27.15 -9.49
CA LEU C 128 -5.29 -27.54 -10.88
C LEU C 128 -4.91 -26.48 -11.90
N TYR C 129 -4.53 -25.27 -11.47
CA TYR C 129 -4.18 -24.18 -12.37
C TYR C 129 -2.68 -23.93 -12.33
N ASP C 130 -2.19 -23.26 -13.36
CA ASP C 130 -0.80 -22.83 -13.38
C ASP C 130 -0.61 -21.69 -12.38
N HIS C 131 0.38 -21.82 -11.51
CA HIS C 131 0.58 -20.81 -10.47
C HIS C 131 1.08 -19.50 -11.06
N ALA C 132 1.87 -19.55 -12.13
CA ALA C 132 2.34 -18.32 -12.76
C ALA C 132 1.19 -17.52 -13.36
N LEU C 133 0.26 -18.21 -14.03
CA LEU C 133 -0.87 -17.52 -14.63
C LEU C 133 -1.78 -16.92 -13.56
N MET C 134 -2.01 -17.65 -12.47
CA MET C 134 -2.82 -17.11 -11.38
C MET C 134 -2.12 -15.91 -10.74
N SER C 135 -0.79 -15.96 -10.64
CA SER C 135 -0.04 -14.81 -10.15
C SER C 135 -0.23 -13.60 -11.05
N ILE C 136 -0.21 -13.82 -12.37
CA ILE C 136 -0.41 -12.72 -13.31
C ILE C 136 -1.82 -12.16 -13.18
N ILE C 137 -2.81 -13.04 -13.01
CA ILE C 137 -4.20 -12.59 -12.85
C ILE C 137 -4.35 -11.80 -11.56
N SER C 138 -3.69 -12.24 -10.49
CA SER C 138 -3.75 -11.49 -9.23
C SER C 138 -3.10 -10.13 -9.37
N THR C 139 -1.96 -10.06 -10.06
CA THR C 139 -1.30 -8.79 -10.30
C THR C 139 -2.18 -7.87 -11.15
N PHE C 140 -2.90 -8.44 -12.11
CA PHE C 140 -3.82 -7.65 -12.94
C PHE C 140 -4.95 -7.09 -12.09
N HIS C 141 -5.63 -7.95 -11.33
CA HIS C 141 -6.80 -7.51 -10.59
C HIS C 141 -6.44 -6.53 -9.48
N LEU C 142 -5.35 -6.80 -8.75
CA LEU C 142 -4.98 -5.91 -7.66
C LEU C 142 -4.41 -4.58 -8.17
N SER C 143 -4.05 -4.50 -9.45
CA SER C 143 -3.57 -3.25 -10.05
C SER C 143 -4.70 -2.40 -10.63
N ILE C 144 -5.93 -2.90 -10.67
CA ILE C 144 -7.04 -2.07 -11.18
C ILE C 144 -7.31 -0.93 -10.20
N PRO C 145 -7.32 0.34 -10.62
CA PRO C 145 -7.60 1.40 -9.65
C PRO C 145 -9.09 1.55 -9.38
N ASN C 146 -9.44 1.61 -8.10
CA ASN C 146 -10.80 1.92 -7.66
C ASN C 146 -11.81 0.90 -8.16
N PHE C 147 -11.49 -0.38 -7.97
CA PHE C 147 -12.42 -1.45 -8.31
C PHE C 147 -13.45 -1.57 -7.20
N ASN C 148 -14.73 -1.36 -7.55
CA ASN C 148 -15.82 -1.41 -6.58
C ASN C 148 -17.04 -2.21 -7.05
N GLN C 149 -17.18 -2.49 -8.35
CA GLN C 149 -18.29 -3.27 -8.87
C GLN C 149 -17.78 -4.68 -9.10
N TYR C 150 -18.00 -5.56 -8.11
CA TYR C 150 -17.52 -6.93 -8.24
C TYR C 150 -18.29 -7.69 -9.31
N GLU C 151 -19.56 -7.34 -9.55
CA GLU C 151 -20.35 -8.02 -10.56
C GLU C 151 -19.81 -7.81 -11.97
N ALA C 152 -18.99 -6.77 -12.19
CA ALA C 152 -18.38 -6.57 -13.50
C ALA C 152 -17.47 -7.72 -13.87
N MET C 153 -16.69 -8.23 -12.91
CA MET C 153 -15.76 -9.32 -13.15
C MET C 153 -16.45 -10.63 -12.82
N SER C 154 -16.47 -11.55 -13.79
CA SER C 154 -16.83 -12.94 -13.58
C SER C 154 -15.69 -13.80 -14.08
N CYS C 155 -15.71 -15.08 -13.75
CA CYS C 155 -14.60 -15.95 -14.13
C CYS C 155 -15.04 -17.40 -14.03
N ASP C 156 -14.19 -18.29 -14.57
CA ASP C 156 -14.49 -19.71 -14.64
C ASP C 156 -13.16 -20.47 -14.60
N PHE C 157 -12.86 -21.09 -13.46
CA PHE C 157 -11.65 -21.89 -13.27
C PHE C 157 -11.93 -23.39 -13.25
N ASN C 158 -13.05 -23.82 -13.81
CA ASN C 158 -13.43 -25.23 -13.71
C ASN C 158 -12.47 -26.08 -14.54
N GLY C 159 -11.98 -27.16 -13.94
CA GLY C 159 -11.03 -28.03 -14.59
C GLY C 159 -9.58 -27.57 -14.52
N GLY C 160 -9.30 -26.48 -13.81
CA GLY C 160 -7.97 -25.93 -13.73
C GLY C 160 -7.63 -24.85 -14.72
N LYS C 161 -8.50 -24.60 -15.70
CA LYS C 161 -8.26 -23.55 -16.67
C LYS C 161 -8.35 -22.18 -15.99
N ILE C 162 -8.06 -21.14 -16.75
CA ILE C 162 -8.21 -19.75 -16.30
C ILE C 162 -9.00 -19.01 -17.37
N SER C 163 -10.17 -18.50 -16.97
CA SER C 163 -11.01 -17.70 -17.85
C SER C 163 -11.64 -16.60 -17.00
N VAL C 164 -11.35 -15.35 -17.36
CA VAL C 164 -11.82 -14.18 -16.63
C VAL C 164 -12.48 -13.25 -17.64
N GLN C 165 -13.53 -12.55 -17.20
CA GLN C 165 -14.28 -11.65 -18.07
C GLN C 165 -14.62 -10.40 -17.27
N TYR C 166 -14.08 -9.27 -17.69
CA TYR C 166 -14.41 -7.95 -17.15
C TYR C 166 -15.44 -7.32 -18.07
N ASN C 167 -16.58 -6.93 -17.49
CA ASN C 167 -17.66 -6.27 -18.22
C ASN C 167 -17.37 -4.78 -18.29
N LEU C 168 -17.00 -4.30 -19.47
CA LEU C 168 -16.68 -2.89 -19.68
C LEU C 168 -17.89 -2.03 -20.01
N SER C 169 -19.08 -2.62 -20.12
CA SER C 169 -20.28 -1.84 -20.38
C SER C 169 -20.59 -0.93 -19.20
N HIS C 179 -19.54 9.72 -18.30
CA HIS C 179 -18.89 9.02 -19.41
C HIS C 179 -17.57 8.36 -19.04
N CYS C 180 -17.01 8.69 -17.88
CA CYS C 180 -15.77 8.06 -17.44
C CYS C 180 -15.72 8.13 -15.91
N GLY C 181 -14.55 7.78 -15.37
CA GLY C 181 -14.43 7.64 -13.93
C GLY C 181 -15.10 6.39 -13.38
N THR C 182 -15.26 5.36 -14.21
CA THR C 182 -15.99 4.15 -13.89
C THR C 182 -15.05 2.95 -13.92
N VAL C 183 -15.62 1.77 -13.71
CA VAL C 183 -14.82 0.55 -13.58
C VAL C 183 -14.20 0.16 -14.92
N ALA C 184 -14.86 0.47 -16.03
CA ALA C 184 -14.28 0.17 -17.34
C ALA C 184 -12.96 0.91 -17.54
N ASN C 185 -12.88 2.15 -17.06
CA ASN C 185 -11.63 2.89 -17.14
C ASN C 185 -10.54 2.21 -16.33
N GLY C 186 -10.86 1.77 -15.11
CA GLY C 186 -9.87 1.10 -14.29
C GLY C 186 -9.38 -0.20 -14.90
N VAL C 187 -10.28 -0.96 -15.51
CA VAL C 187 -9.87 -2.19 -16.18
C VAL C 187 -9.00 -1.87 -17.39
N LEU C 188 -9.37 -0.86 -18.18
CA LEU C 188 -8.62 -0.57 -19.40
C LEU C 188 -7.24 0.00 -19.10
N GLN C 189 -7.09 0.75 -18.01
CA GLN C 189 -5.78 1.29 -17.66
C GLN C 189 -4.80 0.15 -17.34
N THR C 190 -5.23 -0.79 -16.50
CA THR C 190 -4.37 -1.92 -16.18
C THR C 190 -4.17 -2.82 -17.38
N PHE C 191 -5.17 -2.91 -18.26
CA PHE C 191 -4.99 -3.66 -19.50
C PHE C 191 -3.88 -3.08 -20.35
N MET C 192 -3.93 -1.77 -20.61
CA MET C 192 -2.92 -1.21 -21.50
C MET C 192 -1.55 -1.16 -20.83
N ARG C 193 -1.49 -1.04 -19.50
CA ARG C 193 -0.21 -1.12 -18.82
C ARG C 193 0.35 -2.54 -18.83
N MET C 194 -0.52 -3.55 -18.73
CA MET C 194 -0.07 -4.92 -18.73
C MET C 194 0.57 -5.29 -20.06
N ALA C 195 -0.04 -4.86 -21.16
CA ALA C 195 0.53 -4.99 -22.50
C ALA C 195 0.88 -3.58 -22.97
N TRP C 196 2.07 -3.12 -22.58
CA TRP C 196 2.43 -1.73 -22.83
C TRP C 196 2.70 -1.47 -24.30
N GLY C 197 3.46 -2.34 -24.94
CA GLY C 197 3.73 -2.21 -26.36
C GLY C 197 2.58 -2.71 -27.22
N GLY C 198 1.91 -1.81 -27.91
CA GLY C 198 0.87 -2.17 -28.85
C GLY C 198 -0.55 -2.10 -28.34
N SER C 199 -0.77 -1.60 -27.12
CA SER C 199 -2.12 -1.42 -26.61
C SER C 199 -2.74 -0.08 -27.01
N TYR C 200 -1.93 0.88 -27.45
CA TYR C 200 -2.46 2.19 -27.83
C TYR C 200 -3.42 2.09 -29.02
N ILE C 201 -3.19 1.14 -29.93
CA ILE C 201 -4.10 0.99 -31.07
C ILE C 201 -5.47 0.51 -30.61
N ALA C 202 -5.53 -0.28 -29.54
CA ALA C 202 -6.82 -0.78 -29.06
C ALA C 202 -7.71 0.34 -28.54
N LEU C 203 -7.12 1.45 -28.08
CA LEU C 203 -7.88 2.52 -27.47
C LEU C 203 -8.51 3.41 -28.53
N ASP C 204 -9.55 4.15 -28.12
CA ASP C 204 -10.23 5.06 -29.04
C ASP C 204 -9.30 6.17 -29.50
N SER C 205 -8.55 6.76 -28.57
CA SER C 205 -7.65 7.87 -28.85
C SER C 205 -6.19 7.42 -28.95
N GLY C 206 -5.74 6.59 -28.03
CA GLY C 206 -4.37 6.12 -28.00
C GLY C 206 -3.40 7.04 -27.27
N CYS C 207 -3.81 8.27 -26.96
CA CYS C 207 -2.94 9.21 -26.26
C CYS C 207 -3.77 10.41 -25.79
N GLY C 208 -3.22 11.13 -24.82
CA GLY C 208 -3.80 12.37 -24.35
C GLY C 208 -4.98 12.22 -23.40
N ASN C 209 -5.46 10.99 -23.18
CA ASN C 209 -6.65 10.74 -22.36
C ASN C 209 -6.34 9.58 -21.44
N TRP C 210 -6.17 9.86 -20.15
CA TRP C 210 -5.90 8.83 -19.14
C TRP C 210 -7.09 8.63 -18.20
N ASP C 211 -7.57 9.69 -17.56
CA ASP C 211 -8.66 9.54 -16.61
C ASP C 211 -9.96 9.14 -17.27
N CYS C 212 -10.09 9.34 -18.59
CA CYS C 212 -11.25 8.88 -19.34
C CYS C 212 -10.83 8.06 -20.55
N ILE C 213 -9.87 7.16 -20.35
CA ILE C 213 -9.51 6.18 -21.37
C ILE C 213 -10.71 5.28 -21.63
N MET C 214 -10.93 4.93 -22.90
CA MET C 214 -12.13 4.18 -23.26
C MET C 214 -11.91 3.47 -24.58
N THR C 215 -12.58 2.33 -24.74
CA THR C 215 -12.63 1.58 -25.98
C THR C 215 -14.09 1.26 -26.30
N SER C 216 -14.36 1.03 -27.58
CA SER C 216 -15.70 0.67 -28.01
C SER C 216 -16.09 -0.75 -27.61
N TYR C 217 -15.11 -1.62 -27.37
CA TYR C 217 -15.41 -2.99 -27.00
C TYR C 217 -16.04 -3.06 -25.62
N GLN C 218 -16.84 -4.10 -25.40
CA GLN C 218 -17.70 -4.21 -24.22
C GLN C 218 -17.18 -5.17 -23.17
N TYR C 219 -16.30 -6.10 -23.52
CA TYR C 219 -15.77 -7.09 -22.59
C TYR C 219 -14.27 -7.26 -22.81
N LEU C 220 -13.54 -7.42 -21.71
CA LEU C 220 -12.14 -7.84 -21.72
C LEU C 220 -12.09 -9.26 -21.20
N ILE C 221 -11.61 -10.18 -22.03
CA ILE C 221 -11.62 -11.61 -21.74
C ILE C 221 -10.18 -12.08 -21.67
N ILE C 222 -9.81 -12.70 -20.55
CA ILE C 222 -8.46 -13.18 -20.27
C ILE C 222 -8.55 -14.69 -20.15
N GLN C 223 -7.94 -15.41 -21.09
CA GLN C 223 -8.02 -16.87 -21.16
C GLN C 223 -6.64 -17.48 -21.27
N ASN C 224 -6.41 -18.58 -20.55
CA ASN C 224 -5.14 -19.28 -20.70
C ASN C 224 -5.05 -19.90 -22.08
N THR C 225 -3.82 -19.92 -22.61
CA THR C 225 -3.57 -20.33 -23.99
C THR C 225 -2.18 -20.92 -24.08
N THR C 226 -1.96 -21.68 -25.15
CA THR C 226 -0.66 -22.27 -25.43
C THR C 226 0.21 -21.29 -26.22
N TRP C 227 1.51 -21.56 -26.31
CA TRP C 227 2.46 -20.61 -26.95
C TRP C 227 2.45 -20.73 -28.48
N GLU C 228 2.41 -19.59 -29.17
CA GLU C 228 2.49 -19.52 -30.65
C GLU C 228 3.12 -18.15 -30.96
N ASP C 229 3.54 -17.90 -32.19
CA ASP C 229 4.11 -16.58 -32.58
C ASP C 229 2.95 -15.57 -32.64
N HIS C 230 2.86 -14.64 -31.68
CA HIS C 230 1.73 -13.69 -31.61
C HIS C 230 2.15 -12.23 -31.81
N CYS C 231 3.41 -11.84 -31.63
CA CYS C 231 3.81 -10.40 -31.67
C CYS C 231 4.03 -9.93 -33.11
N GLN C 232 2.96 -9.62 -33.83
CA GLN C 232 3.03 -9.10 -35.21
C GLN C 232 2.96 -7.59 -35.20
N PHE C 233 2.62 -6.97 -34.07
CA PHE C 233 2.50 -5.50 -33.95
C PHE C 233 3.61 -4.99 -33.02
N SER C 234 3.86 -5.70 -31.93
CA SER C 234 4.87 -5.30 -30.95
C SER C 234 5.73 -6.50 -30.59
N ARG C 235 6.96 -6.22 -30.19
CA ARG C 235 7.88 -7.28 -29.81
C ARG C 235 7.60 -7.74 -28.38
N PRO C 236 7.94 -8.99 -28.03
CA PRO C 236 7.78 -9.39 -26.63
C PRO C 236 8.65 -8.56 -25.70
N SER C 237 8.09 -8.25 -24.53
CA SER C 237 8.70 -7.32 -23.59
C SER C 237 8.14 -7.56 -22.19
N PRO C 238 8.96 -7.69 -21.14
CA PRO C 238 8.40 -7.86 -19.79
C PRO C 238 8.06 -6.56 -19.10
N ILE C 239 8.19 -5.41 -19.77
CA ILE C 239 8.22 -4.14 -19.06
C ILE C 239 6.86 -3.82 -18.45
N GLY C 240 5.78 -4.16 -19.13
CA GLY C 240 4.45 -3.85 -18.60
C GLY C 240 4.16 -4.60 -17.30
N TYR C 241 4.43 -5.91 -17.29
CA TYR C 241 4.21 -6.70 -16.09
C TYR C 241 5.13 -6.27 -14.96
N LEU C 242 6.40 -6.03 -15.27
CA LEU C 242 7.35 -5.61 -14.25
C LEU C 242 6.99 -4.25 -13.68
N GLY C 243 6.42 -3.36 -14.51
CA GLY C 243 5.92 -2.11 -13.99
C GLY C 243 4.71 -2.30 -13.10
N LEU C 244 3.78 -3.17 -13.50
CA LEU C 244 2.57 -3.36 -12.70
C LEU C 244 2.82 -4.13 -11.40
N LEU C 245 3.97 -4.80 -11.27
CA LEU C 245 4.28 -5.44 -10.00
C LEU C 245 4.31 -4.45 -8.85
N SER C 246 4.73 -3.21 -9.10
CA SER C 246 4.70 -2.17 -8.08
C SER C 246 3.31 -1.61 -7.85
N GLN C 247 2.37 -1.81 -8.78
CA GLN C 247 1.03 -1.26 -8.70
C GLN C 247 0.09 -2.09 -7.84
N ARG C 248 0.49 -3.29 -7.42
CA ARG C 248 -0.42 -4.20 -6.74
C ARG C 248 -0.85 -3.64 -5.40
N THR C 249 -2.16 -3.65 -5.15
CA THR C 249 -2.75 -3.21 -3.88
C THR C 249 -2.42 -1.76 -3.56
N ARG C 250 -2.21 -0.94 -4.59
CA ARG C 250 -1.80 0.45 -4.42
C ARG C 250 -2.94 1.44 -4.56
N ASP C 251 -4.00 1.08 -5.29
CA ASP C 251 -5.15 1.94 -5.52
C ASP C 251 -6.45 1.14 -5.39
N ILE C 252 -6.47 0.19 -4.46
CA ILE C 252 -7.66 -0.60 -4.15
C ILE C 252 -8.46 0.10 -3.07
N TYR C 253 -9.73 -0.28 -2.94
CA TYR C 253 -10.63 0.21 -1.92
C TYR C 253 -10.74 -0.79 -0.77
N ILE C 254 -10.92 -0.26 0.44
CA ILE C 254 -11.22 -1.09 1.59
C ILE C 254 -12.67 -1.56 1.52
N SER C 255 -12.88 -2.85 1.80
CA SER C 255 -14.21 -3.44 1.94
C SER C 255 -14.52 -3.91 3.36
N ARG C 256 -13.55 -3.83 4.28
CA ARG C 256 -13.72 -4.31 5.66
C ARG C 256 -12.95 -3.39 6.59
N ARG C 257 -13.32 -3.47 7.87
CA ARG C 257 -12.49 -2.84 8.90
C ARG C 257 -11.13 -3.51 8.99
N LEU C 258 -11.10 -4.84 8.92
CA LEU C 258 -9.88 -5.64 9.00
C LEU C 258 -9.61 -6.26 7.63
N LEU C 259 -8.58 -5.78 6.96
CA LEU C 259 -8.19 -6.34 5.67
C LEU C 259 -7.43 -7.64 5.88
N UNK D 1 -40.52 -17.54 12.26
CA UNK D 1 -40.75 -17.45 13.69
C UNK D 1 -42.24 -17.48 13.98
N UNK D 2 -42.61 -17.95 15.17
CA UNK D 2 -43.99 -18.06 15.59
C UNK D 2 -44.11 -17.72 17.07
N UNK D 3 -45.04 -16.82 17.40
CA UNK D 3 -45.29 -16.42 18.78
C UNK D 3 -46.35 -17.32 19.39
N UNK D 4 -46.26 -17.50 20.70
CA UNK D 4 -47.19 -18.36 21.43
C UNK D 4 -47.10 -18.04 22.91
N UNK D 5 -47.86 -18.78 23.71
CA UNK D 5 -47.97 -18.63 25.16
C UNK D 5 -48.67 -17.34 25.57
N UNK D 6 -49.46 -16.74 24.67
CA UNK D 6 -50.30 -15.60 25.00
C UNK D 6 -51.67 -16.07 25.45
N UNK D 7 -52.23 -15.41 26.46
CA UNK D 7 -53.51 -15.82 27.03
C UNK D 7 -54.20 -14.61 27.62
N UNK D 8 -55.50 -14.76 27.87
CA UNK D 8 -56.32 -13.70 28.46
C UNK D 8 -56.13 -13.70 29.97
N UNK D 9 -54.92 -13.32 30.38
CA UNK D 9 -54.58 -13.31 31.80
C UNK D 9 -55.35 -12.23 32.54
N UNK D 10 -55.57 -12.48 33.84
CA UNK D 10 -56.30 -11.53 34.66
C UNK D 10 -55.45 -10.27 34.88
N UNK D 11 -56.11 -9.22 35.37
CA UNK D 11 -55.43 -7.96 35.62
C UNK D 11 -54.38 -8.13 36.72
N UNK D 12 -53.26 -7.43 36.56
CA UNK D 12 -52.15 -7.46 37.51
C UNK D 12 -51.59 -8.87 37.70
N UNK D 13 -51.61 -9.66 36.63
CA UNK D 13 -51.11 -11.04 36.64
C UNK D 13 -49.91 -11.16 35.71
N UNK D 14 -48.87 -11.85 36.19
CA UNK D 14 -47.68 -12.06 35.38
C UNK D 14 -48.00 -12.94 34.18
N UNK D 15 -47.31 -12.69 33.07
CA UNK D 15 -47.51 -13.44 31.84
C UNK D 15 -46.18 -13.52 31.11
N UNK D 16 -46.10 -14.48 30.18
CA UNK D 16 -44.90 -14.69 29.38
C UNK D 16 -45.29 -15.17 28.00
N UNK D 17 -44.74 -14.51 26.97
CA UNK D 17 -44.96 -14.85 25.58
C UNK D 17 -43.65 -15.31 24.95
N UNK D 18 -43.67 -16.45 24.28
CA UNK D 18 -42.47 -17.08 23.74
C UNK D 18 -42.55 -17.11 22.21
N UNK D 19 -41.51 -16.58 21.57
CA UNK D 19 -41.36 -16.64 20.12
C UNK D 19 -40.33 -17.71 19.79
N UNK D 20 -40.75 -18.73 19.05
CA UNK D 20 -39.90 -19.85 18.65
C UNK D 20 -39.54 -19.70 17.18
N UNK D 21 -38.25 -19.83 16.88
CA UNK D 21 -37.75 -19.67 15.52
C UNK D 21 -37.87 -20.97 14.75
N UNK D 22 -37.65 -20.87 13.44
CA UNK D 22 -37.70 -22.03 12.55
C UNK D 22 -36.73 -21.81 11.41
N UNK D 23 -35.88 -22.82 11.16
CA UNK D 23 -34.85 -22.74 10.12
C UNK D 23 -33.90 -21.56 10.36
N UNK D 24 -33.61 -21.29 11.63
CA UNK D 24 -32.73 -20.20 12.00
C UNK D 24 -32.23 -20.44 13.41
N UNK D 25 -30.97 -20.09 13.66
CA UNK D 25 -30.39 -20.29 14.99
C UNK D 25 -31.11 -19.43 16.03
N UNK D 26 -31.41 -18.18 15.69
CA UNK D 26 -32.07 -17.17 16.52
C UNK D 26 -31.15 -16.57 17.58
N UNK D 27 -29.91 -17.05 17.73
CA UNK D 27 -28.94 -16.49 18.66
C UNK D 27 -27.99 -15.50 17.99
N UNK D 28 -27.71 -15.68 16.71
CA UNK D 28 -26.87 -14.76 15.97
C UNK D 28 -27.60 -13.51 15.51
N UNK D 29 -28.94 -13.54 15.47
CA UNK D 29 -29.75 -12.44 14.96
C UNK D 29 -30.41 -11.70 16.11
N UNK D 30 -30.51 -10.39 15.99
CA UNK D 30 -31.17 -9.56 17.00
C UNK D 30 -32.67 -9.62 16.80
N UNK D 31 -33.40 -10.02 17.85
CA UNK D 31 -34.84 -10.22 17.79
C UNK D 31 -35.54 -9.09 18.53
N UNK D 32 -36.46 -8.42 17.83
CA UNK D 32 -37.19 -7.28 18.36
C UNK D 32 -38.65 -7.68 18.57
N UNK D 33 -39.16 -7.41 19.77
CA UNK D 33 -40.55 -7.67 20.13
C UNK D 33 -41.34 -6.37 20.07
N UNK D 34 -42.44 -6.39 19.33
CA UNK D 34 -43.34 -5.26 19.16
C UNK D 34 -44.75 -5.71 19.50
N UNK D 35 -45.66 -4.74 19.62
CA UNK D 35 -47.05 -5.01 19.97
C UNK D 35 -47.95 -4.03 19.24
N UNK D 36 -49.13 -4.52 18.84
CA UNK D 36 -50.15 -3.70 18.19
C UNK D 36 -51.46 -3.88 18.96
N UNK D 37 -52.02 -2.77 19.43
CA UNK D 37 -53.28 -2.80 20.15
C UNK D 37 -54.44 -2.90 19.16
N UNK D 38 -55.65 -2.94 19.70
CA UNK D 38 -56.84 -3.01 18.85
C UNK D 38 -57.02 -1.69 18.11
N UNK D 39 -57.03 -1.75 16.79
CA UNK D 39 -57.23 -0.57 15.93
C UNK D 39 -56.17 0.50 16.20
N UNK D 40 -54.91 0.07 16.25
CA UNK D 40 -53.80 0.97 16.46
C UNK D 40 -52.55 0.39 15.81
N UNK D 41 -51.65 1.29 15.40
CA UNK D 41 -50.43 0.87 14.74
C UNK D 41 -49.49 0.20 15.76
N UNK D 42 -48.59 -0.62 15.22
CA UNK D 42 -47.67 -1.37 16.07
C UNK D 42 -46.70 -0.43 16.78
N UNK D 43 -46.39 -0.76 18.03
CA UNK D 43 -45.44 -0.02 18.85
C UNK D 43 -44.35 -0.98 19.32
N UNK D 44 -43.10 -0.57 19.15
CA UNK D 44 -41.98 -1.42 19.53
C UNK D 44 -41.91 -1.53 21.05
N UNK D 45 -41.79 -2.77 21.55
CA UNK D 45 -41.73 -3.03 22.98
C UNK D 45 -40.28 -3.10 23.46
N UNK D 46 -39.48 -3.98 22.86
CA UNK D 46 -38.10 -4.15 23.30
C UNK D 46 -37.35 -4.93 22.24
N UNK D 47 -36.08 -5.23 22.52
CA UNK D 47 -35.25 -6.00 21.60
C UNK D 47 -34.08 -6.61 22.36
N UNK D 48 -33.64 -7.77 21.87
CA UNK D 48 -32.47 -8.47 22.37
C UNK D 48 -31.47 -8.61 21.23
N UNK D 49 -30.24 -8.18 21.45
CA UNK D 49 -29.23 -8.16 20.42
C UNK D 49 -28.62 -9.55 20.22
N UNK D 50 -27.77 -9.67 19.20
CA UNK D 50 -27.09 -10.93 18.95
C UNK D 50 -26.15 -11.30 20.10
N UNK D 51 -25.58 -10.30 20.77
CA UNK D 51 -24.72 -10.52 21.93
C UNK D 51 -25.49 -10.55 23.24
N UNK D 52 -26.80 -10.81 23.21
CA UNK D 52 -27.69 -10.94 24.36
C UNK D 52 -27.98 -9.63 25.06
N UNK D 53 -27.46 -8.49 24.59
CA UNK D 53 -27.78 -7.21 25.21
C UNK D 53 -29.23 -6.84 24.93
N UNK D 54 -29.91 -6.37 25.97
CA UNK D 54 -31.33 -6.04 25.90
C UNK D 54 -31.54 -4.54 25.97
N UNK D 55 -32.41 -4.04 25.09
CA UNK D 55 -32.83 -2.65 25.10
C UNK D 55 -34.36 -2.62 25.09
N UNK D 56 -34.92 -1.57 25.69
CA UNK D 56 -36.36 -1.47 25.86
C UNK D 56 -36.80 -0.02 25.67
N UNK D 57 -38.06 0.14 25.28
CA UNK D 57 -38.62 1.47 25.08
C UNK D 57 -38.82 2.16 26.43
N UNK D 58 -39.05 3.47 26.36
CA UNK D 58 -39.25 4.25 27.57
C UNK D 58 -40.51 3.80 28.32
N UNK D 59 -41.58 3.48 27.58
CA UNK D 59 -42.82 3.05 28.22
C UNK D 59 -42.64 1.72 28.94
N UNK D 60 -41.95 0.76 28.32
CA UNK D 60 -41.80 -0.59 28.84
C UNK D 60 -40.36 -0.86 29.27
N UNK D 61 -39.71 0.12 29.87
CA UNK D 61 -38.34 -0.05 30.32
C UNK D 61 -38.24 -1.09 31.44
N UNK D 62 -39.21 -1.07 32.37
CA UNK D 62 -39.25 -1.98 33.51
C UNK D 62 -40.54 -2.78 33.64
N UNK D 63 -41.60 -2.37 32.95
CA UNK D 63 -42.86 -3.12 33.03
C UNK D 63 -42.70 -4.51 32.43
N UNK D 64 -41.95 -4.63 31.33
CA UNK D 64 -41.70 -5.88 30.64
C UNK D 64 -40.21 -6.13 30.54
N UNK D 65 -39.85 -7.42 30.46
CA UNK D 65 -38.47 -7.85 30.30
C UNK D 65 -38.40 -8.85 29.16
N UNK D 66 -37.20 -9.02 28.60
CA UNK D 66 -36.97 -9.93 27.49
C UNK D 66 -35.70 -10.73 27.77
N UNK D 67 -35.66 -11.97 27.27
CA UNK D 67 -34.49 -12.81 27.48
C UNK D 67 -34.51 -13.97 26.49
N UNK D 68 -33.30 -14.35 26.07
CA UNK D 68 -33.11 -15.57 25.27
C UNK D 68 -32.87 -16.72 26.25
N UNK D 69 -33.98 -17.22 26.82
CA UNK D 69 -33.88 -18.25 27.84
C UNK D 69 -33.29 -19.54 27.29
N UNK D 70 -33.68 -19.91 26.07
CA UNK D 70 -33.15 -21.08 25.39
C UNK D 70 -32.94 -20.76 23.91
N UNK D 71 -32.03 -21.49 23.29
CA UNK D 71 -31.78 -21.32 21.87
C UNK D 71 -33.03 -21.66 21.07
N UNK D 72 -33.22 -20.96 19.95
CA UNK D 72 -34.44 -21.04 19.14
C UNK D 72 -35.67 -20.67 19.97
N UNK D 73 -35.53 -19.70 20.86
CA UNK D 73 -36.63 -19.25 21.70
C UNK D 73 -36.27 -17.91 22.31
N UNK D 74 -37.22 -16.97 22.27
CA UNK D 74 -37.07 -15.66 22.89
C UNK D 74 -38.33 -15.38 23.71
N UNK D 75 -38.15 -15.16 25.01
CA UNK D 75 -39.26 -15.03 25.95
C UNK D 75 -39.36 -13.60 26.44
N UNK D 76 -40.55 -13.01 26.31
CA UNK D 76 -40.88 -11.69 26.83
C UNK D 76 -41.83 -11.88 28.00
N UNK D 77 -41.38 -11.48 29.19
CA UNK D 77 -42.17 -11.58 30.41
C UNK D 77 -42.79 -10.22 30.71
N UNK D 78 -44.12 -10.18 30.73
CA UNK D 78 -44.89 -8.98 31.05
C UNK D 78 -45.36 -9.09 32.50
N UNK D 79 -44.97 -8.11 33.31
CA UNK D 79 -45.35 -8.03 34.71
C UNK D 79 -46.43 -6.98 34.90
N UNK D 80 -47.42 -7.30 35.74
CA UNK D 80 -48.55 -6.41 36.02
C UNK D 80 -49.33 -6.12 34.74
N UNK D 81 -49.87 -7.17 34.15
CA UNK D 81 -50.68 -7.03 32.94
C UNK D 81 -51.96 -6.25 33.24
N UNK D 82 -52.42 -5.49 32.25
CA UNK D 82 -53.59 -4.66 32.39
C UNK D 82 -54.29 -4.55 31.05
N UNK D 83 -55.44 -3.87 31.06
CA UNK D 83 -56.20 -3.67 29.83
C UNK D 83 -55.42 -2.84 28.81
N UNK D 84 -54.60 -1.90 29.29
CA UNK D 84 -53.75 -1.13 28.38
C UNK D 84 -52.72 -2.02 27.70
N UNK D 85 -52.27 -3.07 28.37
CA UNK D 85 -51.32 -4.01 27.79
C UNK D 85 -51.98 -5.03 26.87
N UNK D 86 -53.30 -5.06 26.76
CA UNK D 86 -53.98 -5.98 25.87
C UNK D 86 -53.65 -5.64 24.42
N UNK D 87 -53.06 -6.58 23.70
CA UNK D 87 -52.58 -6.32 22.35
C UNK D 87 -52.13 -7.64 21.73
N UNK D 88 -51.83 -7.58 20.43
CA UNK D 88 -51.20 -8.69 19.71
C UNK D 88 -49.71 -8.41 19.64
N UNK D 89 -48.92 -9.29 20.25
CA UNK D 89 -47.47 -9.15 20.32
C UNK D 89 -46.81 -10.04 19.27
N UNK D 90 -45.72 -9.54 18.69
CA UNK D 90 -45.03 -10.25 17.62
C UNK D 90 -43.54 -9.98 17.69
N UNK D 91 -42.75 -11.03 17.46
CA UNK D 91 -41.29 -10.93 17.37
C UNK D 91 -40.86 -10.91 15.91
N UNK D 92 -39.72 -10.28 15.66
CA UNK D 92 -39.18 -10.18 14.31
C UNK D 92 -37.67 -10.09 14.35
N UNK D 93 -37.01 -10.82 13.46
CA UNK D 93 -35.56 -10.71 13.32
C UNK D 93 -35.20 -9.35 12.75
N UNK D 94 -34.12 -8.75 13.29
CA UNK D 94 -33.77 -7.37 12.97
C UNK D 94 -32.27 -7.16 12.75
N UNK D 95 -31.46 -8.21 12.69
CA UNK D 95 -30.03 -8.07 12.45
C UNK D 95 -29.47 -9.44 12.13
N UNK D 96 -28.14 -9.53 12.01
CA UNK D 96 -27.47 -10.79 11.72
C UNK D 96 -25.97 -10.58 11.89
N UNK D 97 -25.29 -11.62 12.38
CA UNK D 97 -23.84 -11.58 12.50
C UNK D 97 -23.19 -11.98 11.18
N UNK D 98 -22.24 -11.18 10.73
CA UNK D 98 -21.58 -11.45 9.46
C UNK D 98 -20.74 -12.72 9.54
N UNK D 99 -20.70 -13.46 8.44
CA UNK D 99 -19.93 -14.69 8.32
C UNK D 99 -18.58 -14.40 7.65
N UNK D 100 -17.71 -15.41 7.68
CA UNK D 100 -16.40 -15.27 7.05
C UNK D 100 -16.53 -15.12 5.54
N UNK D 101 -17.45 -15.88 4.93
CA UNK D 101 -17.62 -15.83 3.48
C UNK D 101 -18.18 -14.49 3.01
N UNK D 102 -18.92 -13.77 3.85
CA UNK D 102 -19.51 -12.50 3.45
C UNK D 102 -18.43 -11.43 3.32
N UNK D 103 -18.73 -10.41 2.51
CA UNK D 103 -17.79 -9.32 2.28
C UNK D 103 -17.62 -8.41 3.48
N UNK D 104 -18.46 -8.53 4.51
CA UNK D 104 -18.33 -7.71 5.71
C UNK D 104 -17.15 -8.19 6.56
N UNK D 105 -16.86 -7.42 7.61
CA UNK D 105 -15.91 -7.88 8.62
C UNK D 105 -16.54 -8.99 9.43
N UNK D 106 -15.84 -10.11 9.58
CA UNK D 106 -16.41 -11.30 10.18
C UNK D 106 -16.74 -11.07 11.65
N UNK D 107 -17.80 -11.73 12.11
CA UNK D 107 -18.31 -11.68 13.48
C UNK D 107 -18.89 -10.33 13.86
N UNK D 108 -19.19 -9.47 12.89
CA UNK D 108 -19.77 -8.16 13.13
C UNK D 108 -21.27 -8.18 12.84
N UNK D 109 -22.01 -7.36 13.58
CA UNK D 109 -23.44 -7.23 13.36
C UNK D 109 -23.72 -6.44 12.09
N UNK D 110 -24.90 -6.67 11.51
CA UNK D 110 -25.35 -5.99 10.31
C UNK D 110 -26.77 -5.47 10.52
N UNK D 111 -27.06 -4.33 9.91
CA UNK D 111 -28.37 -3.72 10.01
C UNK D 111 -29.35 -4.43 9.09
N UNK D 112 -30.56 -4.67 9.60
CA UNK D 112 -31.63 -5.27 8.82
C UNK D 112 -32.96 -4.83 9.39
N UNK D 113 -33.96 -4.72 8.52
CA UNK D 113 -35.30 -4.35 8.95
C UNK D 113 -35.93 -5.51 9.72
N UNK D 114 -37.13 -5.26 10.23
CA UNK D 114 -37.88 -6.28 10.97
C UNK D 114 -38.48 -7.27 9.99
N UNK D 115 -37.62 -8.15 9.48
CA UNK D 115 -37.99 -9.16 8.50
C UNK D 115 -38.39 -10.45 9.20
N UNK D 116 -39.18 -11.26 8.48
CA UNK D 116 -39.69 -12.53 9.00
C UNK D 116 -40.48 -12.30 10.29
N UNK D 117 -41.49 -11.43 10.21
CA UNK D 117 -42.32 -11.14 11.36
C UNK D 117 -43.17 -12.34 11.71
N UNK D 118 -43.13 -12.74 12.98
CA UNK D 118 -43.87 -13.91 13.43
C UNK D 118 -45.37 -13.61 13.47
N UNK D 119 -46.16 -14.67 13.40
CA UNK D 119 -47.61 -14.53 13.57
C UNK D 119 -47.91 -14.02 14.96
N UNK D 120 -48.60 -12.89 15.04
CA UNK D 120 -48.80 -12.22 16.32
C UNK D 120 -49.73 -13.03 17.21
N UNK D 121 -49.39 -13.07 18.50
CA UNK D 121 -50.18 -13.76 19.52
C UNK D 121 -50.94 -12.73 20.35
N UNK D 122 -52.24 -12.96 20.54
CA UNK D 122 -53.10 -12.01 21.21
C UNK D 122 -53.13 -12.28 22.71
N UNK D 123 -52.95 -11.22 23.51
CA UNK D 123 -53.06 -11.28 24.95
C UNK D 123 -54.00 -10.19 25.41
N UNK D 124 -54.81 -10.51 26.43
CA UNK D 124 -55.81 -9.59 26.97
C UNK D 124 -55.72 -9.58 28.48
N UNK D 125 -56.03 -8.42 29.06
CA UNK D 125 -55.99 -8.25 30.51
C UNK D 125 -56.70 -6.96 30.92
N UNK E 1 -38.87 9.52 18.02
CA UNK E 1 -40.27 9.19 17.76
C UNK E 1 -40.73 9.79 16.45
N UNK E 2 -40.75 8.97 15.40
CA UNK E 2 -41.17 9.43 14.09
C UNK E 2 -42.66 9.74 14.08
N UNK E 3 -43.02 10.85 13.43
CA UNK E 3 -44.40 11.30 13.30
C UNK E 3 -44.83 11.16 11.85
N UNK E 4 -45.94 10.47 11.63
CA UNK E 4 -46.44 10.23 10.29
C UNK E 4 -47.30 11.39 9.79
N UNK E 5 -47.55 11.41 8.48
CA UNK E 5 -48.29 12.49 7.86
C UNK E 5 -48.83 12.02 6.51
N UNK E 6 -49.81 12.75 6.01
CA UNK E 6 -50.60 12.36 4.85
C UNK E 6 -51.31 11.03 5.08
N UNK E 7 -51.82 10.86 6.31
CA UNK E 7 -52.54 9.64 6.68
C UNK E 7 -53.95 9.68 6.10
N UNK E 8 -54.56 8.48 6.04
CA UNK E 8 -55.92 8.30 5.51
C UNK E 8 -56.01 8.80 4.07
N UNK E 9 -55.03 8.41 3.26
CA UNK E 9 -54.93 8.87 1.88
C UNK E 9 -55.75 7.94 0.99
N UNK E 10 -56.84 8.47 0.43
CA UNK E 10 -57.71 7.73 -0.48
C UNK E 10 -57.37 8.14 -1.91
N UNK E 11 -57.07 7.16 -2.75
CA UNK E 11 -56.68 7.39 -4.14
C UNK E 11 -57.38 6.38 -5.04
N UNK E 12 -57.56 6.78 -6.29
CA UNK E 12 -58.19 5.91 -7.28
C UNK E 12 -57.18 4.90 -7.81
N UNK E 13 -57.69 3.91 -8.53
CA UNK E 13 -56.82 2.95 -9.18
C UNK E 13 -55.99 3.64 -10.25
N UNK E 14 -54.74 3.18 -10.40
CA UNK E 14 -53.78 3.81 -11.32
C UNK E 14 -53.56 5.28 -10.98
N UNK E 15 -53.54 5.58 -9.68
CA UNK E 15 -53.26 6.93 -9.19
C UNK E 15 -52.44 6.81 -7.91
N UNK E 16 -51.40 7.63 -7.80
CA UNK E 16 -50.47 7.52 -6.70
C UNK E 16 -51.07 8.07 -5.41
N UNK E 17 -50.58 7.54 -4.29
CA UNK E 17 -50.91 8.04 -2.95
C UNK E 17 -49.62 8.13 -2.15
N UNK E 18 -49.41 9.25 -1.48
CA UNK E 18 -48.16 9.57 -0.81
C UNK E 18 -48.35 9.58 0.71
N UNK E 19 -47.49 8.86 1.42
CA UNK E 19 -47.39 8.90 2.86
C UNK E 19 -46.03 9.45 3.25
N UNK E 20 -45.95 10.10 4.41
CA UNK E 20 -44.73 10.76 4.86
C UNK E 20 -44.50 10.47 6.33
N UNK E 21 -43.23 10.57 6.74
CA UNK E 21 -42.86 10.41 8.12
C UNK E 21 -41.63 11.28 8.39
N UNK E 22 -41.63 11.93 9.55
CA UNK E 22 -40.56 12.83 9.97
C UNK E 22 -40.00 12.33 11.28
N UNK E 23 -38.69 12.07 11.30
CA UNK E 23 -38.04 11.61 12.52
C UNK E 23 -37.72 12.78 13.43
N UNK E 24 -37.65 12.49 14.73
CA UNK E 24 -37.25 13.51 15.71
C UNK E 24 -35.80 13.92 15.54
N UNK E 25 -34.96 13.06 14.96
CA UNK E 25 -33.56 13.37 14.71
C UNK E 25 -33.13 12.67 13.43
N UNK E 26 -31.96 13.05 12.94
CA UNK E 26 -31.43 12.49 11.69
C UNK E 26 -31.12 11.01 11.90
N UNK E 27 -31.94 10.14 11.31
CA UNK E 27 -31.78 8.69 11.42
C UNK E 27 -31.00 8.08 10.26
N UNK E 28 -30.47 8.89 9.35
CA UNK E 28 -29.76 8.40 8.16
C UNK E 28 -30.74 7.52 7.36
N UNK E 29 -30.22 6.52 6.64
CA UNK E 29 -31.05 5.59 5.89
C UNK E 29 -31.49 4.38 6.73
N UNK E 30 -31.39 4.47 8.05
CA UNK E 30 -31.83 3.38 8.93
C UNK E 30 -33.33 3.50 9.21
N UNK E 31 -34.12 3.39 8.14
CA UNK E 31 -35.57 3.47 8.22
C UNK E 31 -36.16 2.52 7.20
N UNK E 32 -37.33 1.99 7.52
CA UNK E 32 -38.03 1.01 6.69
C UNK E 32 -39.51 1.32 6.71
N UNK E 33 -40.22 0.78 5.71
CA UNK E 33 -41.66 0.94 5.58
C UNK E 33 -42.28 -0.43 5.36
N UNK E 34 -43.32 -0.74 6.15
CA UNK E 34 -44.03 -2.00 6.11
C UNK E 34 -45.49 -1.73 5.79
N UNK E 35 -46.17 -2.77 5.30
CA UNK E 35 -47.56 -2.70 4.85
C UNK E 35 -48.39 -3.70 5.65
N UNK E 36 -48.89 -3.27 6.80
CA UNK E 36 -49.74 -4.11 7.61
C UNK E 36 -51.14 -4.18 7.02
N UNK E 37 -51.77 -5.34 7.15
CA UNK E 37 -53.12 -5.60 6.66
C UNK E 37 -53.95 -6.23 7.76
N UNK E 38 -55.25 -6.35 7.51
CA UNK E 38 -56.15 -6.92 8.50
C UNK E 38 -55.88 -8.40 8.69
N UNK E 39 -55.69 -8.80 9.95
CA UNK E 39 -55.43 -10.21 10.31
C UNK E 39 -54.20 -10.75 9.60
N UNK E 40 -53.13 -9.97 9.64
CA UNK E 40 -51.87 -10.38 9.04
C UNK E 40 -50.73 -9.57 9.65
N UNK E 41 -49.59 -10.22 9.84
CA UNK E 41 -48.42 -9.54 10.37
C UNK E 41 -47.91 -8.51 9.36
N UNK E 42 -47.21 -7.50 9.88
CA UNK E 42 -46.68 -6.45 9.01
C UNK E 42 -45.60 -7.03 8.09
N UNK E 43 -45.71 -6.72 6.81
CA UNK E 43 -44.77 -7.18 5.79
C UNK E 43 -43.91 -6.01 5.34
N UNK E 44 -42.60 -6.21 5.30
CA UNK E 44 -41.68 -5.15 4.90
C UNK E 44 -41.88 -4.82 3.42
N UNK E 45 -42.18 -3.56 3.13
CA UNK E 45 -42.39 -3.08 1.77
C UNK E 45 -41.17 -2.39 1.20
N UNK E 46 -40.39 -1.70 2.03
CA UNK E 46 -39.19 -1.00 1.57
C UNK E 46 -38.17 -0.99 2.70
N UNK E 47 -36.96 -1.47 2.40
CA UNK E 47 -35.87 -1.53 3.36
C UNK E 47 -34.90 -0.38 3.12
N UNK E 48 -34.41 0.21 4.20
CA UNK E 48 -33.45 1.32 4.21
C UNK E 48 -34.00 2.59 3.61
N UNK E 49 -35.31 2.72 3.42
CA UNK E 49 -35.98 3.91 2.90
C UNK E 49 -35.63 4.23 1.46
N UNK E 50 -34.89 3.37 0.76
CA UNK E 50 -34.47 3.57 -0.63
C UNK E 50 -34.76 2.38 -1.52
N UNK E 51 -34.60 1.17 -1.01
CA UNK E 51 -34.73 -0.06 -1.79
C UNK E 51 -36.02 -0.77 -1.43
N UNK E 52 -36.77 -1.19 -2.44
CA UNK E 52 -37.98 -1.97 -2.22
C UNK E 52 -37.61 -3.35 -1.67
N UNK E 53 -38.48 -3.86 -0.80
CA UNK E 53 -38.25 -5.16 -0.18
C UNK E 53 -38.32 -6.27 -1.23
N UNK E 54 -37.87 -7.46 -0.83
CA UNK E 54 -37.85 -8.59 -1.74
C UNK E 54 -39.27 -9.00 -2.13
N UNK E 55 -39.47 -9.24 -3.42
CA UNK E 55 -40.75 -9.66 -3.98
C UNK E 55 -41.86 -8.63 -3.78
N UNK E 56 -41.50 -7.36 -3.57
CA UNK E 56 -42.49 -6.31 -3.39
C UNK E 56 -43.00 -5.83 -4.75
N UNK E 57 -44.10 -5.10 -4.72
CA UNK E 57 -44.64 -4.52 -5.95
C UNK E 57 -43.68 -3.49 -6.51
N UNK E 58 -43.49 -3.53 -7.83
CA UNK E 58 -42.56 -2.60 -8.48
C UNK E 58 -43.06 -1.16 -8.39
N UNK E 59 -44.36 -0.96 -8.26
CA UNK E 59 -44.91 0.39 -8.21
C UNK E 59 -44.48 1.14 -6.95
N UNK E 60 -44.16 0.44 -5.87
CA UNK E 60 -43.76 1.11 -4.64
C UNK E 60 -42.43 1.82 -4.83
N UNK E 61 -42.31 3.00 -4.23
CA UNK E 61 -41.10 3.80 -4.34
C UNK E 61 -41.00 4.72 -3.13
N UNK E 62 -39.90 4.60 -2.39
CA UNK E 62 -39.55 5.50 -1.31
C UNK E 62 -38.08 5.85 -1.47
N UNK E 63 -37.76 7.14 -1.36
CA UNK E 63 -36.39 7.60 -1.54
C UNK E 63 -36.25 8.95 -0.86
N UNK E 64 -35.51 8.98 0.24
CA UNK E 64 -35.34 10.21 1.03
C UNK E 64 -34.40 9.89 2.19
N UNK E 65 -34.01 10.95 2.91
CA UNK E 65 -33.15 10.81 4.08
C UNK E 65 -33.23 12.09 4.90
N UNK E 66 -32.62 12.04 6.09
CA UNK E 66 -32.48 13.19 6.97
C UNK E 66 -33.84 13.72 7.43
N UNK E 67 -34.57 12.86 8.15
CA UNK E 67 -35.73 13.22 8.95
C UNK E 67 -36.94 13.67 8.14
N UNK E 68 -36.98 13.41 6.83
CA UNK E 68 -38.18 13.65 6.03
C UNK E 68 -38.24 12.55 4.97
N UNK E 69 -38.91 11.44 5.31
CA UNK E 69 -38.94 10.24 4.50
C UNK E 69 -40.34 10.03 3.94
N UNK E 70 -40.45 9.93 2.62
CA UNK E 70 -41.73 9.80 1.92
C UNK E 70 -41.76 8.50 1.12
N UNK E 71 -42.96 7.95 0.99
CA UNK E 71 -43.20 6.74 0.20
C UNK E 71 -44.47 6.92 -0.61
N UNK E 72 -44.52 6.24 -1.76
CA UNK E 72 -45.70 6.34 -2.62
C UNK E 72 -45.67 5.21 -3.64
N UNK E 73 -46.86 4.77 -4.04
CA UNK E 73 -47.01 3.76 -5.07
C UNK E 73 -47.24 4.44 -6.43
N UNK E 74 -46.59 3.90 -7.46
CA UNK E 74 -46.72 4.49 -8.79
C UNK E 74 -48.14 4.36 -9.32
N UNK E 75 -48.79 3.22 -9.08
CA UNK E 75 -50.13 2.95 -9.61
C UNK E 75 -50.85 2.02 -8.64
N UNK E 76 -51.89 2.53 -7.99
CA UNK E 76 -52.64 1.71 -7.05
C UNK E 76 -53.45 0.67 -7.79
N UNK E 77 -53.31 -0.59 -7.36
CA UNK E 77 -54.04 -1.71 -7.95
C UNK E 77 -55.36 -2.02 -7.26
N UNK E 78 -55.68 -1.34 -6.17
CA UNK E 78 -56.87 -1.49 -5.32
C UNK E 78 -56.77 -2.72 -4.41
N UNK E 79 -55.76 -3.58 -4.55
CA UNK E 79 -55.47 -4.64 -3.59
C UNK E 79 -54.37 -4.25 -2.60
N UNK E 80 -53.61 -3.19 -2.88
CA UNK E 80 -52.57 -2.69 -1.99
C UNK E 80 -53.08 -1.61 -1.04
N UNK E 81 -54.37 -1.64 -0.69
CA UNK E 81 -54.95 -0.69 0.25
C UNK E 81 -54.68 -1.18 1.68
N UNK E 82 -53.40 -1.16 2.04
CA UNK E 82 -52.89 -1.66 3.30
C UNK E 82 -52.35 -0.51 4.14
N UNK E 83 -52.51 -0.62 5.45
CA UNK E 83 -52.00 0.40 6.37
C UNK E 83 -50.48 0.41 6.30
N UNK E 84 -49.92 1.46 5.71
CA UNK E 84 -48.47 1.59 5.54
C UNK E 84 -47.89 2.31 6.76
N UNK E 85 -47.03 1.61 7.49
CA UNK E 85 -46.41 2.12 8.72
C UNK E 85 -44.91 2.19 8.53
N UNK E 86 -44.32 3.34 8.88
CA UNK E 86 -42.88 3.54 8.82
C UNK E 86 -42.26 3.26 10.18
N UNK E 87 -41.04 2.74 10.16
CA UNK E 87 -40.26 2.47 11.37
C UNK E 87 -38.84 2.96 11.15
N UNK E 88 -38.18 3.32 12.25
CA UNK E 88 -36.83 3.85 12.20
C UNK E 88 -36.04 3.34 13.40
N UNK E 89 -34.82 2.86 13.13
CA UNK E 89 -33.92 2.41 14.18
C UNK E 89 -32.99 3.56 14.55
N UNK E 90 -33.16 4.10 15.75
CA UNK E 90 -32.38 5.21 16.27
C UNK E 90 -31.42 4.69 17.33
N UNK E 91 -30.14 4.96 17.14
CA UNK E 91 -29.08 4.58 18.07
C UNK E 91 -28.58 5.85 18.74
N UNK E 92 -29.01 6.09 19.96
CA UNK E 92 -28.62 7.27 20.71
C UNK E 92 -27.30 7.12 21.48
N UNK E 93 -26.76 5.91 21.56
CA UNK E 93 -25.50 5.67 22.25
C UNK E 93 -24.94 4.35 21.74
N UNK E 94 -23.82 3.92 22.34
CA UNK E 94 -23.23 2.64 21.97
C UNK E 94 -24.15 1.49 22.36
N UNK E 95 -24.60 1.47 23.62
CA UNK E 95 -25.50 0.42 24.07
C UNK E 95 -26.93 0.66 23.58
N UNK E 96 -27.36 1.92 23.53
CA UNK E 96 -28.73 2.24 23.17
C UNK E 96 -28.96 1.98 21.68
N UNK E 97 -30.00 1.20 21.38
CA UNK E 97 -30.41 0.96 20.00
C UNK E 97 -31.91 0.69 20.01
N UNK E 98 -32.69 1.74 19.86
CA UNK E 98 -34.15 1.68 19.91
C UNK E 98 -34.74 1.68 18.52
N UNK E 99 -36.00 1.26 18.43
CA UNK E 99 -36.78 1.29 17.20
C UNK E 99 -38.11 1.97 17.49
N UNK E 100 -38.47 2.94 16.65
CA UNK E 100 -39.70 3.70 16.80
C UNK E 100 -40.54 3.54 15.54
N UNK E 101 -41.81 3.18 15.73
CA UNK E 101 -42.75 2.95 14.63
C UNK E 101 -43.67 4.16 14.50
N UNK E 102 -43.72 4.75 13.32
CA UNK E 102 -44.60 5.86 13.05
C UNK E 102 -46.04 5.37 12.86
N UNK E 103 -46.98 6.31 12.94
CA UNK E 103 -48.38 5.97 12.73
C UNK E 103 -48.61 5.60 11.27
N UNK E 104 -49.69 4.85 11.03
CA UNK E 104 -49.96 4.33 9.71
C UNK E 104 -50.62 5.38 8.82
N UNK E 105 -50.56 5.13 7.51
CA UNK E 105 -51.26 5.91 6.50
C UNK E 105 -52.22 4.96 5.81
N UNK E 106 -53.48 4.99 6.22
CA UNK E 106 -54.48 4.03 5.74
C UNK E 106 -54.80 4.31 4.28
N UNK E 107 -54.23 3.49 3.39
CA UNK E 107 -54.55 3.60 1.98
C UNK E 107 -55.94 3.03 1.71
N UNK E 108 -56.69 3.72 0.85
CA UNK E 108 -58.05 3.33 0.47
C UNK E 108 -58.18 3.32 -1.03
N UNK E 109 -58.77 2.26 -1.58
CA UNK E 109 -58.98 2.15 -3.00
C UNK E 109 -60.20 2.98 -3.42
N UNK E 110 -60.23 3.33 -4.70
CA UNK E 110 -61.34 4.10 -5.25
C UNK E 110 -61.36 3.99 -6.78
N GLY F 1 11.89 2.09 -6.01
CA GLY F 1 12.56 2.68 -7.16
C GLY F 1 13.26 3.98 -6.81
N THR F 2 13.42 4.84 -7.82
CA THR F 2 14.08 6.12 -7.67
C THR F 2 13.42 7.14 -8.58
N PHE F 3 13.49 8.40 -8.19
CA PHE F 3 12.91 9.47 -9.02
C PHE F 3 13.56 9.48 -10.39
N THR F 4 12.74 9.70 -11.42
CA THR F 4 13.21 9.77 -12.80
C THR F 4 12.62 10.92 -13.60
N TRP F 5 11.64 11.65 -13.08
CA TRP F 5 11.00 12.71 -13.84
C TRP F 5 11.98 13.83 -14.14
N THR F 6 12.07 14.21 -15.41
CA THR F 6 12.98 15.25 -15.89
C THR F 6 12.22 16.55 -16.06
N LEU F 7 12.87 17.64 -15.67
CA LEU F 7 12.24 18.96 -15.70
C LEU F 7 12.32 19.53 -17.11
N SER F 8 11.16 19.86 -17.68
CA SER F 8 11.05 20.35 -19.05
C SER F 8 11.00 21.88 -19.02
N ASP F 9 12.08 22.51 -19.46
CA ASP F 9 12.19 23.96 -19.49
C ASP F 9 13.26 24.32 -20.51
N SER F 10 13.80 25.53 -20.43
CA SER F 10 14.89 26.08 -21.26
C SER F 10 14.42 26.61 -22.60
N GLU F 11 13.12 26.80 -22.81
CA GLU F 11 12.63 27.48 -24.01
C GLU F 11 12.84 28.98 -23.84
N GLY F 12 13.62 29.58 -24.73
CA GLY F 12 13.83 31.01 -24.74
C GLY F 12 14.88 31.53 -23.79
N LYS F 13 15.50 30.66 -22.99
CA LYS F 13 16.53 31.07 -22.05
C LYS F 13 17.90 31.04 -22.73
N ASP F 14 18.89 31.63 -22.05
CA ASP F 14 20.22 31.77 -22.61
C ASP F 14 21.07 30.50 -22.53
N THR F 15 20.62 29.49 -21.80
CA THR F 15 21.33 28.21 -21.69
C THR F 15 20.32 27.07 -21.78
N PRO F 16 20.73 25.87 -22.25
CA PRO F 16 19.75 24.75 -22.34
C PRO F 16 19.61 24.01 -21.01
N GLY F 17 18.98 24.64 -20.03
CA GLY F 17 18.79 24.02 -18.75
C GLY F 17 18.21 24.99 -17.74
N GLY F 18 18.20 24.55 -16.48
CA GLY F 18 17.65 25.35 -15.41
C GLY F 18 16.15 25.17 -15.29
N TYR F 19 15.58 25.94 -14.36
CA TYR F 19 14.14 25.90 -14.15
C TYR F 19 13.71 27.21 -13.50
N CYS F 20 12.49 27.65 -13.84
CA CYS F 20 11.95 28.93 -13.37
C CYS F 20 10.63 28.69 -12.67
N LEU F 21 10.55 29.11 -11.41
CA LEU F 21 9.31 29.13 -10.67
C LEU F 21 8.57 30.42 -10.99
N THR F 22 7.35 30.29 -11.49
CA THR F 22 6.58 31.43 -11.97
C THR F 22 5.91 32.14 -10.79
N ARG F 23 5.13 33.17 -11.12
CA ARG F 23 4.45 33.95 -10.10
C ARG F 23 3.42 33.15 -9.32
N TRP F 24 2.90 32.05 -9.90
CA TRP F 24 1.87 31.26 -9.24
C TRP F 24 2.44 30.23 -8.28
N MET F 25 3.67 29.79 -8.47
CA MET F 25 4.29 28.74 -7.65
C MET F 25 4.97 29.29 -6.40
N LEU F 26 4.77 30.57 -6.07
CA LEU F 26 5.53 31.24 -5.02
C LEU F 26 4.62 32.16 -4.23
N ILE F 27 4.83 32.19 -2.91
CA ILE F 27 4.03 33.04 -2.04
C ILE F 27 4.34 34.51 -2.29
N GLU F 28 5.62 34.83 -2.51
CA GLU F 28 6.03 36.21 -2.75
C GLU F 28 5.45 36.76 -4.06
N ALA F 29 5.06 35.88 -4.99
CA ALA F 29 4.51 36.28 -6.29
C ALA F 29 5.54 37.09 -7.09
N GLU F 30 6.66 36.43 -7.37
CA GLU F 30 7.68 36.99 -8.24
C GLU F 30 8.40 35.81 -8.89
N LEU F 31 8.73 35.95 -10.17
CA LEU F 31 9.42 34.90 -10.89
C LEU F 31 10.82 34.71 -10.31
N LYS F 32 11.26 33.46 -10.22
CA LYS F 32 12.60 33.13 -9.76
C LYS F 32 13.18 32.05 -10.66
N CYS F 33 14.26 32.38 -11.38
CA CYS F 33 14.89 31.48 -12.33
C CYS F 33 16.21 30.98 -11.75
N PHE F 34 16.45 29.68 -11.87
CA PHE F 34 17.67 29.02 -11.40
C PHE F 34 18.36 28.37 -12.59
N GLY F 35 19.68 28.52 -12.65
CA GLY F 35 20.44 28.15 -13.82
C GLY F 35 20.63 26.65 -13.96
N ASN F 36 21.37 26.28 -15.00
CA ASN F 36 21.59 24.87 -15.30
C ASN F 36 22.43 24.19 -14.22
N THR F 37 23.44 24.89 -13.69
CA THR F 37 24.35 24.27 -12.74
C THR F 37 23.64 23.86 -11.45
N ALA F 38 22.75 24.72 -10.96
CA ALA F 38 22.03 24.39 -9.72
C ALA F 38 21.01 23.30 -9.95
N VAL F 39 20.23 23.40 -11.03
CA VAL F 39 19.13 22.45 -11.24
C VAL F 39 19.65 21.09 -11.68
N ALA F 40 20.85 21.03 -12.28
CA ALA F 40 21.42 19.76 -12.69
C ALA F 40 21.76 18.87 -11.50
N LYS F 41 21.95 19.45 -10.32
CA LYS F 41 22.16 18.63 -9.13
C LYS F 41 20.94 17.79 -8.78
N CYS F 42 19.74 18.26 -9.16
CA CYS F 42 18.53 17.52 -8.87
C CYS F 42 18.46 16.18 -9.60
N ASN F 43 19.20 16.01 -10.68
CA ASN F 43 19.22 14.74 -11.38
C ASN F 43 19.85 13.64 -10.55
N GLU F 44 20.78 13.98 -9.67
CA GLU F 44 21.58 13.01 -8.90
C GLU F 44 21.26 13.00 -7.41
N LYS F 45 21.03 14.16 -6.80
CA LYS F 45 20.85 14.23 -5.35
C LYS F 45 19.59 13.49 -4.92
N HIS F 46 19.68 12.77 -3.80
CA HIS F 46 18.57 12.01 -3.23
C HIS F 46 18.02 12.61 -1.94
N ASP F 47 18.56 13.73 -1.46
CA ASP F 47 18.18 14.30 -0.17
C ASP F 47 18.00 15.81 -0.28
N GLU F 48 17.33 16.25 -1.35
CA GLU F 48 16.99 17.65 -1.56
C GLU F 48 15.46 17.76 -1.69
N GLU F 49 14.83 18.42 -0.72
CA GLU F 49 13.39 18.60 -0.76
C GLU F 49 12.97 19.52 -1.90
N PHE F 50 13.79 20.54 -2.18
CA PHE F 50 13.46 21.50 -3.21
C PHE F 50 13.37 20.83 -4.58
N CYS F 51 14.25 19.88 -4.85
CA CYS F 51 14.21 19.17 -6.12
C CYS F 51 12.94 18.35 -6.26
N ASP F 52 12.51 17.68 -5.19
CA ASP F 52 11.28 16.92 -5.22
C ASP F 52 10.08 17.83 -5.46
N MET F 53 10.03 18.97 -4.77
CA MET F 53 8.94 19.91 -5.00
C MET F 53 8.99 20.47 -6.43
N LEU F 54 10.19 20.70 -6.95
CA LEU F 54 10.33 21.21 -8.31
C LEU F 54 9.79 20.21 -9.31
N ARG F 55 10.08 18.93 -9.10
CA ARG F 55 9.52 17.89 -9.95
C ARG F 55 8.00 17.81 -9.82
N LEU F 56 7.47 17.99 -8.60
CA LEU F 56 6.02 17.98 -8.43
C LEU F 56 5.37 19.14 -9.18
N PHE F 57 5.94 20.34 -9.09
CA PHE F 57 5.37 21.49 -9.79
C PHE F 57 5.44 21.30 -11.30
N ASP F 58 6.57 20.78 -11.79
CA ASP F 58 6.69 20.51 -13.22
C ASP F 58 5.68 19.47 -13.68
N PHE F 59 5.48 18.42 -12.88
CA PHE F 59 4.51 17.39 -13.25
C PHE F 59 3.09 17.94 -13.22
N ASN F 60 2.77 18.81 -12.26
CA ASN F 60 1.47 19.44 -12.24
C ASN F 60 1.25 20.28 -13.50
N LYS F 61 2.25 21.06 -13.88
CA LYS F 61 2.17 21.86 -15.10
C LYS F 61 1.93 20.97 -16.32
N GLN F 62 2.73 19.93 -16.48
CA GLN F 62 2.61 19.06 -17.64
C GLN F 62 1.29 18.27 -17.62
N ALA F 63 0.78 17.92 -16.43
CA ALA F 63 -0.44 17.14 -16.34
C ALA F 63 -1.65 17.97 -16.70
N ILE F 64 -1.75 19.21 -16.20
CA ILE F 64 -2.84 20.07 -16.62
C ILE F 64 -2.70 20.43 -18.10
N GLN F 65 -1.47 20.59 -18.60
CA GLN F 65 -1.31 20.99 -20.00
C GLN F 65 -1.71 19.88 -20.95
N ARG F 66 -1.21 18.66 -20.71
CA ARG F 66 -1.18 17.62 -21.74
C ARG F 66 -2.24 16.54 -21.57
N LEU F 67 -2.84 16.40 -20.40
CA LEU F 67 -3.83 15.37 -20.11
C LEU F 67 -5.22 15.99 -19.98
N LYS F 68 -6.21 15.31 -20.55
CA LYS F 68 -7.58 15.81 -20.49
C LYS F 68 -8.10 15.74 -19.07
N ALA F 69 -8.72 16.81 -18.62
CA ALA F 69 -9.27 16.87 -17.27
C ALA F 69 -10.58 16.09 -17.22
N PRO F 70 -10.75 15.14 -16.30
CA PRO F 70 -12.07 14.50 -16.16
C PRO F 70 -13.08 15.47 -15.56
N ALA F 71 -14.36 15.13 -15.77
CA ALA F 71 -15.44 15.96 -15.24
C ALA F 71 -15.40 16.02 -13.72
N GLN F 72 -15.18 14.87 -13.08
CA GLN F 72 -14.98 14.79 -11.64
C GLN F 72 -13.49 14.68 -11.34
N MET F 73 -13.05 15.39 -10.30
CA MET F 73 -11.65 15.38 -9.91
C MET F 73 -11.22 13.97 -9.52
N SER F 74 -10.05 13.55 -10.01
CA SER F 74 -9.49 12.23 -9.76
C SER F 74 -8.02 12.39 -9.42
N ILE F 75 -7.50 11.45 -8.62
CA ILE F 75 -6.14 11.50 -8.11
C ILE F 75 -5.39 10.19 -8.37
N GLN F 76 -5.83 9.43 -9.38
CA GLN F 76 -5.11 8.20 -9.74
C GLN F 76 -3.72 8.52 -10.25
N LEU F 77 -3.59 9.61 -11.01
CA LEU F 77 -2.34 9.92 -11.69
C LEU F 77 -1.22 10.19 -10.68
N ILE F 78 -1.48 11.04 -9.68
CA ILE F 78 -0.46 11.29 -8.67
C ILE F 78 -0.23 10.04 -7.83
N ASN F 79 -1.29 9.24 -7.60
CA ASN F 79 -1.14 8.03 -6.79
C ASN F 79 -0.15 7.07 -7.41
N LYS F 80 -0.20 6.89 -8.73
CA LYS F 80 0.81 6.04 -9.35
C LYS F 80 2.16 6.75 -9.48
N ALA F 81 2.15 8.06 -9.80
CA ALA F 81 3.37 8.74 -10.24
C ALA F 81 4.21 9.31 -9.11
N VAL F 82 3.73 9.28 -7.86
CA VAL F 82 4.42 9.93 -6.75
C VAL F 82 5.82 9.37 -6.57
N ASN F 83 5.99 8.06 -6.72
CA ASN F 83 7.31 7.47 -6.50
C ASN F 83 8.27 7.86 -7.61
N ALA F 84 7.76 8.15 -8.81
CA ALA F 84 8.59 8.68 -9.88
C ALA F 84 8.91 10.15 -9.69
N LEU F 85 8.04 10.90 -9.00
CA LEU F 85 8.26 12.33 -8.82
C LEU F 85 9.08 12.68 -7.59
N ILE F 86 8.86 12.00 -6.47
CA ILE F 86 9.48 12.37 -5.19
C ILE F 86 10.10 11.15 -4.52
N ASN F 87 11.01 11.44 -3.60
CA ASN F 87 11.55 10.44 -2.68
C ASN F 87 10.67 10.48 -1.44
N ASP F 88 9.76 9.51 -1.32
CA ASP F 88 8.88 9.48 -0.15
C ASP F 88 9.65 9.22 1.14
N GLN F 89 10.82 8.58 1.05
CA GLN F 89 11.61 8.36 2.26
C GLN F 89 12.30 9.64 2.71
N LEU F 90 12.43 10.65 1.86
CA LEU F 90 12.83 11.96 2.35
C LEU F 90 11.74 12.56 3.23
N ILE F 91 10.47 12.39 2.83
CA ILE F 91 9.36 12.78 3.68
C ILE F 91 9.38 11.97 4.97
N MET F 92 9.76 10.69 4.87
CA MET F 92 9.89 9.87 6.07
C MET F 92 10.99 10.39 6.98
N LYS F 93 12.11 10.83 6.42
CA LYS F 93 13.16 11.42 7.23
C LYS F 93 12.67 12.67 7.93
N ASN F 94 11.94 13.52 7.23
CA ASN F 94 11.47 14.75 7.86
C ASN F 94 10.45 14.46 8.95
N HIS F 95 9.58 13.47 8.73
CA HIS F 95 8.66 13.05 9.77
C HIS F 95 9.39 12.49 10.99
N LEU F 96 10.41 11.66 10.74
CA LEU F 96 11.20 11.12 11.84
C LEU F 96 11.89 12.23 12.61
N ARG F 97 12.54 13.17 11.93
CA ARG F 97 13.19 14.30 12.62
C ARG F 97 12.16 15.05 13.47
N ASP F 98 10.91 15.15 13.00
CA ASP F 98 9.82 15.84 13.74
C ASP F 98 9.45 15.12 15.03
N ILE F 99 9.26 13.80 14.97
CA ILE F 99 8.82 13.00 16.14
C ILE F 99 9.94 13.00 17.19
N MET F 100 11.20 13.05 16.76
CA MET F 100 12.35 12.94 17.69
C MET F 100 12.74 14.33 18.20
N CYS F 101 12.04 15.39 17.79
CA CYS F 101 12.28 16.77 18.28
C CYS F 101 13.51 17.39 17.61
N ILE F 102 13.98 16.82 16.50
CA ILE F 102 15.10 17.42 15.72
C ILE F 102 14.48 18.41 14.74
N PRO F 103 15.11 19.56 14.41
CA PRO F 103 14.54 20.49 13.44
C PRO F 103 14.35 19.80 12.08
N TYR F 104 13.23 20.07 11.39
CA TYR F 104 12.92 19.36 10.12
C TYR F 104 12.40 20.32 9.04
N CYS F 105 12.19 19.83 7.82
CA CYS F 105 11.67 20.60 6.71
C CYS F 105 10.21 20.24 6.47
N ASN F 106 9.34 21.24 6.46
CA ASN F 106 7.90 21.10 6.15
C ASN F 106 7.64 21.57 4.72
N TYR F 107 8.69 21.67 3.88
CA TYR F 107 8.62 21.88 2.44
C TYR F 107 8.07 23.24 2.04
N SER F 108 7.85 24.15 2.99
CA SER F 108 7.34 25.48 2.64
C SER F 108 8.47 26.40 2.20
N LYS F 109 9.42 26.66 3.10
CA LYS F 109 10.41 27.71 2.94
C LYS F 109 11.76 27.12 2.55
N TYR F 110 12.46 27.82 1.66
CA TYR F 110 13.77 27.41 1.18
C TYR F 110 14.65 28.65 1.12
N TRP F 111 15.97 28.44 1.19
CA TRP F 111 16.95 29.51 1.10
C TRP F 111 18.05 29.13 0.12
N TYR F 112 18.61 30.16 -0.51
CA TYR F 112 19.69 29.99 -1.48
C TYR F 112 20.59 31.22 -1.39
N LEU F 113 21.85 31.03 -1.79
CA LEU F 113 22.76 32.14 -2.00
C LEU F 113 22.58 32.67 -3.42
N ASN F 114 22.92 33.94 -3.60
CA ASN F 114 22.76 34.63 -4.88
C ASN F 114 23.89 35.62 -5.04
N HIS F 115 24.72 35.41 -6.06
CA HIS F 115 25.83 36.33 -6.32
C HIS F 115 25.28 37.68 -6.75
N THR F 116 25.79 38.75 -6.13
CA THR F 116 25.17 40.06 -6.30
C THR F 116 25.27 40.57 -7.74
N THR F 117 26.44 40.43 -8.36
CA THR F 117 26.66 40.96 -9.70
C THR F 117 26.21 39.99 -10.78
N THR F 118 26.73 38.76 -10.76
CA THR F 118 26.47 37.81 -11.83
C THR F 118 25.08 37.20 -11.77
N GLY F 119 24.44 37.19 -10.61
CA GLY F 119 23.13 36.57 -10.46
C GLY F 119 23.15 35.06 -10.33
N ARG F 120 24.32 34.44 -10.29
CA ARG F 120 24.41 33.01 -10.08
C ARG F 120 23.91 32.62 -8.69
N THR F 121 23.16 31.52 -8.63
CA THR F 121 22.53 31.06 -7.40
C THR F 121 22.82 29.58 -7.19
N SER F 122 22.87 29.18 -5.93
CA SER F 122 23.00 27.78 -5.55
C SER F 122 21.64 27.09 -5.56
N LEU F 123 21.67 25.78 -5.44
CA LEU F 123 20.42 25.03 -5.31
C LEU F 123 19.77 25.39 -3.98
N PRO F 124 18.49 25.81 -3.96
CA PRO F 124 17.87 26.12 -2.68
C PRO F 124 17.79 24.91 -1.74
N LYS F 125 18.14 25.14 -0.48
CA LYS F 125 18.02 24.17 0.59
C LYS F 125 16.90 24.59 1.53
N CYS F 126 16.27 23.62 2.16
CA CYS F 126 15.06 23.90 2.92
C CYS F 126 15.38 24.58 4.24
N TRP F 127 14.51 25.51 4.61
CA TRP F 127 14.56 26.16 5.91
C TRP F 127 13.78 25.32 6.91
N LEU F 128 14.46 24.84 7.95
CA LEU F 128 13.87 23.88 8.87
C LEU F 128 13.02 24.60 9.92
N VAL F 129 12.10 23.82 10.52
CA VAL F 129 11.22 24.29 11.57
C VAL F 129 11.33 23.36 12.77
N SER F 130 10.87 23.85 13.92
CA SER F 130 10.82 23.04 15.12
C SER F 130 9.72 23.60 16.01
N ASN F 131 8.57 22.91 16.06
CA ASN F 131 7.45 23.30 16.89
C ASN F 131 6.89 24.66 16.45
N GLY F 132 6.70 24.82 15.14
CA GLY F 132 6.03 25.97 14.60
C GLY F 132 6.87 27.22 14.46
N SER F 133 8.15 27.18 14.78
CA SER F 133 9.05 28.32 14.66
C SER F 133 10.14 27.98 13.68
N TYR F 134 10.28 28.80 12.64
CA TYR F 134 11.39 28.66 11.72
C TYR F 134 12.70 28.86 12.45
N LEU F 135 13.72 28.08 12.08
CA LEU F 135 15.04 28.28 12.67
C LEU F 135 15.58 29.64 12.26
N ASN F 136 16.17 30.35 13.23
CA ASN F 136 16.87 31.57 12.89
C ASN F 136 18.05 31.24 12.00
N GLU F 137 18.48 32.24 11.22
CA GLU F 137 19.58 32.02 10.29
C GLU F 137 20.86 31.64 11.02
N THR F 138 21.07 32.23 12.20
CA THR F 138 22.25 31.91 13.00
C THR F 138 22.32 30.44 13.40
N HIS F 139 21.20 29.72 13.38
CA HIS F 139 21.22 28.30 13.71
C HIS F 139 21.91 27.46 12.64
N PHE F 140 22.09 27.99 11.42
CA PHE F 140 22.77 27.24 10.36
C PHE F 140 23.69 28.12 9.53
N SER F 141 24.24 29.17 10.15
CA SER F 141 25.08 30.12 9.42
C SER F 141 26.30 29.44 8.82
N ASP F 142 26.93 28.53 9.57
CA ASP F 142 28.07 27.79 9.03
C ASP F 142 27.69 27.01 7.79
N ASP F 143 26.49 26.42 7.77
CA ASP F 143 26.05 25.73 6.56
C ASP F 143 25.99 26.68 5.39
N ILE F 144 25.48 27.90 5.62
CA ILE F 144 25.46 28.92 4.58
C ILE F 144 26.88 29.21 4.13
N GLU F 145 27.80 29.35 5.09
CA GLU F 145 29.20 29.58 4.76
C GLU F 145 29.75 28.44 3.92
N GLN F 146 29.39 27.19 4.28
CA GLN F 146 29.84 26.05 3.50
C GLN F 146 29.31 26.14 2.07
N GLN F 147 28.04 26.55 1.92
CA GLN F 147 27.48 26.69 0.60
C GLN F 147 28.24 27.74 -0.20
N ALA F 148 28.64 28.83 0.47
CA ALA F 148 29.41 29.86 -0.21
C ALA F 148 30.71 29.31 -0.74
N ASP F 149 31.37 28.44 0.05
CA ASP F 149 32.61 27.82 -0.40
C ASP F 149 32.37 27.00 -1.65
N ASN F 150 31.26 26.27 -1.70
CA ASN F 150 30.93 25.50 -2.90
C ASN F 150 30.74 26.43 -4.09
N MET F 151 30.06 27.57 -3.86
CA MET F 151 29.90 28.52 -4.95
C MET F 151 31.22 29.11 -5.37
N ILE F 152 32.18 29.22 -4.45
CA ILE F 152 33.51 29.71 -4.81
C ILE F 152 34.28 28.58 -5.50
N THR F 153 33.96 27.32 -5.20
CA THR F 153 34.67 26.22 -5.85
C THR F 153 34.27 26.10 -7.32
N GLU F 154 33.00 26.35 -7.62
CA GLU F 154 32.50 26.27 -9.00
C GLU F 154 32.83 27.55 -9.76
N GLY G 1 11.84 5.97 -1.95
CA GLY G 1 12.53 5.21 -2.97
C GLY G 1 14.00 4.98 -2.67
N THR G 2 14.60 5.89 -1.91
CA THR G 2 16.04 5.85 -1.61
C THR G 2 16.24 6.26 -0.15
N PHE G 3 17.28 5.68 0.46
CA PHE G 3 17.63 6.03 1.83
C PHE G 3 17.93 7.52 1.94
N THR G 4 17.61 8.10 3.10
CA THR G 4 17.84 9.51 3.35
C THR G 4 18.40 9.82 4.73
N TRP G 5 18.47 8.85 5.65
CA TRP G 5 18.92 9.13 7.01
C TRP G 5 20.39 9.54 7.02
N THR G 6 20.69 10.63 7.71
CA THR G 6 22.02 11.20 7.80
C THR G 6 22.63 10.91 9.16
N LEU G 7 23.93 10.61 9.17
CA LEU G 7 24.66 10.29 10.37
C LEU G 7 25.20 11.56 11.01
N SER G 8 24.88 11.77 12.29
CA SER G 8 25.27 12.97 13.04
C SER G 8 26.12 12.53 14.24
N ASP G 9 27.43 12.46 14.03
CA ASP G 9 28.39 12.10 15.07
C ASP G 9 29.61 13.01 14.98
N SER G 10 29.37 14.32 14.94
CA SER G 10 30.40 15.32 14.69
C SER G 10 30.96 15.96 15.95
N GLU G 11 30.28 15.85 17.09
CA GLU G 11 30.67 16.61 18.28
C GLU G 11 31.98 16.08 18.85
N GLY G 12 32.82 17.00 19.30
CA GLY G 12 34.07 16.62 19.96
C GLY G 12 35.05 15.88 19.09
N LYS G 13 35.27 16.36 17.86
CA LYS G 13 36.19 15.74 16.92
C LYS G 13 37.03 16.81 16.23
N ASP G 14 38.01 16.34 15.46
CA ASP G 14 38.92 17.20 14.72
C ASP G 14 38.44 17.55 13.31
N THR G 15 37.24 17.12 12.92
CA THR G 15 36.70 17.43 11.61
C THR G 15 35.18 17.33 11.72
N PRO G 16 34.41 18.13 10.96
CA PRO G 16 32.94 18.11 11.16
C PRO G 16 32.25 16.80 10.78
N GLY G 17 32.92 15.86 10.11
CA GLY G 17 32.31 14.63 9.66
C GLY G 17 32.85 13.38 10.33
N GLY G 18 32.56 12.23 9.75
CA GLY G 18 32.99 10.95 10.28
C GLY G 18 31.96 10.31 11.20
N TYR G 19 32.27 9.08 11.60
CA TYR G 19 31.39 8.33 12.49
C TYR G 19 32.21 7.33 13.27
N CYS G 20 31.84 7.12 14.54
CA CYS G 20 32.57 6.22 15.45
C CYS G 20 31.63 5.15 15.96
N LEU G 21 32.05 3.89 15.81
CA LEU G 21 31.36 2.75 16.37
C LEU G 21 31.97 2.44 17.73
N THR G 22 31.11 2.40 18.76
CA THR G 22 31.55 2.26 20.13
C THR G 22 31.84 0.79 20.44
N ARG G 23 32.28 0.52 21.67
CA ARG G 23 32.65 -0.83 22.05
C ARG G 23 31.43 -1.76 22.04
N TRP G 24 30.28 -1.24 22.50
CA TRP G 24 29.09 -2.07 22.53
C TRP G 24 28.58 -2.40 21.14
N MET G 25 28.91 -1.57 20.15
CA MET G 25 28.45 -1.78 18.78
C MET G 25 29.24 -2.86 18.04
N LEU G 26 30.39 -3.27 18.58
CA LEU G 26 31.31 -4.18 17.91
C LEU G 26 31.50 -5.43 18.75
N ILE G 27 31.91 -6.51 18.10
CA ILE G 27 32.16 -7.80 18.75
C ILE G 27 33.65 -7.91 19.03
N GLU G 28 33.98 -8.09 20.31
CA GLU G 28 35.35 -8.20 20.86
C GLU G 28 36.33 -7.24 20.19
N ALA G 29 35.90 -5.98 20.08
CA ALA G 29 36.74 -4.93 19.52
C ALA G 29 36.45 -3.63 20.26
N GLU G 30 37.45 -2.75 20.28
CA GLU G 30 37.33 -1.46 20.93
C GLU G 30 36.68 -0.46 19.98
N LEU G 31 36.57 0.79 20.43
CA LEU G 31 35.93 1.83 19.64
C LEU G 31 36.75 2.12 18.39
N LYS G 32 36.06 2.24 17.25
CA LYS G 32 36.70 2.47 15.95
C LYS G 32 36.05 3.66 15.26
N CYS G 33 36.85 4.63 14.85
CA CYS G 33 36.39 5.86 14.20
C CYS G 33 36.80 5.88 12.73
N PHE G 34 35.88 6.32 11.88
CA PHE G 34 36.09 6.46 10.45
C PHE G 34 35.90 7.93 10.07
N GLY G 35 36.82 8.44 9.26
CA GLY G 35 36.88 9.85 8.97
C GLY G 35 35.78 10.33 8.05
N ASN G 36 35.82 11.65 7.80
CA ASN G 36 34.79 12.27 6.96
C ASN G 36 34.86 11.77 5.53
N THR G 37 36.08 11.58 5.00
CA THR G 37 36.24 11.20 3.60
C THR G 37 35.64 9.83 3.30
N ALA G 38 35.69 8.91 4.26
CA ALA G 38 35.12 7.58 4.07
C ALA G 38 33.62 7.54 4.35
N VAL G 39 33.18 8.17 5.44
CA VAL G 39 31.76 8.13 5.79
C VAL G 39 30.94 8.94 4.80
N ALA G 40 31.52 9.98 4.19
CA ALA G 40 30.79 10.79 3.24
C ALA G 40 30.41 10.03 1.99
N LYS G 41 31.09 8.92 1.68
CA LYS G 41 30.69 8.09 0.55
C LYS G 41 29.31 7.47 0.78
N CYS G 42 28.92 7.26 2.04
CA CYS G 42 27.63 6.64 2.33
C CYS G 42 26.46 7.48 1.87
N ASN G 43 26.63 8.80 1.71
CA ASN G 43 25.56 9.63 1.22
C ASN G 43 25.19 9.30 -0.23
N GLU G 44 26.17 8.85 -1.02
CA GLU G 44 26.00 8.62 -2.46
C GLU G 44 25.86 7.15 -2.83
N LYS G 45 26.67 6.27 -2.25
CA LYS G 45 26.70 4.87 -2.66
C LYS G 45 25.39 4.17 -2.32
N HIS G 46 24.96 3.28 -3.21
CA HIS G 46 23.74 2.50 -3.05
C HIS G 46 23.98 1.02 -2.81
N ASP G 47 25.22 0.53 -2.93
CA ASP G 47 25.56 -0.88 -2.83
C ASP G 47 26.65 -1.10 -1.79
N GLU G 48 26.49 -0.46 -0.63
CA GLU G 48 27.42 -0.58 0.49
C GLU G 48 26.62 -1.05 1.70
N GLU G 49 26.87 -2.28 2.14
CA GLU G 49 26.14 -2.82 3.28
C GLU G 49 26.54 -2.12 4.57
N PHE G 50 27.82 -1.74 4.70
CA PHE G 50 28.29 -1.12 5.93
C PHE G 50 27.60 0.22 6.16
N CYS G 51 27.33 0.97 5.08
CA CYS G 51 26.63 2.23 5.22
C CYS G 51 25.20 2.02 5.72
N ASP G 52 24.54 0.98 5.22
CA ASP G 52 23.21 0.62 5.71
C ASP G 52 23.26 0.27 7.19
N MET G 53 24.28 -0.48 7.61
CA MET G 53 24.38 -0.81 9.03
C MET G 53 24.68 0.41 9.87
N LEU G 54 25.49 1.35 9.36
CA LEU G 54 25.74 2.59 10.08
C LEU G 54 24.44 3.36 10.28
N ARG G 55 23.61 3.44 9.24
CA ARG G 55 22.32 4.12 9.37
C ARG G 55 21.42 3.40 10.36
N LEU G 56 21.41 2.06 10.35
CA LEU G 56 20.61 1.31 11.31
C LEU G 56 21.07 1.58 12.74
N PHE G 57 22.38 1.54 12.99
CA PHE G 57 22.88 1.74 14.34
C PHE G 57 22.63 3.16 14.82
N ASP G 58 22.84 4.15 13.94
CA ASP G 58 22.57 5.53 14.30
C ASP G 58 21.09 5.75 14.58
N PHE G 59 20.21 5.15 13.79
CA PHE G 59 18.79 5.28 14.04
C PHE G 59 18.39 4.63 15.35
N ASN G 60 18.99 3.48 15.66
CA ASN G 60 18.74 2.83 16.94
C ASN G 60 19.14 3.74 18.10
N LYS G 61 20.32 4.35 17.99
CA LYS G 61 20.78 5.28 19.02
C LYS G 61 19.82 6.45 19.19
N GLN G 62 19.47 7.10 18.08
CA GLN G 62 18.60 8.27 18.15
C GLN G 62 17.22 7.90 18.66
N ALA G 63 16.72 6.72 18.28
CA ALA G 63 15.39 6.31 18.70
C ALA G 63 15.35 6.02 20.21
N ILE G 64 16.32 5.27 20.72
CA ILE G 64 16.32 4.99 22.15
C ILE G 64 16.65 6.24 22.95
N GLN G 65 17.24 7.25 22.29
CA GLN G 65 17.69 8.50 22.97
C GLN G 65 16.63 9.59 22.97
N ARG G 66 15.81 9.73 21.92
CA ARG G 66 14.85 10.87 21.79
C ARG G 66 13.39 10.45 21.99
N LEU G 67 12.98 9.23 21.61
CA LEU G 67 11.60 8.82 21.67
C LEU G 67 11.34 8.07 22.98
N LYS G 68 10.26 8.45 23.67
CA LYS G 68 9.88 7.76 24.89
C LYS G 68 9.49 6.33 24.56
N ALA G 69 10.14 5.37 25.20
CA ALA G 69 9.86 3.97 24.91
C ALA G 69 8.47 3.60 25.44
N PRO G 70 7.76 2.69 24.77
CA PRO G 70 6.51 2.18 25.36
C PRO G 70 6.80 1.22 26.50
N ALA G 71 5.74 0.91 27.26
CA ALA G 71 5.87 -0.07 28.33
C ALA G 71 6.21 -1.43 27.77
N GLN G 72 5.61 -1.80 26.64
CA GLN G 72 5.90 -3.02 25.90
C GLN G 72 6.35 -2.63 24.50
N MET G 73 7.42 -3.27 24.04
CA MET G 73 8.16 -2.77 22.87
C MET G 73 7.30 -2.84 21.63
N SER G 74 7.50 -1.85 20.75
CA SER G 74 6.80 -1.72 19.48
C SER G 74 7.75 -1.98 18.32
N ILE G 75 7.14 -2.20 17.15
CA ILE G 75 7.87 -2.48 15.91
C ILE G 75 7.45 -1.53 14.79
N GLN G 76 6.43 -0.68 14.99
CA GLN G 76 5.97 0.22 13.93
C GLN G 76 7.07 1.16 13.45
N LEU G 77 7.95 1.59 14.36
CA LEU G 77 8.94 2.60 14.04
C LEU G 77 9.92 2.11 12.97
N ILE G 78 10.50 0.92 13.18
CA ILE G 78 11.40 0.38 12.17
C ILE G 78 10.64 0.02 10.90
N ASN G 79 9.40 -0.48 11.04
CA ASN G 79 8.60 -0.85 9.87
C ASN G 79 8.35 0.34 8.96
N LYS G 80 8.28 1.56 9.54
CA LYS G 80 8.25 2.74 8.70
C LYS G 80 9.64 3.10 8.19
N ALA G 81 10.61 3.21 9.11
CA ALA G 81 11.85 3.92 8.81
C ALA G 81 12.82 3.09 7.95
N VAL G 82 12.64 1.77 7.87
CA VAL G 82 13.66 0.90 7.28
C VAL G 82 13.97 1.28 5.84
N ASN G 83 12.94 1.65 5.07
CA ASN G 83 13.19 2.06 3.69
C ASN G 83 13.98 3.37 3.62
N ALA G 84 13.92 4.20 4.66
CA ALA G 84 14.76 5.39 4.74
C ALA G 84 16.15 5.10 5.28
N LEU G 85 16.32 4.01 6.04
CA LEU G 85 17.61 3.69 6.65
C LEU G 85 18.49 2.84 5.74
N ILE G 86 17.90 1.87 5.02
CA ILE G 86 18.65 0.88 4.29
C ILE G 86 18.07 0.71 2.88
N ASN G 87 18.89 0.10 2.03
CA ASN G 87 18.44 -0.37 0.72
C ASN G 87 18.05 -1.84 0.89
N ASP G 88 16.74 -2.11 0.95
CA ASP G 88 16.29 -3.49 1.08
C ASP G 88 16.66 -4.31 -0.14
N GLN G 89 16.83 -3.66 -1.30
CA GLN G 89 17.26 -4.38 -2.49
C GLN G 89 18.73 -4.80 -2.40
N LEU G 90 19.53 -4.16 -1.54
CA LEU G 90 20.86 -4.68 -1.28
C LEU G 90 20.80 -5.99 -0.52
N ILE G 91 19.90 -6.07 0.45
CA ILE G 91 19.63 -7.34 1.12
C ILE G 91 19.14 -8.36 0.11
N MET G 92 18.33 -7.92 -0.85
CA MET G 92 17.82 -8.83 -1.87
C MET G 92 18.94 -9.32 -2.76
N LYS G 93 19.89 -8.44 -3.10
CA LYS G 93 21.09 -8.86 -3.84
C LYS G 93 21.84 -9.94 -3.07
N ASN G 94 22.05 -9.73 -1.78
CA ASN G 94 22.83 -10.69 -1.01
C ASN G 94 22.10 -12.03 -0.90
N HIS G 95 20.78 -11.99 -0.74
CA HIS G 95 20.02 -13.24 -0.70
C HIS G 95 20.03 -13.94 -2.05
N LEU G 96 19.94 -13.17 -3.15
CA LEU G 96 20.05 -13.78 -4.47
C LEU G 96 21.41 -14.42 -4.67
N ARG G 97 22.48 -13.73 -4.28
CA ARG G 97 23.81 -14.32 -4.36
C ARG G 97 23.93 -15.56 -3.49
N ASP G 98 23.20 -15.61 -2.37
CA ASP G 98 23.22 -16.78 -1.52
C ASP G 98 22.58 -17.98 -2.22
N ILE G 99 21.39 -17.79 -2.82
CA ILE G 99 20.69 -18.95 -3.35
C ILE G 99 21.36 -19.50 -4.61
N MET G 100 21.99 -18.65 -5.43
CA MET G 100 22.73 -19.09 -6.60
C MET G 100 24.16 -19.52 -6.28
N CYS G 101 24.49 -19.79 -5.02
CA CYS G 101 25.79 -20.34 -4.62
C CYS G 101 26.95 -19.42 -4.98
N ILE G 102 26.71 -18.11 -4.96
CA ILE G 102 27.73 -17.08 -5.17
C ILE G 102 28.10 -16.62 -3.77
N PRO G 103 29.34 -16.18 -3.50
CA PRO G 103 29.62 -15.57 -2.19
C PRO G 103 28.79 -14.32 -1.95
N TYR G 104 28.39 -14.13 -0.70
CA TYR G 104 27.45 -13.08 -0.33
C TYR G 104 27.80 -12.55 1.05
N CYS G 105 27.30 -11.35 1.34
CA CYS G 105 27.46 -10.71 2.63
C CYS G 105 26.26 -11.05 3.52
N ASN G 106 26.54 -11.46 4.76
CA ASN G 106 25.54 -11.68 5.82
C ASN G 106 25.63 -10.55 6.85
N TYR G 107 26.23 -9.41 6.48
CA TYR G 107 26.22 -8.16 7.24
C TYR G 107 26.93 -8.26 8.58
N SER G 108 27.74 -9.30 8.81
CA SER G 108 28.45 -9.47 10.07
C SER G 108 29.85 -8.85 10.02
N LYS G 109 30.68 -9.32 9.08
CA LYS G 109 32.11 -9.04 9.07
C LYS G 109 32.44 -8.07 7.94
N TYR G 110 33.36 -7.14 8.22
CA TYR G 110 33.78 -6.11 7.29
C TYR G 110 35.28 -5.96 7.35
N TRP G 111 35.88 -5.48 6.27
CA TRP G 111 37.31 -5.23 6.18
C TRP G 111 37.58 -3.85 5.61
N TYR G 112 38.69 -3.26 6.04
CA TYR G 112 39.12 -1.95 5.57
C TYR G 112 40.63 -1.89 5.64
N LEU G 113 41.22 -1.10 4.75
CA LEU G 113 42.64 -0.81 4.77
C LEU G 113 42.89 0.41 5.63
N ASN G 114 43.75 0.25 6.64
CA ASN G 114 44.10 1.32 7.58
C ASN G 114 45.54 1.73 7.34
N HIS G 115 45.74 3.02 7.08
CA HIS G 115 47.09 3.54 6.91
C HIS G 115 47.80 3.54 8.26
N THR G 116 49.00 2.98 8.30
CA THR G 116 49.64 2.71 9.58
C THR G 116 50.02 4.00 10.30
N THR G 117 50.61 4.95 9.60
CA THR G 117 51.09 6.17 10.23
C THR G 117 49.99 7.23 10.38
N THR G 118 49.33 7.59 9.27
CA THR G 118 48.33 8.65 9.33
C THR G 118 47.05 8.19 10.01
N GLY G 119 46.71 6.91 9.88
CA GLY G 119 45.48 6.38 10.44
C GLY G 119 44.25 6.52 9.56
N ARG G 120 44.40 7.05 8.35
CA ARG G 120 43.27 7.14 7.43
C ARG G 120 42.84 5.75 6.98
N THR G 121 41.53 5.54 6.89
CA THR G 121 40.94 4.23 6.62
C THR G 121 40.02 4.31 5.41
N SER G 122 39.82 3.14 4.79
CA SER G 122 38.84 3.00 3.72
C SER G 122 37.44 2.90 4.30
N LEU G 123 36.45 3.08 3.44
CA LEU G 123 35.10 2.70 3.81
C LEU G 123 35.07 1.18 3.93
N PRO G 124 34.65 0.59 5.05
CA PRO G 124 34.67 -0.87 5.14
C PRO G 124 33.75 -1.54 4.13
N LYS G 125 34.28 -2.55 3.45
CA LYS G 125 33.53 -3.44 2.58
C LYS G 125 33.25 -4.74 3.32
N CYS G 126 32.15 -5.38 2.96
CA CYS G 126 31.72 -6.56 3.68
C CYS G 126 32.54 -7.79 3.27
N TRP G 127 32.88 -8.60 4.27
CA TRP G 127 33.55 -9.86 4.04
C TRP G 127 32.51 -10.92 3.67
N LEU G 128 32.60 -11.46 2.47
CA LEU G 128 31.57 -12.35 1.96
C LEU G 128 31.73 -13.75 2.56
N VAL G 129 30.63 -14.49 2.57
CA VAL G 129 30.56 -15.87 3.05
C VAL G 129 29.95 -16.74 1.97
N SER G 130 30.14 -18.05 2.12
CA SER G 130 29.52 -19.02 1.19
C SER G 130 29.34 -20.35 1.91
N ASN G 131 28.12 -20.65 2.38
CA ASN G 131 27.83 -21.91 3.09
C ASN G 131 28.35 -21.83 4.54
N GLY G 132 28.65 -20.62 5.02
CA GLY G 132 29.06 -20.48 6.43
C GLY G 132 30.55 -20.31 6.58
N SER G 133 31.28 -20.37 5.46
CA SER G 133 32.73 -20.20 5.49
C SER G 133 33.09 -18.82 4.94
N TYR G 134 33.76 -18.01 5.76
CA TYR G 134 34.28 -16.75 5.27
C TYR G 134 35.29 -16.99 4.16
N LEU G 135 35.27 -16.14 3.14
CA LEU G 135 36.28 -16.21 2.11
C LEU G 135 37.64 -15.86 2.71
N ASN G 136 38.66 -16.60 2.30
CA ASN G 136 40.01 -16.23 2.69
C ASN G 136 40.37 -14.88 2.07
N GLU G 137 41.39 -14.24 2.64
CA GLU G 137 41.83 -12.95 2.14
C GLU G 137 42.33 -13.04 0.71
N THR G 138 42.84 -14.21 0.29
CA THR G 138 43.34 -14.38 -1.06
C THR G 138 42.22 -14.39 -2.10
N HIS G 139 40.98 -14.63 -1.70
CA HIS G 139 39.89 -14.72 -2.68
C HIS G 139 39.52 -13.36 -3.26
N PHE G 140 39.85 -12.26 -2.60
CA PHE G 140 39.54 -10.91 -3.06
C PHE G 140 40.73 -9.99 -2.84
N SER G 141 41.94 -10.50 -3.07
CA SER G 141 43.14 -9.70 -2.86
C SER G 141 43.25 -8.56 -3.88
N ASP G 142 42.80 -8.79 -5.12
CA ASP G 142 42.85 -7.73 -6.12
C ASP G 142 41.89 -6.60 -5.78
N ASP G 143 40.77 -6.91 -5.11
CA ASP G 143 39.91 -5.84 -4.61
C ASP G 143 40.64 -5.00 -3.56
N ILE G 144 41.45 -5.65 -2.72
CA ILE G 144 42.18 -4.93 -1.69
C ILE G 144 43.25 -4.05 -2.35
N GLU G 145 43.91 -4.58 -3.37
CA GLU G 145 44.86 -3.78 -4.15
C GLU G 145 44.17 -2.58 -4.80
N GLN G 146 42.97 -2.78 -5.33
CA GLN G 146 42.22 -1.69 -5.96
C GLN G 146 41.87 -0.62 -4.93
N GLN G 147 41.45 -1.04 -3.74
CA GLN G 147 41.15 -0.09 -2.68
C GLN G 147 42.39 0.70 -2.28
N ALA G 148 43.53 0.01 -2.19
CA ALA G 148 44.78 0.70 -1.86
C ALA G 148 45.13 1.73 -2.92
N ASP G 149 44.97 1.37 -4.20
CA ASP G 149 45.17 2.34 -5.27
C ASP G 149 44.20 3.51 -5.13
N ASN G 150 42.96 3.23 -4.74
CA ASN G 150 41.95 4.28 -4.65
C ASN G 150 42.32 5.31 -3.57
N MET G 151 42.81 4.86 -2.42
CA MET G 151 43.22 5.83 -1.39
C MET G 151 44.63 6.37 -1.58
N ILE G 152 45.46 5.75 -2.43
CA ILE G 152 46.67 6.44 -2.89
C ILE G 152 46.30 7.58 -3.82
N THR G 153 45.26 7.38 -4.64
CA THR G 153 44.79 8.47 -5.51
C THR G 153 44.27 9.64 -4.69
N GLU G 154 43.53 9.35 -3.61
CA GLU G 154 43.04 10.39 -2.72
C GLU G 154 44.21 11.07 -2.01
N GLY H 1 13.52 0.31 -2.90
CA GLY H 1 14.89 0.76 -2.75
C GLY H 1 15.51 1.18 -4.07
N THR H 2 16.72 0.68 -4.34
CA THR H 2 17.49 1.04 -5.52
C THR H 2 18.09 -0.23 -6.11
N PHE H 3 18.32 -0.21 -7.42
CA PHE H 3 18.95 -1.35 -8.09
C PHE H 3 20.31 -1.63 -7.48
N THR H 4 20.64 -2.92 -7.36
CA THR H 4 21.92 -3.35 -6.80
C THR H 4 22.61 -4.47 -7.57
N TRP H 5 21.92 -5.15 -8.50
CA TRP H 5 22.51 -6.29 -9.19
C TRP H 5 23.67 -5.82 -10.06
N THR H 6 24.82 -6.47 -9.92
CA THR H 6 26.06 -6.09 -10.59
C THR H 6 26.33 -7.00 -11.77
N LEU H 7 26.86 -6.42 -12.84
CA LEU H 7 27.14 -7.14 -14.07
C LEU H 7 28.54 -7.75 -13.99
N SER H 8 28.60 -9.08 -14.20
CA SER H 8 29.84 -9.86 -14.10
C SER H 8 30.11 -10.49 -15.46
N ASP H 9 30.87 -9.79 -16.30
CA ASP H 9 31.27 -10.29 -17.61
C ASP H 9 32.72 -9.89 -17.88
N SER H 10 33.59 -10.09 -16.89
CA SER H 10 34.98 -9.65 -16.97
C SER H 10 35.93 -10.69 -17.54
N GLU H 11 35.57 -11.97 -17.50
CA GLU H 11 36.52 -13.03 -17.85
C GLU H 11 36.79 -13.04 -19.34
N GLY H 12 38.03 -13.35 -19.70
CA GLY H 12 38.43 -13.45 -21.09
C GLY H 12 38.40 -12.15 -21.86
N LYS H 13 38.87 -11.06 -21.25
CA LYS H 13 38.92 -9.76 -21.89
C LYS H 13 40.24 -9.08 -21.53
N ASP H 14 40.48 -7.93 -22.18
CA ASP H 14 41.68 -7.14 -21.96
C ASP H 14 41.55 -6.10 -20.86
N THR H 15 40.40 -6.02 -20.17
CA THR H 15 40.19 -5.05 -19.12
C THR H 15 39.14 -5.66 -18.21
N PRO H 16 39.32 -5.63 -16.86
CA PRO H 16 38.26 -6.26 -16.03
C PRO H 16 37.02 -5.39 -15.91
N GLY H 17 36.15 -5.49 -16.91
CA GLY H 17 34.92 -4.74 -16.90
C GLY H 17 34.21 -4.85 -18.23
N GLY H 18 33.18 -4.02 -18.40
CA GLY H 18 32.39 -4.02 -19.61
C GLY H 18 31.36 -5.13 -19.60
N TYR H 19 30.60 -5.20 -20.70
CA TYR H 19 29.59 -6.22 -20.85
C TYR H 19 29.34 -6.46 -22.33
N CYS H 20 29.02 -7.71 -22.66
CA CYS H 20 28.82 -8.14 -24.04
C CYS H 20 27.42 -8.69 -24.23
N LEU H 21 26.70 -8.14 -25.20
CA LEU H 21 25.42 -8.67 -25.62
C LEU H 21 25.66 -9.66 -26.76
N THR H 22 25.29 -10.91 -26.54
CA THR H 22 25.51 -11.95 -27.53
C THR H 22 24.51 -11.81 -28.67
N ARG H 23 24.70 -12.64 -29.71
CA ARG H 23 23.79 -12.61 -30.85
C ARG H 23 22.38 -13.03 -30.46
N TRP H 24 22.23 -13.81 -29.39
CA TRP H 24 20.90 -14.19 -28.92
C TRP H 24 20.22 -13.03 -28.20
N MET H 25 20.98 -12.13 -27.58
CA MET H 25 20.43 -10.99 -26.88
C MET H 25 20.07 -9.82 -27.81
N LEU H 26 20.32 -9.95 -29.11
CA LEU H 26 20.15 -8.87 -30.07
C LEU H 26 19.34 -9.35 -31.26
N ILE H 27 18.61 -8.43 -31.88
CA ILE H 27 17.78 -8.71 -33.04
C ILE H 27 18.59 -8.41 -34.30
N GLU H 28 18.85 -9.45 -35.09
CA GLU H 28 19.54 -9.31 -36.38
C GLU H 28 20.91 -8.67 -36.21
N ALA H 29 21.68 -9.16 -35.25
CA ALA H 29 23.00 -8.63 -34.97
C ALA H 29 23.85 -9.71 -34.32
N GLU H 30 25.16 -9.45 -34.29
CA GLU H 30 26.16 -10.38 -33.79
C GLU H 30 26.53 -9.96 -32.37
N LEU H 31 27.50 -10.64 -31.77
CA LEU H 31 28.09 -10.22 -30.50
C LEU H 31 28.56 -8.77 -30.58
N LYS H 32 28.15 -7.97 -29.59
CA LYS H 32 28.55 -6.57 -29.50
C LYS H 32 28.90 -6.25 -28.06
N CYS H 33 30.11 -5.72 -27.84
CA CYS H 33 30.67 -5.52 -26.51
C CYS H 33 30.87 -4.04 -26.22
N PHE H 34 30.71 -3.68 -24.94
CA PHE H 34 30.87 -2.31 -24.45
C PHE H 34 31.87 -2.32 -23.32
N GLY H 35 32.74 -1.32 -23.30
CA GLY H 35 33.87 -1.28 -22.40
C GLY H 35 33.50 -0.95 -20.97
N ASN H 36 34.52 -0.96 -20.12
CA ASN H 36 34.32 -0.70 -18.70
C ASN H 36 33.90 0.75 -18.47
N THR H 37 34.42 1.68 -19.25
CA THR H 37 34.13 3.09 -19.03
C THR H 37 32.65 3.41 -19.24
N ALA H 38 32.01 2.75 -20.21
CA ALA H 38 30.59 2.98 -20.45
C ALA H 38 29.72 2.21 -19.47
N VAL H 39 30.04 0.93 -19.26
CA VAL H 39 29.20 0.08 -18.42
C VAL H 39 29.29 0.49 -16.95
N ALA H 40 30.42 1.08 -16.53
CA ALA H 40 30.56 1.51 -15.15
C ALA H 40 29.59 2.63 -14.78
N LYS H 41 29.08 3.37 -15.77
CA LYS H 41 28.06 4.37 -15.48
C LYS H 41 26.76 3.74 -14.97
N CYS H 42 26.51 2.48 -15.33
CA CYS H 42 25.28 1.81 -14.90
C CYS H 42 25.22 1.60 -13.39
N ASN H 43 26.36 1.59 -12.71
CA ASN H 43 26.36 1.41 -11.26
C ASN H 43 25.81 2.63 -10.52
N GLU H 44 25.68 3.78 -11.17
CA GLU H 44 25.37 5.05 -10.52
C GLU H 44 24.13 5.73 -11.07
N LYS H 45 23.89 5.67 -12.38
CA LYS H 45 22.83 6.45 -13.00
C LYS H 45 21.48 5.76 -12.81
N HIS H 46 20.44 6.56 -12.55
CA HIS H 46 19.12 6.07 -12.20
C HIS H 46 18.09 6.25 -13.32
N ASP H 47 18.51 6.67 -14.52
CA ASP H 47 17.59 7.06 -15.59
C ASP H 47 18.03 6.51 -16.94
N GLU H 48 18.68 5.34 -16.94
CA GLU H 48 19.15 4.68 -18.16
C GLU H 48 18.39 3.38 -18.34
N GLU H 49 17.58 3.31 -19.40
CA GLU H 49 16.84 2.09 -19.69
C GLU H 49 17.78 0.96 -20.08
N PHE H 50 18.86 1.28 -20.79
CA PHE H 50 19.78 0.25 -21.26
C PHE H 50 20.47 -0.46 -20.10
N CYS H 51 20.81 0.29 -19.05
CA CYS H 51 21.43 -0.34 -17.89
C CYS H 51 20.47 -1.30 -17.19
N ASP H 52 19.21 -0.90 -17.08
CA ASP H 52 18.18 -1.79 -16.55
C ASP H 52 18.08 -3.05 -17.40
N MET H 53 18.10 -2.90 -18.72
CA MET H 53 18.02 -4.06 -19.60
C MET H 53 19.25 -4.95 -19.46
N LEU H 54 20.43 -4.36 -19.28
CA LEU H 54 21.63 -5.15 -19.05
C LEU H 54 21.50 -5.96 -17.77
N ARG H 55 20.98 -5.35 -16.70
CA ARG H 55 20.78 -6.10 -15.46
C ARG H 55 19.76 -7.22 -15.64
N LEU H 56 18.68 -6.96 -16.39
CA LEU H 56 17.70 -8.01 -16.66
C LEU H 56 18.32 -9.18 -17.42
N PHE H 57 19.07 -8.89 -18.48
CA PHE H 57 19.66 -9.96 -19.28
C PHE H 57 20.71 -10.73 -18.49
N ASP H 58 21.53 -10.03 -17.72
CA ASP H 58 22.53 -10.69 -16.88
C ASP H 58 21.86 -11.58 -15.84
N PHE H 59 20.77 -11.09 -15.24
CA PHE H 59 20.08 -11.90 -14.23
C PHE H 59 19.43 -13.12 -14.87
N ASN H 60 18.90 -12.97 -16.09
CA ASN H 60 18.36 -14.12 -16.80
C ASN H 60 19.44 -15.17 -17.04
N LYS H 61 20.62 -14.72 -17.49
CA LYS H 61 21.74 -15.63 -17.72
C LYS H 61 22.13 -16.35 -16.43
N GLN H 62 22.35 -15.59 -15.35
CA GLN H 62 22.76 -16.19 -14.09
C GLN H 62 21.69 -17.09 -13.51
N ALA H 63 20.41 -16.77 -13.74
CA ALA H 63 19.32 -17.58 -13.19
C ALA H 63 19.23 -18.91 -13.92
N ILE H 64 19.34 -18.90 -15.24
CA ILE H 64 19.31 -20.17 -15.96
C ILE H 64 20.56 -20.98 -15.64
N GLN H 65 21.71 -20.33 -15.43
CA GLN H 65 22.94 -21.08 -15.20
C GLN H 65 22.97 -21.69 -13.80
N ARG H 66 22.56 -20.91 -12.78
CA ARG H 66 22.89 -21.20 -11.38
C ARG H 66 21.66 -21.52 -10.53
N LEU H 67 20.58 -22.00 -11.13
CA LEU H 67 19.40 -22.42 -10.37
C LEU H 67 18.74 -23.58 -11.08
N LYS H 68 18.37 -24.59 -10.30
CA LYS H 68 17.68 -25.75 -10.87
C LYS H 68 16.29 -25.34 -11.34
N ALA H 69 15.97 -25.66 -12.58
CA ALA H 69 14.71 -25.24 -13.14
C ALA H 69 13.56 -26.03 -12.51
N PRO H 70 12.36 -25.45 -12.41
CA PRO H 70 11.21 -26.24 -11.95
C PRO H 70 10.66 -27.11 -13.07
N ALA H 71 9.77 -28.03 -12.68
CA ALA H 71 9.09 -28.86 -13.68
C ALA H 71 8.24 -28.02 -14.60
N GLN H 72 7.44 -27.12 -14.03
CA GLN H 72 6.66 -26.12 -14.75
C GLN H 72 7.18 -24.74 -14.37
N MET H 73 7.21 -23.82 -15.33
CA MET H 73 7.77 -22.50 -15.08
C MET H 73 6.98 -21.76 -13.99
N SER H 74 7.72 -21.06 -13.15
CA SER H 74 7.17 -20.17 -12.14
C SER H 74 7.88 -18.83 -12.24
N ILE H 75 7.14 -17.75 -11.97
CA ILE H 75 7.67 -16.40 -12.07
C ILE H 75 7.85 -15.82 -10.67
N GLN H 76 8.11 -16.69 -9.69
CA GLN H 76 8.34 -16.22 -8.32
C GLN H 76 9.63 -15.42 -8.24
N LEU H 77 10.67 -15.86 -8.95
CA LEU H 77 11.98 -15.25 -8.84
C LEU H 77 11.99 -13.81 -9.35
N ILE H 78 11.34 -13.56 -10.49
CA ILE H 78 11.32 -12.20 -11.02
C ILE H 78 10.45 -11.29 -10.17
N ASN H 79 9.31 -11.79 -9.70
CA ASN H 79 8.48 -11.03 -8.78
C ASN H 79 9.24 -10.69 -7.51
N LYS H 80 10.24 -11.50 -7.17
CA LYS H 80 11.04 -11.28 -5.94
C LYS H 80 12.17 -10.28 -6.20
N ALA H 81 12.85 -10.33 -7.34
CA ALA H 81 14.07 -9.51 -7.58
C ALA H 81 13.91 -8.39 -8.62
N VAL H 82 12.71 -8.04 -9.10
CA VAL H 82 12.61 -7.00 -10.14
C VAL H 82 13.14 -5.66 -9.65
N ASN H 83 12.82 -5.28 -8.41
CA ASN H 83 13.30 -3.98 -7.93
C ASN H 83 14.80 -3.99 -7.69
N ALA H 84 15.37 -5.17 -7.41
CA ALA H 84 16.83 -5.27 -7.34
C ALA H 84 17.46 -5.11 -8.71
N LEU H 85 16.78 -5.55 -9.77
CA LEU H 85 17.35 -5.48 -11.11
C LEU H 85 17.16 -4.13 -11.79
N ILE H 86 15.97 -3.53 -11.69
CA ILE H 86 15.59 -2.37 -12.51
C ILE H 86 14.96 -1.29 -11.64
N ASN H 87 14.80 -0.12 -12.25
CA ASN H 87 14.06 1.01 -11.68
C ASN H 87 12.67 0.99 -12.30
N ASP H 88 11.68 0.56 -11.53
CA ASP H 88 10.30 0.55 -12.03
C ASP H 88 9.76 1.96 -12.27
N GLN H 89 10.30 2.96 -11.58
CA GLN H 89 9.86 4.32 -11.80
C GLN H 89 10.39 4.91 -13.10
N LEU H 90 11.45 4.33 -13.67
CA LEU H 90 11.82 4.68 -15.04
C LEU H 90 10.75 4.21 -16.02
N ILE H 91 10.21 3.01 -15.79
CA ILE H 91 9.08 2.53 -16.58
C ILE H 91 7.88 3.44 -16.37
N MET H 92 7.69 3.91 -15.13
CA MET H 92 6.60 4.85 -14.85
C MET H 92 6.79 6.14 -15.62
N LYS H 93 8.02 6.65 -15.68
CA LYS H 93 8.30 7.86 -16.45
C LYS H 93 7.97 7.65 -17.93
N ASN H 94 8.36 6.50 -18.47
CA ASN H 94 8.11 6.26 -19.89
C ASN H 94 6.62 6.10 -20.16
N HIS H 95 5.88 5.48 -19.25
CA HIS H 95 4.43 5.39 -19.41
C HIS H 95 3.77 6.77 -19.30
N LEU H 96 4.25 7.60 -18.37
CA LEU H 96 3.71 8.95 -18.23
C LEU H 96 3.97 9.77 -19.49
N ARG H 97 5.16 9.62 -20.08
CA ARG H 97 5.44 10.29 -21.35
C ARG H 97 4.60 9.73 -22.48
N ASP H 98 4.28 8.44 -22.44
CA ASP H 98 3.45 7.83 -23.47
C ASP H 98 2.05 8.42 -23.43
N ILE H 99 1.45 8.50 -22.25
CA ILE H 99 0.08 8.98 -22.16
C ILE H 99 -0.02 10.49 -22.40
N MET H 100 1.08 11.22 -22.25
CA MET H 100 1.10 12.67 -22.47
C MET H 100 1.47 13.06 -23.91
N CYS H 101 1.60 12.09 -24.82
CA CYS H 101 2.00 12.34 -26.21
C CYS H 101 3.36 13.02 -26.27
N ILE H 102 4.26 12.59 -25.39
CA ILE H 102 5.67 12.96 -25.43
C ILE H 102 6.38 11.73 -25.98
N PRO H 103 7.50 11.84 -26.71
CA PRO H 103 8.25 10.63 -27.07
C PRO H 103 8.75 9.90 -25.84
N TYR H 104 8.74 8.57 -25.93
CA TYR H 104 9.07 7.71 -24.81
C TYR H 104 9.89 6.53 -25.31
N CYS H 105 10.52 5.84 -24.37
CA CYS H 105 11.32 4.64 -24.65
C CYS H 105 10.47 3.41 -24.37
N ASN H 106 10.32 2.56 -25.37
CA ASN H 106 9.63 1.25 -25.27
C ASN H 106 10.69 0.14 -25.12
N TYR H 107 11.90 0.48 -24.69
CA TYR H 107 12.95 -0.45 -24.28
C TYR H 107 13.44 -1.37 -25.39
N SER H 108 13.09 -1.09 -26.65
CA SER H 108 13.44 -1.95 -27.76
C SER H 108 14.75 -1.51 -28.43
N LYS H 109 14.80 -0.28 -28.92
CA LYS H 109 15.88 0.23 -29.73
C LYS H 109 16.72 1.22 -28.93
N TYR H 110 18.05 1.15 -29.12
CA TYR H 110 19.00 2.00 -28.45
C TYR H 110 20.01 2.48 -29.48
N TRP H 111 20.70 3.58 -29.16
CA TRP H 111 21.74 4.14 -30.03
C TRP H 111 22.96 4.51 -29.21
N TYR H 112 24.12 4.43 -29.84
CA TYR H 112 25.38 4.80 -29.23
C TYR H 112 26.31 5.34 -30.30
N LEU H 113 27.29 6.12 -29.86
CA LEU H 113 28.39 6.55 -30.72
C LEU H 113 29.52 5.53 -30.64
N ASN H 114 30.26 5.40 -31.74
CA ASN H 114 31.35 4.44 -31.84
C ASN H 114 32.51 5.13 -32.54
N HIS H 115 33.64 5.22 -31.85
CA HIS H 115 34.85 5.77 -32.48
C HIS H 115 35.32 4.79 -33.54
N THR H 116 35.60 5.31 -34.74
CA THR H 116 35.88 4.44 -35.88
C THR H 116 37.19 3.67 -35.69
N THR H 117 38.25 4.36 -35.30
CA THR H 117 39.57 3.71 -35.22
C THR H 117 39.76 2.98 -33.91
N THR H 118 39.58 3.67 -32.78
CA THR H 118 39.82 3.07 -31.48
C THR H 118 38.74 2.07 -31.07
N GLY H 119 37.52 2.20 -31.60
CA GLY H 119 36.43 1.33 -31.23
C GLY H 119 35.77 1.64 -29.91
N ARG H 120 36.19 2.71 -29.22
CA ARG H 120 35.56 3.08 -27.97
C ARG H 120 34.14 3.57 -28.24
N THR H 121 33.20 3.16 -27.38
CA THR H 121 31.78 3.45 -27.54
C THR H 121 31.23 4.08 -26.27
N SER H 122 30.15 4.82 -26.43
CA SER H 122 29.42 5.41 -25.32
C SER H 122 28.37 4.45 -24.79
N LEU H 123 27.78 4.80 -23.66
CA LEU H 123 26.69 4.02 -23.11
C LEU H 123 25.48 4.16 -24.05
N PRO H 124 24.87 3.06 -24.50
CA PRO H 124 23.68 3.21 -25.37
C PRO H 124 22.52 3.88 -24.65
N LYS H 125 22.01 4.95 -25.26
CA LYS H 125 20.79 5.62 -24.83
C LYS H 125 19.64 5.15 -25.72
N CYS H 126 18.42 5.25 -25.18
CA CYS H 126 17.27 4.66 -25.84
C CYS H 126 16.77 5.54 -26.97
N TRP H 127 16.40 4.90 -28.08
CA TRP H 127 15.75 5.55 -29.20
C TRP H 127 14.27 5.71 -28.87
N LEU H 128 13.80 6.94 -28.74
CA LEU H 128 12.44 7.18 -28.31
C LEU H 128 11.46 6.94 -29.45
N VAL H 129 10.24 6.55 -29.09
CA VAL H 129 9.17 6.24 -30.02
C VAL H 129 7.95 7.06 -29.63
N SER H 130 7.08 7.33 -30.60
CA SER H 130 5.86 8.09 -30.36
C SER H 130 4.79 7.61 -31.32
N ASN H 131 3.78 6.91 -30.79
CA ASN H 131 2.65 6.43 -31.58
C ASN H 131 3.11 5.46 -32.67
N GLY H 132 4.08 4.62 -32.33
CA GLY H 132 4.55 3.57 -33.21
C GLY H 132 5.62 3.98 -34.20
N SER H 133 5.96 5.26 -34.28
CA SER H 133 6.97 5.78 -35.20
C SER H 133 8.20 6.19 -34.40
N TYR H 134 9.34 5.58 -34.71
CA TYR H 134 10.59 6.00 -34.10
C TYR H 134 10.93 7.42 -34.52
N LEU H 135 11.53 8.17 -33.60
CA LEU H 135 12.01 9.50 -33.94
C LEU H 135 13.16 9.40 -34.93
N ASN H 136 13.19 10.30 -35.91
CA ASN H 136 14.35 10.39 -36.77
C ASN H 136 15.58 10.82 -35.98
N GLU H 137 16.75 10.60 -36.58
CA GLU H 137 17.99 11.07 -35.96
C GLU H 137 18.01 12.58 -35.82
N THR H 138 17.32 13.29 -36.72
CA THR H 138 17.29 14.74 -36.66
C THR H 138 16.54 15.27 -35.44
N HIS H 139 15.64 14.47 -34.85
CA HIS H 139 14.87 14.95 -33.72
C HIS H 139 15.73 15.13 -32.46
N PHE H 140 16.81 14.34 -32.34
CA PHE H 140 17.69 14.37 -31.17
C PHE H 140 19.15 14.43 -31.60
N SER H 141 19.42 15.14 -32.69
CA SER H 141 20.80 15.28 -33.16
C SER H 141 21.67 16.04 -32.18
N ASP H 142 21.10 17.01 -31.47
CA ASP H 142 21.90 17.75 -30.49
C ASP H 142 22.27 16.88 -29.30
N ASP H 143 21.43 15.91 -28.95
CA ASP H 143 21.80 14.93 -27.93
C ASP H 143 23.00 14.11 -28.39
N ILE H 144 23.02 13.71 -29.66
CA ILE H 144 24.15 12.96 -30.19
C ILE H 144 25.41 13.81 -30.18
N GLU H 145 25.27 15.10 -30.53
CA GLU H 145 26.40 16.00 -30.50
C GLU H 145 26.96 16.16 -29.09
N GLN H 146 26.07 16.28 -28.10
CA GLN H 146 26.51 16.38 -26.72
C GLN H 146 27.20 15.10 -26.26
N GLN H 147 26.69 13.95 -26.70
CA GLN H 147 27.34 12.68 -26.36
C GLN H 147 28.73 12.60 -26.97
N ALA H 148 28.89 13.05 -28.21
CA ALA H 148 30.21 13.07 -28.85
C ALA H 148 31.15 14.01 -28.11
N ASP H 149 30.65 15.18 -27.68
CA ASP H 149 31.48 16.09 -26.91
C ASP H 149 31.89 15.47 -25.58
N ASN H 150 30.99 14.72 -24.94
CA ASN H 150 31.34 14.00 -23.72
C ASN H 150 32.42 12.97 -23.97
N MET H 151 32.33 12.26 -25.10
CA MET H 151 33.36 11.27 -25.43
C MET H 151 34.71 11.92 -25.66
N ILE H 152 34.74 13.06 -26.34
CA ILE H 152 36.01 13.75 -26.55
C ILE H 152 36.54 14.29 -25.23
N THR H 153 35.65 14.69 -24.31
CA THR H 153 36.09 15.22 -23.03
C THR H 153 36.82 14.15 -22.21
N GLU H 154 36.32 12.92 -22.22
CA GLU H 154 36.95 11.82 -21.51
C GLU H 154 38.08 11.20 -22.35
#